data_5K8B
#
_entry.id   5K8B
#
_cell.length_a   266.628
_cell.length_b   61.675
_cell.length_c   99.636
_cell.angle_alpha   90.00
_cell.angle_beta   102.03
_cell.angle_gamma   90.00
#
_symmetry.space_group_name_H-M   'C 1 2 1'
#
loop_
_entity.id
_entity.type
_entity.pdbx_description
1 polymer '8-amino-3,8-dideoxy-alpha-D-manno-octulosonate transaminase'
2 non-polymer 'N-({3-HYDROXY-2-METHYL-5-[(PHOSPHONOOXY)METHYL]PYRIDIN-4-YL}METHYL)-D-GLUTAMIC ACID'
3 non-polymer 'CHLORIDE ION'
4 non-polymer 'SODIUM ION'
5 water water
#
_entity_poly.entity_id   1
_entity_poly.type   'polypeptide(L)'
_entity_poly.pdbx_seq_one_letter_code
;MPGFELFGPEEKQEVADVMEHGFTFRYNFDHMRNDRWKTRDMEQLLCEKMNVKHAHLLSSGTAALQTAMMAAGIGAGDEV
IVPPFTFVASVEAIFMAGAVPIFAEIDETLCLSPEGIEAVITPRTKAINLVHMCGSMAKMDEIKAICKKHNLVLLEDACQ
AIGGSYKGQALGTIGDVGCYSFDSVKTITCGEGGAVITNNTEIYDNAHMFSDHGHDHIGKDRGAESHPIMGLNFRISEMN
AALGLAQLRKLDTIIDIQRKNKKAIKDAMASIPEVSFREIPDPEGDSAGFLSFMLPTEARTQEISKKLAANGVDGCFYWY
VNNWHYLKNWKHIQELKAPAALPITLIADRPDYTQISVPKSDAIMSRTISMLIKLSWTDAQIAERIENIKKAFAQLEHHH
HHH
;
_entity_poly.pdbx_strand_id   A,B,C,D
#
# COMPACT_ATOMS: atom_id res chain seq x y z
N PRO A 2 -24.72 33.42 7.20
CA PRO A 2 -23.39 33.46 7.82
C PRO A 2 -23.04 34.82 8.46
N GLY A 3 -22.13 34.73 9.42
CA GLY A 3 -21.73 35.87 10.24
C GLY A 3 -21.34 37.13 9.48
N PHE A 4 -20.83 36.94 8.26
CA PHE A 4 -20.34 38.07 7.47
C PHE A 4 -21.47 39.00 7.14
N GLU A 5 -22.70 38.50 7.22
CA GLU A 5 -23.88 39.31 6.85
C GLU A 5 -24.14 40.36 7.92
N LEU A 6 -23.62 40.19 9.14
CA LEU A 6 -23.83 41.21 10.17
C LEU A 6 -22.60 42.09 10.39
N PHE A 7 -21.68 42.11 9.43
CA PHE A 7 -20.50 43.01 9.47
C PHE A 7 -20.94 44.45 9.65
N GLY A 8 -20.52 45.04 10.76
CA GLY A 8 -20.84 46.43 11.00
C GLY A 8 -19.70 47.16 11.69
N PRO A 9 -20.07 48.21 12.45
CA PRO A 9 -19.05 48.91 13.20
C PRO A 9 -18.37 48.06 14.25
N GLU A 10 -19.03 47.07 14.83
CA GLU A 10 -18.31 46.32 15.87
C GLU A 10 -17.00 45.66 15.40
N GLU A 11 -17.04 45.15 14.17
CA GLU A 11 -15.97 44.34 13.64
C GLU A 11 -14.85 45.29 13.27
N LYS A 12 -15.19 46.34 12.56
CA LYS A 12 -14.25 47.37 12.14
C LYS A 12 -13.50 47.93 13.34
N GLN A 13 -14.27 48.25 14.37
CA GLN A 13 -13.71 48.81 15.59
C GLN A 13 -12.78 47.86 16.32
N GLU A 14 -13.17 46.59 16.37
CA GLU A 14 -12.42 45.63 17.13
C GLU A 14 -11.03 45.39 16.51
N VAL A 15 -10.98 45.28 15.18
CA VAL A 15 -9.76 45.14 14.42
C VAL A 15 -8.90 46.39 14.43
N ALA A 16 -9.50 47.57 14.21
CA ALA A 16 -8.79 48.83 14.39
C ALA A 16 -8.18 48.99 15.78
N ASP A 17 -8.80 48.46 16.82
CA ASP A 17 -8.16 48.49 18.15
C ASP A 17 -6.78 47.77 18.25
N VAL A 18 -6.60 46.69 17.49
CA VAL A 18 -5.35 45.93 17.45
C VAL A 18 -4.29 46.82 16.80
N MET A 19 -4.73 47.49 15.76
CA MET A 19 -3.86 48.35 15.01
C MET A 19 -3.50 49.64 15.74
N GLU A 20 -4.41 50.18 16.56
CA GLU A 20 -4.25 51.46 17.22
C GLU A 20 -3.54 51.35 18.57
N HIS A 21 -3.89 50.34 19.36
CA HIS A 21 -3.33 50.19 20.70
C HIS A 21 -2.70 48.85 20.98
N GLY A 22 -3.01 47.85 20.15
CA GLY A 22 -2.62 46.46 20.42
C GLY A 22 -1.33 46.01 19.79
N PHE A 23 -1.15 44.70 19.62
CA PHE A 23 -0.09 44.12 18.83
C PHE A 23 -0.61 42.91 18.04
N THR A 24 0.17 42.47 17.06
CA THR A 24 -0.34 41.54 16.07
C THR A 24 -0.20 40.10 16.52
N PHE A 25 0.68 39.90 17.48
CA PHE A 25 1.00 38.57 17.97
C PHE A 25 0.15 38.32 19.21
N ARG A 26 -0.33 37.08 19.35
CA ARG A 26 -1.26 36.72 20.40
C ARG A 26 -0.57 36.56 21.75
N TYR A 27 0.76 36.38 21.77
CA TYR A 27 1.43 36.29 23.06
C TYR A 27 2.39 37.45 23.39
N ASN A 28 2.76 37.55 24.67
CA ASN A 28 3.90 38.43 25.05
C ASN A 28 3.66 39.89 24.67
N PHE A 29 4.72 40.67 24.58
CA PHE A 29 4.62 42.08 24.30
C PHE A 29 3.72 42.82 25.27
N ASP A 30 3.76 42.40 26.52
CA ASP A 30 2.95 43.05 27.52
C ASP A 30 3.13 44.56 27.52
N HIS A 31 4.35 45.01 27.81
CA HIS A 31 4.74 46.42 27.76
C HIS A 31 3.94 47.21 26.71
N MET A 32 3.89 46.75 25.48
CA MET A 32 3.43 47.65 24.40
C MET A 32 2.11 47.30 23.69
N ARG A 33 1.43 46.25 24.12
CA ARG A 33 0.12 45.93 23.59
C ARG A 33 -1.04 46.63 24.30
N ASN A 34 -0.75 47.41 25.35
CA ASN A 34 -1.75 48.16 26.16
C ASN A 34 -2.95 47.32 26.65
N ASP A 35 -2.67 46.15 27.19
CA ASP A 35 -3.67 45.22 27.70
C ASP A 35 -4.74 44.76 26.65
N ARG A 36 -4.38 44.76 25.35
CA ARG A 36 -5.23 44.27 24.28
C ARG A 36 -4.75 42.85 23.99
N TRP A 37 -5.48 41.88 24.53
CA TRP A 37 -5.32 40.46 24.24
C TRP A 37 -6.57 39.85 23.57
N LYS A 38 -6.70 40.07 22.26
CA LYS A 38 -7.93 39.70 21.59
C LYS A 38 -8.11 38.18 21.56
N THR A 39 -7.03 37.46 21.29
CA THR A 39 -7.07 35.99 21.15
C THR A 39 -7.51 35.43 22.47
N ARG A 40 -6.80 35.87 23.50
CA ARG A 40 -7.12 35.54 24.91
C ARG A 40 -8.58 35.81 25.33
N ASP A 41 -9.06 37.00 24.94
CA ASP A 41 -10.43 37.37 25.16
C ASP A 41 -11.43 36.52 24.38
N MET A 42 -11.08 36.12 23.16
CA MET A 42 -11.99 35.25 22.42
C MET A 42 -12.06 33.92 23.14
N GLU A 43 -10.94 33.42 23.62
CA GLU A 43 -10.94 32.08 24.17
C GLU A 43 -11.76 32.08 25.46
N GLN A 44 -11.65 33.16 26.23
CA GLN A 44 -12.37 33.20 27.49
C GLN A 44 -13.87 33.35 27.19
N LEU A 45 -14.24 34.20 26.23
CA LEU A 45 -15.64 34.30 25.85
C LEU A 45 -16.15 32.95 25.36
N LEU A 46 -15.37 32.18 24.61
CA LEU A 46 -15.82 30.83 24.26
C LEU A 46 -16.07 29.97 25.51
N CYS A 47 -15.09 29.91 26.40
CA CYS A 47 -15.28 29.12 27.59
C CYS A 47 -16.58 29.48 28.35
N GLU A 48 -16.89 30.77 28.43
CA GLU A 48 -18.02 31.28 29.20
C GLU A 48 -19.33 31.04 28.44
N LYS A 49 -19.41 31.36 27.16
CA LYS A 49 -20.63 31.08 26.41
C LYS A 49 -20.92 29.59 26.26
N MET A 50 -19.92 28.74 26.09
CA MET A 50 -20.16 27.35 25.77
C MET A 50 -20.09 26.50 27.01
N ASN A 51 -19.83 27.11 28.14
CA ASN A 51 -19.62 26.42 29.41
C ASN A 51 -18.65 25.23 29.36
N VAL A 52 -17.47 25.49 28.84
CA VAL A 52 -16.36 24.52 28.75
C VAL A 52 -15.21 25.16 29.52
N LYS A 53 -14.37 24.31 30.07
CA LYS A 53 -13.19 24.70 30.85
C LYS A 53 -12.15 25.39 29.92
N HIS A 54 -11.89 24.83 28.74
CA HIS A 54 -10.83 25.35 27.87
C HIS A 54 -11.20 25.59 26.40
N ALA A 55 -10.57 26.62 25.84
CA ALA A 55 -10.72 26.96 24.44
C ALA A 55 -9.40 27.50 23.94
N HIS A 56 -8.96 26.96 22.83
CA HIS A 56 -7.75 27.40 22.23
C HIS A 56 -8.00 27.83 20.79
N LEU A 57 -7.81 29.10 20.50
CA LEU A 57 -8.04 29.65 19.18
C LEU A 57 -6.79 29.47 18.35
N LEU A 58 -6.95 29.18 17.07
CA LEU A 58 -5.86 28.91 16.16
C LEU A 58 -6.28 29.15 14.70
N SER A 59 -5.44 28.80 13.75
CA SER A 59 -5.48 29.41 12.39
C SER A 59 -6.67 29.04 11.49
N SER A 60 -7.26 27.88 11.70
CA SER A 60 -8.43 27.41 10.93
C SER A 60 -9.08 26.25 11.68
N GLY A 61 -10.27 25.95 11.18
CA GLY A 61 -11.05 24.77 11.58
C GLY A 61 -10.30 23.49 11.24
N THR A 62 -9.65 23.47 10.08
CA THR A 62 -8.83 22.35 9.69
C THR A 62 -7.65 22.14 10.63
N ALA A 63 -6.97 23.26 10.92
CA ALA A 63 -5.91 23.21 11.92
C ALA A 63 -6.39 22.80 13.30
N ALA A 64 -7.62 23.18 13.61
CA ALA A 64 -8.31 22.66 14.79
C ALA A 64 -8.41 21.15 14.93
N LEU A 65 -8.85 20.52 13.83
CA LEU A 65 -9.00 19.10 13.77
C LEU A 65 -7.65 18.45 13.89
N GLN A 66 -6.63 18.98 13.21
CA GLN A 66 -5.29 18.35 13.27
C GLN A 66 -4.72 18.45 14.66
N THR A 67 -4.95 19.62 15.26
CA THR A 67 -4.52 19.90 16.64
C THR A 67 -5.33 19.10 17.66
N ALA A 68 -6.66 19.06 17.51
CA ALA A 68 -7.47 18.26 18.44
C ALA A 68 -7.07 16.79 18.44
N MET A 69 -6.87 16.23 17.24
CA MET A 69 -6.46 14.85 17.13
C MET A 69 -5.13 14.56 17.83
N MET A 70 -4.13 15.39 17.58
CA MET A 70 -2.83 15.22 18.22
C MET A 70 -2.96 15.40 19.70
N ALA A 71 -3.69 16.44 20.07
CA ALA A 71 -3.88 16.73 21.51
C ALA A 71 -4.59 15.59 22.30
N ALA A 72 -5.41 14.82 21.59
CA ALA A 72 -6.21 13.77 22.19
C ALA A 72 -5.50 12.40 22.12
N GLY A 73 -4.29 12.34 21.58
CA GLY A 73 -3.56 11.08 21.47
C GLY A 73 -3.89 10.32 20.21
N ILE A 74 -4.50 10.96 19.22
CA ILE A 74 -4.84 10.37 17.93
C ILE A 74 -3.80 10.71 16.87
N GLY A 75 -3.13 9.66 16.45
CA GLY A 75 -1.90 9.78 15.69
C GLY A 75 -1.73 8.74 14.60
N ALA A 76 -0.52 8.74 14.05
CA ALA A 76 -0.03 7.86 13.01
C ALA A 76 -0.43 6.42 13.26
N GLY A 77 -1.02 5.78 12.24
CA GLY A 77 -1.51 4.41 12.37
C GLY A 77 -2.86 4.18 13.05
N ASP A 78 -3.45 5.18 13.69
CA ASP A 78 -4.70 4.92 14.43
C ASP A 78 -5.88 4.91 13.45
N GLU A 79 -6.83 4.00 13.66
CA GLU A 79 -8.11 4.09 12.96
C GLU A 79 -9.08 5.09 13.58
N VAL A 80 -9.61 5.95 12.72
CA VAL A 80 -10.53 6.99 13.10
C VAL A 80 -11.81 6.88 12.25
N ILE A 81 -12.92 6.61 12.90
CA ILE A 81 -14.19 6.54 12.21
C ILE A 81 -14.62 7.96 11.80
N VAL A 82 -15.04 8.09 10.54
CA VAL A 82 -15.45 9.38 9.96
C VAL A 82 -16.62 9.14 9.01
N PRO A 83 -17.53 10.13 8.85
CA PRO A 83 -18.62 9.90 7.91
C PRO A 83 -18.26 10.26 6.48
N PRO A 84 -19.08 9.82 5.52
CA PRO A 84 -18.80 10.14 4.15
C PRO A 84 -19.52 11.39 3.74
N PHE A 85 -20.36 11.94 4.61
CA PHE A 85 -20.99 13.24 4.34
C PHE A 85 -20.34 14.17 5.33
N THR A 86 -19.39 14.96 4.85
CA THR A 86 -18.75 15.98 5.67
C THR A 86 -17.93 16.83 4.73
N PHE A 87 -17.34 17.91 5.20
CA PHE A 87 -16.43 18.66 4.31
C PHE A 87 -15.10 17.89 4.24
N VAL A 88 -14.44 17.99 3.10
CA VAL A 88 -13.21 17.25 2.82
C VAL A 88 -12.18 17.30 3.94
N ALA A 89 -12.16 18.40 4.71
CA ALA A 89 -11.12 18.64 5.69
C ALA A 89 -11.11 17.56 6.72
N SER A 90 -12.25 16.93 6.97
CA SER A 90 -12.39 15.87 7.97
C SER A 90 -11.49 14.70 7.72
N VAL A 91 -11.47 14.33 6.43
CA VAL A 91 -10.68 13.22 5.93
C VAL A 91 -9.24 13.65 5.69
N GLU A 92 -9.02 14.87 5.18
CA GLU A 92 -7.65 15.33 4.97
C GLU A 92 -6.88 15.35 6.29
N ALA A 93 -7.49 15.86 7.35
CA ALA A 93 -6.75 15.93 8.60
C ALA A 93 -6.36 14.54 9.13
N ILE A 94 -7.22 13.55 8.97
CA ILE A 94 -6.90 12.18 9.40
C ILE A 94 -5.67 11.66 8.63
N PHE A 95 -5.71 11.82 7.31
CA PHE A 95 -4.61 11.36 6.46
C PHE A 95 -3.30 12.03 6.74
N MET A 96 -3.35 13.34 6.95
CA MET A 96 -2.13 14.10 7.22
C MET A 96 -1.53 13.75 8.55
N ALA A 97 -2.38 13.27 9.45
CA ALA A 97 -1.92 12.80 10.74
C ALA A 97 -1.15 11.48 10.69
N GLY A 98 -1.23 10.84 9.52
CA GLY A 98 -0.79 9.48 9.36
C GLY A 98 -1.79 8.46 9.88
N ALA A 99 -3.03 8.90 10.10
CA ALA A 99 -4.04 8.04 10.63
C ALA A 99 -4.85 7.51 9.46
N VAL A 100 -5.73 6.55 9.77
CA VAL A 100 -6.47 5.76 8.81
C VAL A 100 -7.97 6.04 8.93
N PRO A 101 -8.55 6.78 7.97
CA PRO A 101 -10.00 6.99 8.03
C PRO A 101 -10.73 5.69 7.80
N ILE A 102 -11.73 5.44 8.62
CA ILE A 102 -12.64 4.31 8.48
C ILE A 102 -14.06 4.90 8.32
N PHE A 103 -14.63 4.78 7.12
CA PHE A 103 -15.96 5.32 6.90
C PHE A 103 -17.04 4.47 7.58
N ALA A 104 -17.94 5.17 8.26
CA ALA A 104 -19.15 4.60 8.87
C ALA A 104 -20.39 5.32 8.35
N GLU A 105 -21.55 4.69 8.52
CA GLU A 105 -22.76 5.10 7.81
C GLU A 105 -23.33 6.27 8.56
N ILE A 106 -23.86 7.25 7.83
CA ILE A 106 -24.81 8.20 8.43
C ILE A 106 -26.22 7.67 8.60
N ASP A 107 -27.02 8.28 9.49
CA ASP A 107 -28.46 8.01 9.54
C ASP A 107 -29.25 9.29 9.16
N GLU A 108 -30.54 9.34 9.52
CA GLU A 108 -31.47 10.32 8.99
C GLU A 108 -31.18 11.67 9.70
N THR A 109 -30.30 11.67 10.70
CA THR A 109 -29.79 12.90 11.31
C THR A 109 -28.73 13.60 10.46
N LEU A 110 -28.26 12.87 9.43
CA LEU A 110 -27.22 13.28 8.49
C LEU A 110 -25.81 13.22 9.09
N CYS A 111 -25.67 12.58 10.24
CA CYS A 111 -24.46 12.48 11.03
C CYS A 111 -24.22 11.01 11.32
N LEU A 112 -23.06 10.63 11.85
CA LEU A 112 -22.78 9.22 12.05
C LEU A 112 -23.89 8.52 12.82
N SER A 113 -24.23 7.32 12.38
CA SER A 113 -25.22 6.48 13.04
C SER A 113 -24.53 5.64 14.11
N PRO A 114 -25.17 5.47 15.29
CA PRO A 114 -24.65 4.56 16.33
C PRO A 114 -24.31 3.18 15.76
N GLU A 115 -25.24 2.60 15.02
CA GLU A 115 -25.07 1.21 14.54
C GLU A 115 -23.98 1.17 13.48
N GLY A 116 -23.99 2.19 12.63
CA GLY A 116 -22.92 2.37 11.65
C GLY A 116 -21.52 2.32 12.22
N ILE A 117 -21.31 3.10 13.28
CA ILE A 117 -20.09 3.11 14.07
C ILE A 117 -19.82 1.72 14.67
N GLU A 118 -20.81 1.10 15.30
CA GLU A 118 -20.70 -0.22 15.94
CA GLU A 118 -20.58 -0.19 15.96
C GLU A 118 -20.10 -1.21 14.93
N ALA A 119 -20.61 -1.15 13.69
CA ALA A 119 -20.27 -2.12 12.64
C ALA A 119 -18.85 -2.06 12.12
N VAL A 120 -18.24 -0.88 12.15
CA VAL A 120 -16.85 -0.76 11.73
C VAL A 120 -15.83 -0.59 12.87
N ILE A 121 -16.24 -0.69 14.13
CA ILE A 121 -15.27 -0.69 15.23
C ILE A 121 -14.42 -1.97 15.10
N THR A 122 -13.09 -1.79 15.04
CA THR A 122 -12.10 -2.87 15.20
C THR A 122 -11.28 -2.57 16.48
N PRO A 123 -10.34 -3.47 16.84
CA PRO A 123 -9.31 -3.11 17.82
C PRO A 123 -8.32 -2.00 17.41
N ARG A 124 -8.06 -1.72 16.13
CA ARG A 124 -7.22 -0.58 15.70
C ARG A 124 -7.91 0.77 15.96
N THR A 125 -9.22 0.74 16.24
CA THR A 125 -10.03 1.94 16.34
C THR A 125 -9.64 2.68 17.61
N LYS A 126 -9.28 3.94 17.39
CA LYS A 126 -8.92 4.84 18.46
C LYS A 126 -9.94 5.95 18.70
N ALA A 127 -10.60 6.40 17.64
CA ALA A 127 -11.46 7.59 17.79
C ALA A 127 -12.64 7.57 16.90
N ILE A 128 -13.66 8.29 17.32
CA ILE A 128 -14.74 8.67 16.43
C ILE A 128 -14.65 10.18 16.16
N ASN A 129 -14.62 10.50 14.86
CA ASN A 129 -14.67 11.85 14.33
C ASN A 129 -16.12 12.16 13.94
N LEU A 130 -16.87 12.70 14.88
CA LEU A 130 -18.28 13.01 14.67
C LEU A 130 -18.46 14.38 14.12
N VAL A 131 -19.25 14.55 13.08
CA VAL A 131 -19.45 15.85 12.46
C VAL A 131 -20.90 16.22 12.66
N HIS A 132 -21.16 17.40 13.21
CA HIS A 132 -22.50 17.96 13.35
C HIS A 132 -22.79 18.75 12.08
N MET A 133 -23.23 18.01 11.06
CA MET A 133 -23.35 18.56 9.71
C MET A 133 -24.55 19.48 9.57
N CYS A 134 -24.40 20.54 8.79
CA CYS A 134 -25.50 21.43 8.46
C CYS A 134 -26.26 21.89 9.70
N GLY A 135 -25.51 22.10 10.80
CA GLY A 135 -26.00 22.94 11.88
C GLY A 135 -26.82 22.18 12.86
N SER A 136 -26.90 20.86 12.69
CA SER A 136 -27.58 20.04 13.68
C SER A 136 -26.75 18.80 14.00
N MET A 137 -27.30 17.92 14.84
CA MET A 137 -26.54 16.97 15.64
C MET A 137 -26.98 15.53 15.48
N ALA A 138 -26.10 14.66 15.99
CA ALA A 138 -26.30 13.21 15.97
C ALA A 138 -26.97 12.68 17.23
N LYS A 139 -27.18 11.38 17.27
CA LYS A 139 -27.74 10.72 18.44
C LYS A 139 -26.63 10.59 19.48
N MET A 140 -26.42 11.68 20.21
CA MET A 140 -25.19 11.82 21.02
C MET A 140 -25.13 10.88 22.22
N ASP A 141 -26.22 10.64 22.95
CA ASP A 141 -26.14 9.75 24.12
C ASP A 141 -25.71 8.37 23.71
N GLU A 142 -26.20 7.90 22.57
CA GLU A 142 -25.85 6.56 22.09
C GLU A 142 -24.40 6.46 21.61
N ILE A 143 -23.94 7.52 20.94
CA ILE A 143 -22.57 7.57 20.48
C ILE A 143 -21.63 7.71 21.68
N LYS A 144 -21.95 8.57 22.65
CA LYS A 144 -21.14 8.68 23.88
C LYS A 144 -20.93 7.30 24.53
N ALA A 145 -22.03 6.55 24.60
CA ALA A 145 -22.05 5.22 25.24
C ALA A 145 -21.22 4.19 24.49
N ILE A 146 -21.28 4.24 23.17
CA ILE A 146 -20.38 3.42 22.36
C ILE A 146 -18.91 3.77 22.66
N CYS A 147 -18.57 5.06 22.65
CA CYS A 147 -17.19 5.45 22.92
C CYS A 147 -16.75 5.04 24.33
N LYS A 148 -17.62 5.15 25.33
CA LYS A 148 -17.27 4.73 26.70
C LYS A 148 -17.08 3.21 26.79
N LYS A 149 -17.97 2.44 26.17
CA LYS A 149 -17.92 0.98 26.18
C LYS A 149 -16.68 0.42 25.47
N HIS A 150 -16.30 1.04 24.36
CA HIS A 150 -15.10 0.64 23.60
C HIS A 150 -13.84 1.44 23.87
N ASN A 151 -13.89 2.35 24.84
CA ASN A 151 -12.72 3.16 25.12
C ASN A 151 -12.15 4.04 23.99
N LEU A 152 -13.04 4.77 23.34
CA LEU A 152 -12.67 5.50 22.14
C LEU A 152 -12.74 6.97 22.48
N VAL A 153 -11.82 7.72 21.91
CA VAL A 153 -11.91 9.16 22.00
C VAL A 153 -13.06 9.66 21.12
N LEU A 154 -13.85 10.58 21.68
CA LEU A 154 -14.91 11.18 20.90
C LEU A 154 -14.52 12.61 20.56
N LEU A 155 -14.29 12.80 19.27
CA LEU A 155 -14.01 14.14 18.74
C LEU A 155 -15.24 14.67 18.01
N GLU A 156 -15.63 15.88 18.36
CA GLU A 156 -16.76 16.54 17.73
C GLU A 156 -16.26 17.58 16.72
N ASP A 157 -16.65 17.49 15.45
CA ASP A 157 -16.33 18.56 14.51
C ASP A 157 -17.59 19.42 14.50
N ALA A 158 -17.48 20.52 15.23
CA ALA A 158 -18.60 21.46 15.33
C ALA A 158 -18.43 22.67 14.41
N CYS A 159 -17.67 22.50 13.34
CA CYS A 159 -17.29 23.66 12.55
C CYS A 159 -18.46 24.28 11.77
N GLN A 160 -19.55 23.51 11.59
CA GLN A 160 -20.76 23.94 10.92
C GLN A 160 -21.93 23.99 11.86
N ALA A 161 -21.72 24.02 13.16
CA ALA A 161 -22.85 23.96 14.11
C ALA A 161 -22.58 24.63 15.44
N ILE A 162 -21.67 25.59 15.50
CA ILE A 162 -21.51 26.38 16.73
C ILE A 162 -22.85 27.07 17.09
N GLY A 163 -23.14 27.15 18.38
CA GLY A 163 -24.44 27.64 18.89
C GLY A 163 -25.54 26.62 19.00
N GLY A 164 -25.34 25.44 18.43
CA GLY A 164 -26.24 24.30 18.61
C GLY A 164 -25.91 23.59 19.92
N SER A 165 -26.79 22.72 20.40
CA SER A 165 -26.63 22.00 21.64
C SER A 165 -27.40 20.71 21.58
N TYR A 166 -27.11 19.85 22.54
CA TYR A 166 -27.79 18.57 22.68
C TYR A 166 -28.02 18.38 24.16
N LYS A 167 -29.29 18.47 24.52
CA LYS A 167 -29.67 18.34 25.92
C LYS A 167 -28.94 19.26 26.91
N GLY A 168 -28.98 20.56 26.62
CA GLY A 168 -28.28 21.58 27.41
C GLY A 168 -26.75 21.59 27.41
N GLN A 169 -26.14 20.83 26.51
CA GLN A 169 -24.68 20.81 26.38
C GLN A 169 -24.32 21.40 25.02
N ALA A 170 -23.53 22.47 24.94
CA ALA A 170 -23.16 23.02 23.62
C ALA A 170 -22.47 22.00 22.71
N LEU A 171 -22.78 21.96 21.43
CA LEU A 171 -22.08 21.01 20.57
C LEU A 171 -20.58 21.36 20.63
N GLY A 172 -19.72 20.33 20.72
CA GLY A 172 -18.28 20.51 20.81
C GLY A 172 -17.73 20.31 22.20
N THR A 173 -18.65 20.31 23.17
CA THR A 173 -18.32 20.18 24.57
C THR A 173 -18.61 18.81 25.13
N ILE A 174 -19.18 17.95 24.32
CA ILE A 174 -19.76 16.70 24.81
C ILE A 174 -18.74 15.58 24.79
N GLY A 175 -17.95 15.51 23.71
CA GLY A 175 -16.95 14.46 23.56
C GLY A 175 -15.70 14.84 24.36
N ASP A 176 -14.59 14.19 24.06
CA ASP A 176 -13.32 14.57 24.70
C ASP A 176 -12.87 15.91 24.21
N VAL A 177 -13.00 16.12 22.89
CA VAL A 177 -12.51 17.32 22.31
C VAL A 177 -13.40 17.75 21.15
N GLY A 178 -13.51 19.06 20.94
CA GLY A 178 -14.37 19.57 19.85
C GLY A 178 -13.66 20.64 19.08
N CYS A 179 -14.17 20.94 17.90
CA CYS A 179 -13.57 21.91 17.01
C CYS A 179 -14.60 22.83 16.42
N TYR A 180 -14.16 24.06 16.21
CA TYR A 180 -14.97 25.09 15.59
C TYR A 180 -14.21 25.70 14.44
N SER A 181 -14.93 26.31 13.50
CA SER A 181 -14.29 27.06 12.44
C SER A 181 -14.87 28.43 12.44
N PHE A 182 -14.01 29.38 12.11
CA PHE A 182 -14.35 30.79 11.97
C PHE A 182 -13.79 31.25 10.65
N ASP A 183 -13.80 30.36 9.65
CA ASP A 183 -13.56 30.77 8.29
C ASP A 183 -14.61 31.78 7.80
N SER A 184 -14.31 32.47 6.69
CA SER A 184 -15.12 33.58 6.25
C SER A 184 -16.60 33.35 5.97
N VAL A 185 -17.00 32.09 5.78
CA VAL A 185 -18.43 31.73 5.57
C VAL A 185 -19.07 30.94 6.70
N LYS A 186 -18.44 30.85 7.86
CA LYS A 186 -19.14 30.19 8.96
C LYS A 186 -20.12 31.14 9.63
N THR A 187 -20.82 30.59 10.59
CA THR A 187 -21.78 31.26 11.43
C THR A 187 -21.14 32.47 12.06
N ILE A 188 -19.99 32.28 12.71
CA ILE A 188 -19.22 33.44 13.17
C ILE A 188 -17.81 33.36 12.58
N THR A 189 -17.27 34.47 12.06
CA THR A 189 -15.95 34.46 11.40
C THR A 189 -14.81 35.26 12.05
N CYS A 190 -13.59 34.75 11.83
CA CYS A 190 -12.33 35.41 12.10
C CYS A 190 -11.65 35.84 10.78
N GLY A 191 -12.36 35.73 9.65
CA GLY A 191 -11.72 35.72 8.33
C GLY A 191 -11.09 34.36 8.03
N GLU A 192 -10.07 34.03 8.82
CA GLU A 192 -9.70 32.63 9.06
C GLU A 192 -9.42 32.39 10.53
N GLY A 193 -9.89 31.26 11.04
CA GLY A 193 -9.57 30.79 12.37
C GLY A 193 -10.39 29.59 12.71
N GLY A 194 -10.04 29.02 13.85
CA GLY A 194 -10.58 27.79 14.38
C GLY A 194 -10.39 27.75 15.90
N ALA A 195 -11.05 26.83 16.57
CA ALA A 195 -10.74 26.63 17.96
C ALA A 195 -10.81 25.17 18.33
N VAL A 196 -9.96 24.75 19.26
CA VAL A 196 -10.13 23.49 19.95
C VAL A 196 -10.76 23.69 21.30
N ILE A 197 -11.84 22.98 21.64
CA ILE A 197 -12.39 23.17 22.97
C ILE A 197 -12.41 21.86 23.78
N THR A 198 -12.29 21.92 25.09
CA THR A 198 -12.40 20.69 25.90
C THR A 198 -12.49 21.01 27.39
N ASN A 199 -13.06 20.12 28.18
CA ASN A 199 -12.96 20.19 29.63
C ASN A 199 -11.74 19.44 30.16
N ASN A 200 -10.99 18.81 29.25
CA ASN A 200 -9.83 18.03 29.64
C ASN A 200 -8.55 18.89 29.52
N THR A 201 -7.96 19.22 30.67
CA THR A 201 -6.83 20.15 30.75
C THR A 201 -5.58 19.59 30.09
N GLU A 202 -5.34 18.30 30.19
CA GLU A 202 -4.22 17.69 29.50
C GLU A 202 -4.38 17.84 27.97
N ILE A 203 -5.58 17.70 27.43
CA ILE A 203 -5.88 17.92 26.01
C ILE A 203 -5.63 19.38 25.63
N TYR A 204 -6.09 20.31 26.45
CA TYR A 204 -5.92 21.75 26.25
C TYR A 204 -4.44 22.13 26.22
N ASP A 205 -3.68 21.62 27.18
CA ASP A 205 -2.23 21.84 27.27
C ASP A 205 -1.53 21.34 26.00
N ASN A 206 -1.85 20.12 25.60
CA ASN A 206 -1.34 19.59 24.33
C ASN A 206 -1.71 20.45 23.13
N ALA A 207 -2.91 20.99 23.16
CA ALA A 207 -3.41 21.77 22.03
C ALA A 207 -2.65 23.08 21.90
N HIS A 208 -2.53 23.83 22.99
CA HIS A 208 -1.84 25.11 22.92
C HIS A 208 -0.37 24.96 22.65
N MET A 209 0.22 23.89 23.19
CA MET A 209 1.60 23.61 22.89
C MET A 209 1.79 23.21 21.42
N PHE A 210 1.07 22.17 21.00
CA PHE A 210 1.27 21.62 19.66
C PHE A 210 1.08 22.61 18.52
N SER A 211 0.14 23.52 18.69
CA SER A 211 -0.10 24.59 17.68
C SER A 211 0.89 25.77 17.76
N ASP A 212 1.95 25.65 18.56
CA ASP A 212 3.00 26.67 18.68
C ASP A 212 4.34 26.06 19.05
N HIS A 213 4.73 25.04 18.29
CA HIS A 213 6.04 24.44 18.28
C HIS A 213 6.38 23.80 19.60
N GLY A 214 5.40 23.37 20.36
CA GLY A 214 5.61 22.84 21.71
C GLY A 214 5.86 23.87 22.81
N HIS A 215 5.84 25.16 22.51
CA HIS A 215 5.95 26.21 23.51
C HIS A 215 5.03 25.99 24.71
N ASP A 216 5.61 25.87 25.89
CA ASP A 216 4.82 25.75 27.11
C ASP A 216 3.98 26.94 27.49
N HIS A 217 4.30 28.09 26.92
CA HIS A 217 3.63 29.34 27.22
C HIS A 217 3.69 29.76 28.72
N ILE A 218 4.79 29.43 29.40
CA ILE A 218 4.99 29.73 30.82
C ILE A 218 6.01 30.86 30.99
N GLY A 219 5.67 31.85 31.83
CA GLY A 219 6.57 32.97 32.04
C GLY A 219 6.34 34.05 31.02
N LYS A 220 7.24 35.02 31.01
CA LYS A 220 7.08 36.23 30.21
C LYS A 220 8.22 36.42 29.20
N ASP A 221 9.13 35.47 29.16
CA ASP A 221 10.21 35.41 28.18
C ASP A 221 9.95 34.26 27.19
N ARG A 222 9.46 34.65 26.02
CA ARG A 222 9.13 33.68 24.96
C ARG A 222 10.30 32.74 24.71
N GLY A 223 11.45 33.34 24.43
CA GLY A 223 12.72 32.64 24.15
C GLY A 223 13.14 31.66 25.23
N ALA A 224 12.86 31.96 26.49
CA ALA A 224 13.21 31.09 27.64
C ALA A 224 12.31 29.88 27.93
N GLU A 225 11.16 29.83 27.27
CA GLU A 225 10.17 28.78 27.43
C GLU A 225 10.74 27.44 26.96
N SER A 226 10.19 26.38 27.53
CA SER A 226 10.51 25.01 27.19
C SER A 226 9.59 24.45 26.13
N HIS A 227 9.89 23.24 25.68
CA HIS A 227 9.13 22.62 24.60
C HIS A 227 9.08 21.14 24.92
N PRO A 228 8.12 20.74 25.78
CA PRO A 228 8.05 19.35 26.24
C PRO A 228 7.68 18.43 25.09
N ILE A 229 7.06 18.98 24.06
CA ILE A 229 6.75 18.27 22.83
C ILE A 229 7.14 19.10 21.62
N MET A 230 7.27 18.37 20.52
CA MET A 230 7.33 19.01 19.21
C MET A 230 5.97 19.59 18.86
N GLY A 231 5.95 20.43 17.84
CA GLY A 231 4.69 20.93 17.31
C GLY A 231 4.77 21.49 15.89
N LEU A 232 3.93 22.48 15.63
CA LEU A 232 3.71 23.05 14.31
C LEU A 232 3.25 24.50 14.54
N ASN A 233 2.92 25.25 13.49
CA ASN A 233 2.44 26.60 13.70
C ASN A 233 1.05 26.76 13.13
N PHE A 234 0.09 26.89 14.05
CA PHE A 234 -1.24 27.26 13.72
C PHE A 234 -1.69 28.47 14.52
N ARG A 235 -0.76 29.36 14.85
CA ARG A 235 -1.15 30.57 15.59
C ARG A 235 -2.06 31.45 14.77
N ILE A 236 -3.04 32.04 15.41
CA ILE A 236 -3.93 33.01 14.78
C ILE A 236 -3.46 34.40 15.14
N SER A 237 -3.56 35.32 14.18
CA SER A 237 -3.20 36.71 14.43
C SER A 237 -4.18 37.39 15.36
N GLU A 238 -3.73 38.47 16.00
CA GLU A 238 -4.65 39.29 16.76
C GLU A 238 -5.71 39.98 15.92
N MET A 239 -5.45 40.32 14.65
CA MET A 239 -6.53 40.93 13.88
C MET A 239 -7.63 39.89 13.63
N ASN A 240 -7.24 38.66 13.32
CA ASN A 240 -8.22 37.62 13.02
C ASN A 240 -9.06 37.38 14.28
N ALA A 241 -8.40 37.22 15.43
CA ALA A 241 -9.07 37.07 16.71
C ALA A 241 -10.04 38.18 17.07
N ALA A 242 -9.62 39.39 16.78
CA ALA A 242 -10.41 40.58 17.08
C ALA A 242 -11.75 40.53 16.35
N LEU A 243 -11.70 40.19 15.07
CA LEU A 243 -12.90 40.06 14.25
C LEU A 243 -13.82 38.97 14.81
N GLY A 244 -13.23 37.81 15.13
CA GLY A 244 -13.91 36.75 15.87
C GLY A 244 -14.54 37.14 17.20
N LEU A 245 -13.83 37.94 17.98
CA LEU A 245 -14.36 38.47 19.26
C LEU A 245 -15.66 39.29 19.03
N ALA A 246 -15.61 40.22 18.08
CA ALA A 246 -16.79 41.01 17.75
C ALA A 246 -17.92 40.13 17.26
N GLN A 247 -17.59 39.15 16.41
CA GLN A 247 -18.65 38.26 15.96
C GLN A 247 -19.21 37.30 16.97
N LEU A 248 -18.38 36.75 17.84
CA LEU A 248 -18.92 35.85 18.83
C LEU A 248 -19.88 36.55 19.79
N ARG A 249 -19.65 37.84 19.99
CA ARG A 249 -20.58 38.62 20.80
C ARG A 249 -21.97 38.70 20.16
N LYS A 250 -22.06 38.39 18.86
CA LYS A 250 -23.34 38.41 18.18
C LYS A 250 -23.93 37.00 17.98
N LEU A 251 -23.29 35.96 18.51
CA LEU A 251 -23.75 34.62 18.20
C LEU A 251 -25.22 34.40 18.57
N ASP A 252 -25.66 34.86 19.72
CA ASP A 252 -27.05 34.62 20.13
C ASP A 252 -28.07 35.24 19.19
N THR A 253 -27.77 36.44 18.67
CA THR A 253 -28.66 37.12 17.73
C THR A 253 -28.70 36.30 16.44
N ILE A 254 -27.51 35.82 16.06
CA ILE A 254 -27.35 35.04 14.82
C ILE A 254 -28.11 33.75 14.88
N ILE A 255 -27.92 32.92 15.90
CA ILE A 255 -28.74 31.74 16.11
C ILE A 255 -30.26 31.96 16.16
N ASP A 256 -30.67 33.07 16.79
CA ASP A 256 -32.11 33.41 16.86
C ASP A 256 -32.67 33.71 15.48
N ILE A 257 -31.91 34.38 14.63
CA ILE A 257 -32.36 34.74 13.28
C ILE A 257 -32.45 33.45 12.45
N GLN A 258 -31.44 32.60 12.55
CA GLN A 258 -31.47 31.34 11.81
C GLN A 258 -32.69 30.53 12.27
N ARG A 259 -32.91 30.45 13.57
CA ARG A 259 -34.01 29.66 14.08
C ARG A 259 -35.32 30.24 13.53
N LYS A 260 -35.49 31.56 13.58
CA LYS A 260 -36.76 32.20 13.17
C LYS A 260 -36.97 31.93 11.68
N ASN A 261 -35.94 32.20 10.88
CA ASN A 261 -36.04 32.02 9.43
C ASN A 261 -36.27 30.57 9.00
N LYS A 262 -35.54 29.65 9.62
CA LYS A 262 -35.75 28.24 9.32
C LYS A 262 -37.17 27.79 9.62
N LYS A 263 -37.69 28.12 10.80
CA LYS A 263 -39.06 27.83 11.24
C LYS A 263 -40.12 28.24 10.21
N ALA A 264 -40.01 29.48 9.77
CA ALA A 264 -41.02 30.04 8.91
C ALA A 264 -41.05 29.20 7.66
N ILE A 265 -39.89 28.95 7.07
CA ILE A 265 -39.80 28.23 5.81
C ILE A 265 -40.19 26.75 5.97
N LYS A 266 -39.71 26.14 7.05
CA LYS A 266 -40.04 24.74 7.34
C LYS A 266 -41.54 24.56 7.52
N ASP A 267 -42.16 25.46 8.29
CA ASP A 267 -43.59 25.49 8.56
C ASP A 267 -44.42 25.52 7.29
N ALA A 268 -44.02 26.33 6.31
CA ALA A 268 -44.80 26.45 5.10
C ALA A 268 -44.52 25.26 4.20
N MET A 269 -43.30 24.72 4.25
CA MET A 269 -42.95 23.54 3.46
C MET A 269 -43.61 22.27 3.95
N ALA A 270 -44.03 22.27 5.21
CA ALA A 270 -44.64 21.09 5.83
C ALA A 270 -46.04 20.85 5.27
N SER A 271 -46.60 21.84 4.59
CA SER A 271 -47.82 21.63 3.86
C SER A 271 -47.56 21.14 2.41
N ILE A 272 -46.35 20.78 2.03
CA ILE A 272 -46.10 20.13 0.75
C ILE A 272 -45.90 18.64 1.10
N PRO A 273 -46.82 17.73 0.71
CA PRO A 273 -46.82 16.37 1.31
C PRO A 273 -45.58 15.52 1.06
N GLU A 274 -45.00 15.64 -0.14
CA GLU A 274 -43.76 14.95 -0.54
C GLU A 274 -42.47 15.12 0.27
N VAL A 275 -42.43 16.25 0.95
CA VAL A 275 -41.28 16.72 1.69
C VAL A 275 -41.24 16.00 3.03
N SER A 276 -40.14 15.31 3.30
CA SER A 276 -39.73 14.82 4.59
C SER A 276 -38.57 15.70 5.07
N PHE A 277 -38.32 15.74 6.36
CA PHE A 277 -37.30 16.61 6.90
C PHE A 277 -36.25 15.77 7.62
N ARG A 278 -35.03 16.25 7.63
CA ARG A 278 -33.99 15.66 8.43
C ARG A 278 -34.42 15.38 9.86
N GLU A 279 -33.94 14.28 10.42
CA GLU A 279 -34.17 13.95 11.81
C GLU A 279 -33.33 14.87 12.73
N ILE A 280 -33.93 15.39 13.79
CA ILE A 280 -33.25 16.24 14.73
C ILE A 280 -33.42 15.74 16.16
N PRO A 281 -32.37 15.12 16.70
CA PRO A 281 -32.54 14.50 18.02
C PRO A 281 -32.97 15.48 19.11
N ASP A 282 -32.47 16.72 19.05
CA ASP A 282 -32.86 17.72 20.01
C ASP A 282 -33.24 18.99 19.26
N PRO A 283 -34.54 19.12 18.97
CA PRO A 283 -35.03 20.29 18.20
C PRO A 283 -34.72 21.67 18.80
N GLU A 284 -34.67 21.74 20.12
CA GLU A 284 -34.33 22.96 20.85
C GLU A 284 -32.88 23.35 20.61
N GLY A 285 -32.02 22.34 20.43
CA GLY A 285 -30.59 22.55 20.17
C GLY A 285 -30.11 22.73 18.76
N ASP A 286 -31.00 22.72 17.78
CA ASP A 286 -30.65 22.97 16.39
C ASP A 286 -30.13 24.41 16.24
N SER A 287 -28.98 24.62 15.62
CA SER A 287 -28.49 25.95 15.30
C SER A 287 -29.17 26.56 14.06
N ALA A 288 -29.81 25.75 13.23
CA ALA A 288 -30.74 26.20 12.20
C ALA A 288 -30.01 26.83 11.00
N GLY A 289 -28.75 26.46 10.80
CA GLY A 289 -27.99 26.97 9.69
C GLY A 289 -28.52 26.45 8.36
N PHE A 290 -29.15 25.29 8.35
CA PHE A 290 -29.67 24.77 7.08
C PHE A 290 -31.02 24.14 7.29
N LEU A 291 -31.92 24.18 6.30
CA LEU A 291 -33.12 23.34 6.27
C LEU A 291 -32.84 22.21 5.28
N SER A 292 -32.79 21.00 5.83
CA SER A 292 -32.45 19.78 5.09
C SER A 292 -33.71 18.96 4.92
N PHE A 293 -34.07 18.68 3.67
CA PHE A 293 -35.28 17.93 3.36
C PHE A 293 -34.99 16.83 2.36
N MET A 294 -35.91 15.86 2.29
CA MET A 294 -35.77 14.60 1.56
C MET A 294 -36.98 14.49 0.64
N LEU A 295 -36.81 13.88 -0.52
CA LEU A 295 -37.87 13.52 -1.46
C LEU A 295 -37.99 12.00 -1.52
N PRO A 296 -39.10 11.49 -2.08
CA PRO A 296 -39.33 10.04 -1.97
C PRO A 296 -38.36 9.17 -2.77
N THR A 297 -37.93 9.71 -3.91
CA THR A 297 -37.03 9.01 -4.81
C THR A 297 -35.85 9.89 -5.21
N GLU A 298 -34.78 9.24 -5.67
CA GLU A 298 -33.62 9.93 -6.21
C GLU A 298 -33.92 10.80 -7.45
N ALA A 299 -34.53 10.23 -8.48
CA ALA A 299 -34.99 11.00 -9.64
C ALA A 299 -35.77 12.26 -9.25
N ARG A 300 -36.72 12.10 -8.32
CA ARG A 300 -37.52 13.23 -7.86
C ARG A 300 -36.63 14.29 -7.18
N THR A 301 -35.60 13.83 -6.45
CA THR A 301 -34.62 14.72 -5.83
C THR A 301 -33.88 15.51 -6.87
N GLN A 302 -33.44 14.84 -7.94
CA GLN A 302 -32.78 15.50 -9.07
C GLN A 302 -33.61 16.59 -9.69
N GLU A 303 -34.87 16.26 -9.95
CA GLU A 303 -35.85 17.19 -10.51
C GLU A 303 -36.14 18.40 -9.61
N ILE A 304 -36.34 18.15 -8.31
CA ILE A 304 -36.55 19.27 -7.36
C ILE A 304 -35.31 20.18 -7.27
N SER A 305 -34.13 19.58 -7.15
CA SER A 305 -32.91 20.36 -7.22
C SER A 305 -32.85 21.27 -8.44
N LYS A 306 -33.17 20.78 -9.63
CA LYS A 306 -33.17 21.60 -10.85
C LYS A 306 -34.22 22.71 -10.79
N LYS A 307 -35.38 22.41 -10.24
CA LYS A 307 -36.46 23.39 -10.22
C LYS A 307 -36.36 24.44 -9.12
N LEU A 308 -35.78 24.06 -7.98
CA LEU A 308 -35.41 25.09 -7.01
C LEU A 308 -34.53 26.16 -7.65
N ALA A 309 -33.39 25.80 -8.20
CA ALA A 309 -32.58 26.73 -9.00
C ALA A 309 -33.35 27.55 -10.03
N ALA A 310 -34.18 26.89 -10.83
CA ALA A 310 -34.86 27.57 -11.93
C ALA A 310 -35.84 28.63 -11.42
N ASN A 311 -36.40 28.38 -10.25
CA ASN A 311 -37.37 29.26 -9.64
C ASN A 311 -36.74 30.26 -8.67
N GLY A 312 -35.42 30.36 -8.62
CA GLY A 312 -34.76 31.44 -7.86
C GLY A 312 -34.47 31.13 -6.41
N VAL A 313 -34.59 29.88 -6.03
CA VAL A 313 -34.40 29.48 -4.65
C VAL A 313 -32.92 29.10 -4.56
N ASP A 314 -32.07 30.12 -4.45
CA ASP A 314 -30.62 29.92 -4.30
C ASP A 314 -30.25 29.33 -2.91
N GLY A 315 -29.02 28.85 -2.78
CA GLY A 315 -28.50 28.34 -1.55
C GLY A 315 -29.01 26.95 -1.24
N CYS A 316 -29.28 26.19 -2.29
CA CYS A 316 -29.69 24.80 -2.12
C CYS A 316 -28.59 23.86 -2.57
N PHE A 317 -28.31 22.84 -1.77
CA PHE A 317 -27.18 21.99 -1.95
C PHE A 317 -27.66 20.55 -1.98
N TYR A 318 -27.53 19.97 -3.17
CA TYR A 318 -27.76 18.56 -3.39
C TYR A 318 -26.41 17.88 -3.15
N TRP A 319 -26.08 17.65 -1.89
CA TRP A 319 -24.73 17.20 -1.53
C TRP A 319 -24.27 15.95 -2.29
N TYR A 320 -25.20 15.04 -2.55
CA TYR A 320 -24.92 13.81 -3.29
C TYR A 320 -24.11 14.00 -4.58
N VAL A 321 -24.40 15.07 -5.33
CA VAL A 321 -23.78 15.31 -6.64
C VAL A 321 -22.75 16.44 -6.60
N ASN A 322 -22.40 16.93 -5.42
CA ASN A 322 -21.53 18.10 -5.36
C ASN A 322 -20.11 17.66 -4.85
N ASN A 323 -19.07 18.42 -5.14
CA ASN A 323 -17.68 17.96 -5.02
C ASN A 323 -16.94 18.05 -3.66
N TRP A 324 -17.53 18.70 -2.67
CA TRP A 324 -16.77 19.06 -1.49
C TRP A 324 -17.31 18.47 -0.25
N HIS A 325 -18.48 17.80 -0.33
CA HIS A 325 -19.13 17.27 0.88
C HIS A 325 -19.55 15.81 0.89
N TYR A 326 -19.27 15.09 -0.19
CA TYR A 326 -19.67 13.68 -0.21
C TYR A 326 -18.59 12.80 -0.85
N LEU A 327 -18.26 11.71 -0.14
CA LEU A 327 -17.21 10.76 -0.53
C LEU A 327 -17.23 10.34 -2.02
N LYS A 328 -18.42 10.07 -2.52
CA LYS A 328 -18.63 9.58 -3.89
C LYS A 328 -17.93 10.40 -4.95
N ASN A 329 -17.85 11.72 -4.75
CA ASN A 329 -17.21 12.65 -5.71
C ASN A 329 -15.81 13.14 -5.30
N TRP A 330 -15.19 12.38 -4.40
CA TRP A 330 -13.82 12.60 -3.95
C TRP A 330 -12.87 11.53 -4.50
N LYS A 331 -12.70 11.51 -5.82
CA LYS A 331 -11.80 10.57 -6.46
C LYS A 331 -10.36 10.85 -6.03
N HIS A 332 -10.07 12.14 -5.87
CA HIS A 332 -8.82 12.60 -5.30
C HIS A 332 -8.45 11.91 -3.98
N ILE A 333 -9.41 11.85 -3.08
CA ILE A 333 -9.21 11.21 -1.78
C ILE A 333 -9.22 9.72 -1.98
N GLN A 334 -10.12 9.24 -2.82
CA GLN A 334 -10.28 7.78 -3.04
C GLN A 334 -8.96 7.19 -3.45
N GLU A 335 -8.29 7.91 -4.35
CA GLU A 335 -7.03 7.42 -4.93
C GLU A 335 -5.75 8.04 -4.36
N LEU A 336 -5.85 8.72 -3.22
CA LEU A 336 -4.72 9.32 -2.51
C LEU A 336 -3.89 10.25 -3.38
N LYS A 337 -4.52 11.09 -4.18
CA LYS A 337 -3.79 11.97 -5.07
C LYS A 337 -3.10 13.11 -4.29
N ALA A 338 -1.79 13.24 -4.47
CA ALA A 338 -1.00 14.36 -3.97
C ALA A 338 0.35 14.33 -4.67
N PRO A 339 1.01 15.49 -4.82
CA PRO A 339 2.31 15.60 -5.51
C PRO A 339 3.49 15.02 -4.72
N ALA A 340 3.25 14.57 -3.50
CA ALA A 340 4.27 13.80 -2.80
C ALA A 340 3.60 12.72 -1.98
N ALA A 341 4.40 11.73 -1.60
CA ALA A 341 3.89 10.56 -0.92
C ALA A 341 3.36 10.99 0.42
N LEU A 342 2.18 10.49 0.74
CA LEU A 342 1.49 10.80 1.97
C LEU A 342 1.91 9.78 3.01
N PRO A 343 1.79 10.12 4.29
CA PRO A 343 2.12 9.14 5.32
C PRO A 343 1.25 7.86 5.27
N ILE A 344 -0.01 7.98 4.85
CA ILE A 344 -0.95 6.86 4.81
C ILE A 344 -0.43 5.73 3.90
N THR A 345 0.22 6.12 2.79
CA THR A 345 0.99 5.21 1.92
C THR A 345 2.00 4.32 2.69
N LEU A 346 2.56 4.80 3.81
CA LEU A 346 3.47 3.96 4.62
C LEU A 346 2.77 2.83 5.38
N ILE A 347 1.44 2.85 5.46
CA ILE A 347 0.69 1.80 6.15
C ILE A 347 0.22 0.76 5.15
N ALA A 348 0.51 -0.50 5.44
CA ALA A 348 0.23 -1.59 4.51
C ALA A 348 -1.24 -1.98 4.63
N ASP A 349 -1.60 -2.23 5.88
CA ASP A 349 -2.86 -2.87 6.19
C ASP A 349 -3.87 -1.78 6.35
N ARG A 350 -4.48 -1.37 5.25
CA ARG A 350 -5.45 -0.30 5.36
C ARG A 350 -6.44 -0.35 4.19
N PRO A 351 -7.55 0.37 4.30
CA PRO A 351 -8.60 0.23 3.29
C PRO A 351 -8.09 0.52 1.90
N ASP A 352 -8.73 -0.07 0.92
CA ASP A 352 -8.54 0.38 -0.45
C ASP A 352 -9.63 1.43 -0.55
N TYR A 353 -9.20 2.68 -0.72
CA TYR A 353 -10.11 3.81 -0.72
C TYR A 353 -10.91 3.97 -2.01
N THR A 354 -10.55 3.23 -3.06
CA THR A 354 -11.41 3.11 -4.23
C THR A 354 -12.67 2.25 -4.01
N GLN A 355 -12.68 1.44 -2.97
CA GLN A 355 -13.71 0.40 -2.79
C GLN A 355 -14.57 0.60 -1.53
N ILE A 356 -14.89 1.84 -1.17
CA ILE A 356 -15.72 2.03 0.02
C ILE A 356 -17.14 2.08 -0.48
N SER A 357 -17.97 1.32 0.21
CA SER A 357 -19.38 1.30 -0.01
C SER A 357 -20.03 1.84 1.27
N VAL A 358 -20.88 2.86 1.09
CA VAL A 358 -21.74 3.39 2.16
C VAL A 358 -23.20 3.46 1.68
N PRO A 359 -23.81 2.27 1.48
CA PRO A 359 -25.19 2.07 0.98
C PRO A 359 -26.29 2.85 1.71
N LYS A 360 -26.24 2.80 3.04
CA LYS A 360 -27.24 3.48 3.81
C LYS A 360 -27.05 5.00 3.79
N SER A 361 -25.82 5.49 3.74
CA SER A 361 -25.60 6.92 3.47
C SER A 361 -26.09 7.35 2.07
N ASP A 362 -25.79 6.55 1.04
CA ASP A 362 -26.32 6.76 -0.33
C ASP A 362 -27.85 6.87 -0.33
N ALA A 363 -28.53 5.97 0.36
CA ALA A 363 -29.98 5.89 0.41
C ALA A 363 -30.59 7.18 0.91
N ILE A 364 -29.97 7.75 1.94
CA ILE A 364 -30.40 9.04 2.51
C ILE A 364 -29.95 10.20 1.64
N MET A 365 -28.65 10.24 1.38
CA MET A 365 -28.06 11.40 0.69
C MET A 365 -28.50 11.57 -0.74
N SER A 366 -28.79 10.49 -1.45
CA SER A 366 -29.35 10.58 -2.80
C SER A 366 -30.67 11.35 -2.92
N ARG A 367 -31.38 11.52 -1.80
CA ARG A 367 -32.69 12.17 -1.78
C ARG A 367 -32.74 13.43 -0.91
N THR A 368 -31.56 13.93 -0.54
CA THR A 368 -31.43 15.00 0.44
C THR A 368 -30.98 16.31 -0.20
N ILE A 369 -31.71 17.39 0.05
CA ILE A 369 -31.30 18.73 -0.34
C ILE A 369 -31.28 19.62 0.90
N SER A 370 -30.19 20.37 1.03
CA SER A 370 -30.01 21.26 2.16
C SER A 370 -30.09 22.72 1.70
N MET A 371 -31.00 23.49 2.26
CA MET A 371 -31.05 24.91 1.97
C MET A 371 -30.33 25.75 3.05
N LEU A 372 -29.32 26.53 2.71
CA LEU A 372 -28.73 27.52 3.62
C LEU A 372 -29.70 28.55 4.21
N ILE A 373 -29.65 28.76 5.53
CA ILE A 373 -30.55 29.74 6.13
C ILE A 373 -29.67 31.01 6.26
N LYS A 374 -30.00 32.06 5.52
CA LYS A 374 -29.31 33.35 5.61
C LYS A 374 -29.90 34.32 6.64
N LEU A 375 -29.07 35.26 7.07
CA LEU A 375 -29.42 36.26 8.07
C LEU A 375 -30.05 37.49 7.46
N SER A 376 -29.81 37.79 6.20
CA SER A 376 -30.26 39.10 5.68
C SER A 376 -31.74 39.13 5.27
N TRP A 377 -32.37 37.97 5.23
CA TRP A 377 -33.70 37.88 4.68
C TRP A 377 -34.74 38.64 5.51
N THR A 378 -35.48 39.54 4.82
CA THR A 378 -36.69 40.18 5.30
C THR A 378 -37.86 39.21 5.19
N ASP A 379 -38.93 39.53 5.91
CA ASP A 379 -40.12 38.70 5.80
C ASP A 379 -40.70 38.66 4.39
N ALA A 380 -40.69 39.77 3.67
CA ALA A 380 -41.12 39.78 2.25
C ALA A 380 -40.31 38.78 1.39
N GLN A 381 -38.98 38.82 1.57
CA GLN A 381 -38.10 37.92 0.85
C GLN A 381 -38.35 36.44 1.22
N ILE A 382 -38.60 36.16 2.49
CA ILE A 382 -39.03 34.83 2.94
C ILE A 382 -40.33 34.44 2.25
N ALA A 383 -41.34 35.32 2.27
CA ALA A 383 -42.59 35.01 1.58
C ALA A 383 -42.36 34.61 0.11
N GLU A 384 -41.62 35.44 -0.63
CA GLU A 384 -41.29 35.17 -2.03
C GLU A 384 -40.53 33.84 -2.22
N ARG A 385 -39.62 33.54 -1.30
CA ARG A 385 -38.85 32.30 -1.39
C ARG A 385 -39.77 31.11 -1.22
N ILE A 386 -40.72 31.27 -0.29
CA ILE A 386 -41.69 30.23 0.00
C ILE A 386 -42.56 29.98 -1.24
N GLU A 387 -42.95 31.04 -1.96
CA GLU A 387 -43.77 30.94 -3.18
C GLU A 387 -42.97 30.25 -4.29
N ASN A 388 -41.69 30.58 -4.38
CA ASN A 388 -40.82 29.94 -5.34
C ASN A 388 -40.61 28.47 -5.02
N ILE A 389 -40.41 28.14 -3.76
CA ILE A 389 -40.40 26.71 -3.39
C ILE A 389 -41.66 25.95 -3.81
N LYS A 390 -42.83 26.45 -3.42
CA LYS A 390 -44.12 25.89 -3.83
C LYS A 390 -44.27 25.73 -5.34
N LYS A 391 -43.83 26.72 -6.11
CA LYS A 391 -43.81 26.58 -7.58
C LYS A 391 -42.83 25.50 -8.04
N ALA A 392 -41.70 25.36 -7.37
CA ALA A 392 -40.76 24.31 -7.74
C ALA A 392 -41.34 22.91 -7.52
N PHE A 393 -42.11 22.74 -6.47
CA PHE A 393 -42.76 21.45 -6.19
C PHE A 393 -44.02 21.16 -6.96
N ALA A 394 -44.57 22.19 -7.61
CA ALA A 394 -45.85 22.15 -8.31
C ALA A 394 -45.85 21.27 -9.56
N GLN A 395 -46.98 20.59 -9.72
CA GLN A 395 -47.16 19.51 -10.71
C GLN A 395 -48.62 19.29 -11.09
N PRO B 2 13.23 44.33 13.65
CA PRO B 2 12.09 43.72 13.00
C PRO B 2 11.08 44.73 12.48
N GLY B 3 10.30 44.34 11.49
CA GLY B 3 9.35 45.25 10.87
C GLY B 3 8.36 45.94 11.79
N PHE B 4 8.00 45.27 12.89
CA PHE B 4 7.12 45.85 13.94
C PHE B 4 7.59 47.21 14.45
N GLU B 5 8.90 47.45 14.40
CA GLU B 5 9.52 48.72 14.81
C GLU B 5 9.17 49.94 13.98
N LEU B 6 8.69 49.72 12.77
CA LEU B 6 8.21 50.78 11.88
C LEU B 6 6.72 50.85 11.70
N PHE B 7 5.97 50.16 12.56
CA PHE B 7 4.51 50.22 12.43
C PHE B 7 4.12 51.70 12.54
N GLY B 8 3.40 52.19 11.54
CA GLY B 8 2.80 53.50 11.64
C GLY B 8 1.53 53.55 10.82
N PRO B 9 1.21 54.70 10.22
CA PRO B 9 -0.08 54.86 9.59
C PRO B 9 -0.32 53.95 8.40
N GLU B 10 0.72 53.47 7.73
CA GLU B 10 0.47 52.70 6.51
C GLU B 10 -0.13 51.33 6.87
N GLU B 11 0.31 50.74 7.97
CA GLU B 11 -0.16 49.42 8.38
C GLU B 11 -1.60 49.46 8.88
N LYS B 12 -1.89 50.48 9.69
CA LYS B 12 -3.25 50.84 10.16
C LYS B 12 -4.16 51.07 8.96
N GLN B 13 -3.69 51.89 8.03
CA GLN B 13 -4.50 52.18 6.87
C GLN B 13 -4.75 51.02 5.95
N GLU B 14 -3.74 50.17 5.78
CA GLU B 14 -3.94 49.03 4.86
C GLU B 14 -4.98 48.09 5.44
N VAL B 15 -4.92 47.81 6.72
CA VAL B 15 -5.84 46.85 7.35
C VAL B 15 -7.21 47.46 7.46
N ALA B 16 -7.33 48.74 7.79
CA ALA B 16 -8.63 49.42 7.89
C ALA B 16 -9.28 49.45 6.53
N ASP B 17 -8.49 49.47 5.47
CA ASP B 17 -9.09 49.38 4.13
C ASP B 17 -9.80 48.07 3.86
N VAL B 18 -9.22 46.97 4.35
CA VAL B 18 -9.93 45.70 4.31
C VAL B 18 -11.25 45.75 5.07
N MET B 19 -11.21 46.26 6.30
CA MET B 19 -12.37 46.18 7.19
C MET B 19 -13.46 47.15 6.68
N GLU B 20 -13.04 48.26 6.12
CA GLU B 20 -14.00 49.28 5.65
C GLU B 20 -14.50 49.08 4.24
N HIS B 21 -13.71 48.54 3.32
CA HIS B 21 -14.14 48.39 1.91
C HIS B 21 -13.89 47.01 1.31
N GLY B 22 -13.21 46.12 2.02
CA GLY B 22 -12.83 44.85 1.41
C GLY B 22 -13.65 43.70 1.94
N PHE B 23 -13.01 42.52 1.87
CA PHE B 23 -13.57 41.33 2.48
C PHE B 23 -12.43 40.56 3.14
N THR B 24 -12.75 39.57 3.97
CA THR B 24 -11.80 38.92 4.82
C THR B 24 -11.05 37.76 4.19
N PHE B 25 -11.67 37.19 3.15
CA PHE B 25 -11.32 35.92 2.50
C PHE B 25 -10.55 36.27 1.26
N ARG B 26 -9.46 35.53 0.99
CA ARG B 26 -8.49 35.97 -0.02
C ARG B 26 -8.95 35.78 -1.45
N TYR B 27 -10.05 35.05 -1.65
CA TYR B 27 -10.56 34.71 -3.01
C TYR B 27 -12.03 35.11 -3.13
N ASN B 28 -12.53 35.09 -4.37
CA ASN B 28 -13.97 35.15 -4.69
C ASN B 28 -14.60 36.42 -4.09
N PHE B 29 -15.91 36.49 -3.87
CA PHE B 29 -16.59 37.69 -3.30
C PHE B 29 -16.28 38.99 -4.07
N ASP B 30 -16.11 38.86 -5.39
CA ASP B 30 -15.87 39.98 -6.33
C ASP B 30 -16.89 41.11 -6.15
N HIS B 31 -18.16 40.75 -6.10
CA HIS B 31 -19.34 41.63 -6.04
C HIS B 31 -19.39 42.56 -4.83
N MET B 32 -18.72 42.15 -3.76
CA MET B 32 -18.75 42.91 -2.52
C MET B 32 -17.41 43.26 -1.91
N ARG B 33 -16.27 42.88 -2.51
CA ARG B 33 -14.98 43.31 -1.96
C ARG B 33 -14.44 44.59 -2.57
N ASN B 34 -15.19 45.26 -3.46
CA ASN B 34 -14.78 46.53 -4.07
C ASN B 34 -13.32 46.52 -4.57
N ASP B 35 -13.02 45.45 -5.29
CA ASP B 35 -11.69 45.28 -5.84
C ASP B 35 -10.52 45.32 -4.84
N ARG B 36 -10.71 44.99 -3.57
CA ARG B 36 -9.60 44.86 -2.60
C ARG B 36 -9.07 43.42 -2.59
N TRP B 37 -7.91 43.19 -3.16
CA TRP B 37 -7.31 41.86 -3.15
C TRP B 37 -5.90 41.97 -2.54
N LYS B 38 -5.87 42.02 -1.21
CA LYS B 38 -4.65 42.34 -0.49
C LYS B 38 -3.67 41.20 -0.63
N THR B 39 -4.18 39.98 -0.53
CA THR B 39 -3.36 38.78 -0.67
C THR B 39 -2.81 38.71 -2.08
N ARG B 40 -3.65 38.97 -3.06
CA ARG B 40 -3.22 39.00 -4.44
C ARG B 40 -2.14 40.05 -4.61
N ASP B 41 -2.35 41.25 -4.07
CA ASP B 41 -1.37 42.29 -4.30
C ASP B 41 -0.01 41.99 -3.64
N MET B 42 -0.02 41.44 -2.43
CA MET B 42 1.25 41.13 -1.80
C MET B 42 1.99 40.04 -2.58
N GLU B 43 1.24 39.07 -3.11
CA GLU B 43 1.86 38.07 -3.97
C GLU B 43 2.53 38.68 -5.20
N GLN B 44 1.82 39.54 -5.92
CA GLN B 44 2.33 40.23 -7.11
C GLN B 44 3.57 41.03 -6.73
N LEU B 45 3.46 41.79 -5.63
CA LEU B 45 4.59 42.58 -5.21
C LEU B 45 5.77 41.70 -4.83
N LEU B 46 5.57 40.53 -4.23
CA LEU B 46 6.71 39.68 -3.99
C LEU B 46 7.36 39.21 -5.31
N CYS B 47 6.53 39.01 -6.34
CA CYS B 47 7.01 38.55 -7.63
C CYS B 47 7.86 39.65 -8.25
N GLU B 48 7.41 40.89 -8.11
CA GLU B 48 8.11 42.03 -8.69
C GLU B 48 9.43 42.26 -7.96
N LYS B 49 9.36 42.49 -6.65
CA LYS B 49 10.56 42.75 -5.86
C LYS B 49 11.63 41.67 -5.99
N MET B 50 11.24 40.40 -6.04
CA MET B 50 12.21 39.31 -5.96
C MET B 50 12.52 38.66 -7.31
N ASN B 51 12.05 39.27 -8.39
CA ASN B 51 12.17 38.76 -9.75
CA ASN B 51 12.24 38.75 -9.75
C ASN B 51 11.94 37.24 -9.79
N VAL B 52 10.80 36.84 -9.19
CA VAL B 52 10.35 35.44 -9.24
C VAL B 52 9.04 35.39 -9.97
N LYS B 53 8.81 34.25 -10.59
CA LYS B 53 7.66 34.08 -11.45
C LYS B 53 6.39 33.95 -10.61
N HIS B 54 6.50 33.27 -9.47
CA HIS B 54 5.33 32.97 -8.64
C HIS B 54 5.58 33.17 -7.14
N ALA B 55 4.56 33.69 -6.46
CA ALA B 55 4.51 33.79 -5.00
C ALA B 55 3.16 33.33 -4.40
N HIS B 56 3.22 32.43 -3.42
CA HIS B 56 1.97 32.05 -2.77
C HIS B 56 2.01 32.36 -1.30
N LEU B 57 1.04 33.18 -0.90
CA LEU B 57 0.90 33.65 0.47
C LEU B 57 -0.01 32.69 1.25
N LEU B 58 0.39 32.41 2.48
CA LEU B 58 -0.31 31.45 3.32
C LEU B 58 -0.10 31.74 4.81
N SER B 59 -0.53 30.84 5.69
CA SER B 59 -0.82 31.16 7.11
C SER B 59 0.38 31.40 8.00
N SER B 60 1.53 30.85 7.60
CA SER B 60 2.79 31.01 8.30
C SER B 60 3.97 30.52 7.46
N GLY B 61 5.13 30.85 7.98
CA GLY B 61 6.41 30.36 7.52
C GLY B 61 6.51 28.88 7.73
N THR B 62 5.99 28.41 8.85
CA THR B 62 6.01 26.95 9.02
C THR B 62 5.12 26.25 7.98
N ALA B 63 3.97 26.86 7.67
CA ALA B 63 3.05 26.22 6.73
C ALA B 63 3.68 26.31 5.33
N ALA B 64 4.48 27.36 5.11
CA ALA B 64 5.21 27.51 3.87
C ALA B 64 6.19 26.38 3.64
N LEU B 65 6.96 26.03 4.65
CA LEU B 65 7.81 24.86 4.57
C LEU B 65 7.03 23.57 4.28
N GLN B 66 5.91 23.39 4.96
CA GLN B 66 5.11 22.18 4.74
C GLN B 66 4.59 22.11 3.31
N THR B 67 4.14 23.26 2.85
CA THR B 67 3.47 23.37 1.56
C THR B 67 4.54 23.26 0.47
N ALA B 68 5.68 23.91 0.66
CA ALA B 68 6.76 23.80 -0.32
C ALA B 68 7.28 22.39 -0.50
N MET B 69 7.33 21.62 0.59
CA MET B 69 7.83 20.25 0.48
C MET B 69 6.87 19.40 -0.34
N MET B 70 5.63 19.35 0.15
CA MET B 70 4.61 18.69 -0.62
C MET B 70 4.62 19.16 -2.10
N ALA B 71 4.58 20.47 -2.36
CA ALA B 71 4.53 20.98 -3.71
C ALA B 71 5.73 20.56 -4.55
N ALA B 72 6.90 20.31 -3.96
CA ALA B 72 8.08 19.98 -4.73
C ALA B 72 8.25 18.46 -4.83
N GLY B 73 7.30 17.66 -4.34
CA GLY B 73 7.52 16.23 -4.44
C GLY B 73 8.24 15.56 -3.29
N ILE B 74 8.40 16.26 -2.17
CA ILE B 74 9.17 15.83 -1.00
C ILE B 74 8.11 15.36 -0.01
N GLY B 75 8.17 14.10 0.35
CA GLY B 75 7.11 13.46 1.10
C GLY B 75 7.57 12.20 1.78
N ALA B 76 6.62 11.34 2.12
CA ALA B 76 6.88 10.31 3.12
C ALA B 76 8.03 9.43 2.66
N GLY B 77 8.95 9.09 3.56
CA GLY B 77 10.10 8.26 3.22
C GLY B 77 11.29 9.01 2.65
N ASP B 78 11.15 10.22 2.13
CA ASP B 78 12.27 10.95 1.53
C ASP B 78 13.24 11.47 2.59
N GLU B 79 14.55 11.32 2.39
CA GLU B 79 15.52 12.00 3.22
C GLU B 79 15.67 13.49 2.83
N VAL B 80 15.67 14.38 3.83
CA VAL B 80 15.79 15.82 3.60
C VAL B 80 16.93 16.28 4.46
N ILE B 81 17.99 16.77 3.84
CA ILE B 81 19.19 17.20 4.57
C ILE B 81 18.96 18.61 5.17
N VAL B 82 19.23 18.73 6.47
CA VAL B 82 18.90 19.90 7.29
C VAL B 82 20.06 20.26 8.21
N PRO B 83 20.23 21.55 8.53
CA PRO B 83 21.28 21.95 9.46
C PRO B 83 20.87 21.70 10.90
N PRO B 84 21.86 21.58 11.81
CA PRO B 84 21.54 21.52 13.23
C PRO B 84 21.29 22.90 13.85
N PHE B 85 21.68 23.96 13.16
CA PHE B 85 21.40 25.33 13.57
C PHE B 85 20.28 25.80 12.66
N THR B 86 19.08 25.82 13.22
CA THR B 86 17.96 26.49 12.56
C THR B 86 16.81 26.58 13.56
N PHE B 87 15.78 27.35 13.22
CA PHE B 87 14.56 27.20 14.01
C PHE B 87 13.96 25.78 13.96
N VAL B 88 13.34 25.38 15.07
CA VAL B 88 12.71 24.07 15.21
C VAL B 88 11.74 23.71 14.10
N ALA B 89 11.10 24.72 13.52
CA ALA B 89 10.08 24.49 12.54
C ALA B 89 10.65 23.67 11.38
N SER B 90 11.90 23.93 11.01
CA SER B 90 12.57 23.21 9.90
C SER B 90 12.41 21.69 10.03
N VAL B 91 12.67 21.16 11.23
CA VAL B 91 12.70 19.73 11.45
C VAL B 91 11.28 19.29 11.71
N GLU B 92 10.51 20.07 12.46
CA GLU B 92 9.08 19.77 12.57
C GLU B 92 8.34 19.57 11.23
N ALA B 93 8.64 20.39 10.23
CA ALA B 93 7.90 20.33 8.97
C ALA B 93 8.22 19.03 8.22
N ILE B 94 9.49 18.64 8.27
CA ILE B 94 9.97 17.41 7.68
C ILE B 94 9.26 16.26 8.37
N PHE B 95 9.37 16.10 9.68
CA PHE B 95 8.72 14.97 10.38
C PHE B 95 7.24 14.81 10.05
N MET B 96 6.55 15.94 9.99
CA MET B 96 5.13 15.96 9.77
C MET B 96 4.73 15.54 8.39
N ALA B 97 5.64 15.63 7.44
CA ALA B 97 5.41 15.15 6.08
C ALA B 97 5.64 13.64 5.99
N GLY B 98 6.16 13.10 7.08
CA GLY B 98 6.59 11.72 7.09
C GLY B 98 7.93 11.59 6.38
N ALA B 99 8.68 12.68 6.21
CA ALA B 99 9.99 12.68 5.58
C ALA B 99 11.02 12.54 6.72
N VAL B 100 12.28 12.26 6.37
CA VAL B 100 13.32 11.86 7.33
C VAL B 100 14.37 12.95 7.34
N PRO B 101 14.45 13.77 8.40
CA PRO B 101 15.49 14.80 8.45
C PRO B 101 16.82 14.14 8.62
N ILE B 102 17.81 14.57 7.84
CA ILE B 102 19.18 14.06 7.91
C ILE B 102 20.08 15.26 8.19
N PHE B 103 20.70 15.31 9.37
CA PHE B 103 21.51 16.46 9.74
C PHE B 103 22.87 16.48 9.04
N ALA B 104 23.19 17.63 8.45
CA ALA B 104 24.50 17.91 7.84
C ALA B 104 25.16 19.11 8.53
N GLU B 105 26.50 19.15 8.46
CA GLU B 105 27.30 20.10 9.19
C GLU B 105 27.16 21.46 8.55
N ILE B 106 27.19 22.46 9.41
CA ILE B 106 27.29 23.84 8.97
C ILE B 106 28.80 24.15 8.89
N ASP B 107 29.11 25.24 8.18
CA ASP B 107 30.45 25.84 8.15
C ASP B 107 30.36 27.23 8.82
N GLU B 108 31.38 28.03 8.64
CA GLU B 108 31.51 29.31 9.34
C GLU B 108 30.60 30.30 8.63
N THR B 109 29.84 29.90 7.60
CA THR B 109 28.72 30.75 7.13
C THR B 109 27.49 30.63 7.99
N LEU B 110 27.52 29.65 8.89
CA LEU B 110 26.40 29.28 9.78
C LEU B 110 25.23 28.68 9.02
N CYS B 111 25.47 28.29 7.76
CA CYS B 111 24.56 27.52 6.92
C CYS B 111 25.20 26.18 6.53
N LEU B 112 24.39 25.27 6.02
CA LEU B 112 24.89 23.98 5.59
C LEU B 112 26.18 24.16 4.83
N SER B 113 27.15 23.32 5.18
CA SER B 113 28.38 23.23 4.40
C SER B 113 28.29 22.30 3.18
N PRO B 114 28.84 22.74 2.03
CA PRO B 114 28.86 21.84 0.87
C PRO B 114 29.37 20.45 1.20
N GLU B 115 30.47 20.39 1.94
CA GLU B 115 31.11 19.13 2.24
C GLU B 115 30.28 18.41 3.29
N GLY B 116 29.61 19.13 4.19
CA GLY B 116 28.69 18.47 5.14
C GLY B 116 27.53 17.78 4.43
N ILE B 117 26.94 18.48 3.47
CA ILE B 117 25.85 17.97 2.67
C ILE B 117 26.26 16.72 1.96
N GLU B 118 27.45 16.74 1.33
CA GLU B 118 27.96 15.63 0.51
C GLU B 118 28.18 14.40 1.37
N ALA B 119 28.63 14.60 2.61
CA ALA B 119 28.96 13.44 3.44
C ALA B 119 27.71 12.61 3.83
N VAL B 120 26.50 13.15 3.70
CA VAL B 120 25.29 12.47 4.17
C VAL B 120 24.22 12.21 3.09
N ILE B 121 24.56 12.40 1.85
CA ILE B 121 23.70 11.97 0.74
C ILE B 121 23.63 10.43 0.72
N THR B 122 22.42 9.93 0.50
CA THR B 122 22.15 8.53 0.23
C THR B 122 21.22 8.49 -0.99
N PRO B 123 20.94 7.30 -1.54
CA PRO B 123 19.92 7.23 -2.57
C PRO B 123 18.52 7.75 -2.17
N ARG B 124 18.18 7.73 -0.88
CA ARG B 124 16.91 8.27 -0.38
C ARG B 124 16.82 9.78 -0.30
N THR B 125 17.92 10.51 -0.37
CA THR B 125 17.87 11.98 -0.29
C THR B 125 17.01 12.49 -1.44
N LYS B 126 15.98 13.27 -1.15
CA LYS B 126 15.21 13.93 -2.19
C LYS B 126 15.58 15.39 -2.27
N ALA B 127 16.02 15.96 -1.15
CA ALA B 127 16.11 17.40 -1.01
C ALA B 127 17.15 17.87 -0.03
N ILE B 128 17.60 19.09 -0.24
CA ILE B 128 18.47 19.83 0.67
C ILE B 128 17.59 20.96 1.15
N ASN B 129 17.45 21.04 2.48
CA ASN B 129 16.69 22.07 3.14
C ASN B 129 17.67 23.11 3.64
N LEU B 130 17.99 24.03 2.76
CA LEU B 130 19.01 25.04 3.07
C LEU B 130 18.36 26.25 3.76
N VAL B 131 18.85 26.53 4.97
CA VAL B 131 18.43 27.69 5.75
C VAL B 131 19.37 28.91 5.68
N HIS B 132 18.85 30.08 5.34
CA HIS B 132 19.70 31.26 5.40
C HIS B 132 19.55 31.86 6.78
N MET B 133 20.33 31.34 7.73
CA MET B 133 20.16 31.73 9.12
C MET B 133 20.62 33.13 9.42
N CYS B 134 20.02 33.81 10.39
CA CYS B 134 20.43 35.11 10.88
C CYS B 134 20.79 36.08 9.75
N GLY B 135 19.96 36.13 8.71
CA GLY B 135 19.96 37.19 7.71
C GLY B 135 20.94 37.06 6.55
N SER B 136 21.75 36.00 6.55
CA SER B 136 22.79 35.87 5.54
C SER B 136 22.79 34.46 4.96
N MET B 137 23.69 34.18 4.02
CA MET B 137 23.65 32.96 3.20
C MET B 137 24.80 31.96 3.24
N ALA B 138 24.54 30.86 2.55
CA ALA B 138 25.47 29.78 2.36
C ALA B 138 26.24 29.98 1.07
N LYS B 139 27.17 29.05 0.89
CA LYS B 139 27.93 28.96 -0.34
C LYS B 139 27.04 28.45 -1.47
N MET B 140 26.19 29.32 -2.00
CA MET B 140 25.04 28.90 -2.79
C MET B 140 25.45 28.26 -4.13
N ASP B 141 26.51 28.72 -4.77
CA ASP B 141 26.94 28.12 -6.05
C ASP B 141 27.36 26.68 -5.80
N GLU B 142 28.13 26.41 -4.76
CA GLU B 142 28.45 25.01 -4.57
C GLU B 142 27.29 24.13 -4.16
N ILE B 143 26.37 24.67 -3.35
CA ILE B 143 25.21 23.90 -2.96
C ILE B 143 24.34 23.55 -4.14
N LYS B 144 24.05 24.53 -4.97
CA LYS B 144 23.23 24.34 -6.16
C LYS B 144 23.84 23.27 -7.08
N ALA B 145 25.17 23.29 -7.23
CA ALA B 145 25.92 22.26 -7.97
C ALA B 145 25.73 20.86 -7.38
N ILE B 146 25.73 20.74 -6.06
CA ILE B 146 25.48 19.43 -5.43
C ILE B 146 24.09 18.98 -5.82
N CYS B 147 23.13 19.88 -5.76
CA CYS B 147 21.76 19.47 -6.05
C CYS B 147 21.61 19.08 -7.53
N LYS B 148 22.23 19.78 -8.47
CA LYS B 148 22.19 19.39 -9.87
C LYS B 148 22.83 18.04 -10.12
N LYS B 149 24.04 17.84 -9.65
CA LYS B 149 24.73 16.57 -9.85
C LYS B 149 23.98 15.40 -9.23
N HIS B 150 23.26 15.62 -8.14
CA HIS B 150 22.66 14.49 -7.45
C HIS B 150 21.17 14.43 -7.71
N ASN B 151 20.65 15.27 -8.59
CA ASN B 151 19.21 15.33 -8.81
C ASN B 151 18.35 15.44 -7.51
N LEU B 152 18.67 16.51 -6.75
CA LEU B 152 18.06 16.83 -5.47
C LEU B 152 17.35 18.16 -5.59
N VAL B 153 16.20 18.23 -4.92
CA VAL B 153 15.46 19.48 -4.86
C VAL B 153 16.23 20.36 -3.89
N LEU B 154 16.31 21.64 -4.24
CA LEU B 154 16.94 22.64 -3.38
C LEU B 154 15.81 23.50 -2.84
N LEU B 155 15.54 23.32 -1.56
CA LEU B 155 14.53 24.13 -0.87
C LEU B 155 15.26 25.23 -0.07
N GLU B 156 14.84 26.47 -0.24
CA GLU B 156 15.46 27.55 0.51
C GLU B 156 14.51 28.08 1.59
N ASP B 157 14.94 27.99 2.84
CA ASP B 157 14.25 28.63 3.96
C ASP B 157 14.81 30.03 4.15
N ALA B 158 14.12 31.01 3.57
CA ALA B 158 14.54 32.41 3.71
C ALA B 158 13.72 33.08 4.80
N CYS B 159 13.24 32.31 5.77
CA CYS B 159 12.30 32.87 6.74
C CYS B 159 12.93 33.92 7.64
N GLN B 160 14.27 33.92 7.79
CA GLN B 160 15.01 34.97 8.49
C GLN B 160 15.94 35.72 7.55
N ALA B 161 15.74 35.75 6.26
CA ALA B 161 16.72 36.45 5.41
C ALA B 161 16.15 37.15 4.21
N ILE B 162 14.87 37.49 4.27
CA ILE B 162 14.22 38.18 3.17
C ILE B 162 14.94 39.50 3.01
N GLY B 163 15.18 39.83 1.75
CA GLY B 163 15.86 41.06 1.35
C GLY B 163 17.30 40.79 1.08
N GLY B 164 17.77 39.62 1.52
CA GLY B 164 19.10 39.16 1.20
C GLY B 164 19.17 38.60 -0.20
N SER B 165 20.40 38.46 -0.70
CA SER B 165 20.65 38.04 -2.09
C SER B 165 22.00 37.35 -2.19
N TYR B 166 22.20 36.61 -3.27
CA TYR B 166 23.51 36.05 -3.57
C TYR B 166 23.73 36.19 -5.04
N LYS B 167 24.73 37.01 -5.38
CA LYS B 167 25.10 37.33 -6.76
C LYS B 167 23.91 37.85 -7.55
N GLY B 168 23.16 38.78 -6.98
CA GLY B 168 22.05 39.40 -7.70
C GLY B 168 20.73 38.67 -7.62
N GLN B 169 20.75 37.47 -7.03
CA GLN B 169 19.53 36.65 -6.93
C GLN B 169 18.97 36.68 -5.52
N ALA B 170 17.75 37.17 -5.36
CA ALA B 170 17.03 37.25 -4.08
C ALA B 170 17.02 35.88 -3.40
N LEU B 171 17.35 35.86 -2.12
CA LEU B 171 17.36 34.62 -1.33
C LEU B 171 15.94 34.07 -1.35
N GLY B 172 15.85 32.77 -1.59
CA GLY B 172 14.58 32.13 -1.83
C GLY B 172 14.17 31.82 -3.24
N THR B 173 14.89 32.41 -4.23
CA THR B 173 14.72 32.23 -5.67
C THR B 173 15.78 31.42 -6.41
N ILE B 174 16.83 30.98 -5.74
CA ILE B 174 17.96 30.32 -6.36
C ILE B 174 17.64 28.87 -6.54
N GLY B 175 17.14 28.22 -5.50
CA GLY B 175 16.75 26.80 -5.65
C GLY B 175 15.43 26.62 -6.40
N ASP B 176 14.80 25.47 -6.22
CA ASP B 176 13.55 25.11 -6.88
C ASP B 176 12.35 25.74 -6.21
N VAL B 177 12.45 25.91 -4.90
CA VAL B 177 11.37 26.50 -4.12
C VAL B 177 11.96 27.19 -2.93
N GLY B 178 11.37 28.34 -2.62
CA GLY B 178 11.77 29.08 -1.46
C GLY B 178 10.62 29.41 -0.53
N CYS B 179 10.99 29.76 0.71
CA CYS B 179 10.01 29.99 1.78
C CYS B 179 10.29 31.28 2.55
N TYR B 180 9.25 32.05 2.77
CA TYR B 180 9.35 33.19 3.66
C TYR B 180 8.50 33.04 4.89
N SER B 181 8.84 33.81 5.93
CA SER B 181 7.95 34.08 7.07
C SER B 181 7.65 35.55 7.33
N PHE B 182 6.42 35.82 7.72
CA PHE B 182 5.93 37.14 8.07
C PHE B 182 5.23 37.09 9.43
N ASP B 183 5.77 36.27 10.31
CA ASP B 183 5.40 36.32 11.73
C ASP B 183 5.83 37.64 12.35
N SER B 184 5.34 37.91 13.55
CA SER B 184 5.36 39.24 14.19
C SER B 184 6.73 39.81 14.55
N VAL B 185 7.75 38.96 14.62
CA VAL B 185 9.12 39.33 14.88
C VAL B 185 10.09 39.20 13.70
N LYS B 186 9.57 38.92 12.51
CA LYS B 186 10.42 38.88 11.31
C LYS B 186 10.60 40.27 10.75
N THR B 187 11.49 40.29 9.75
CA THR B 187 11.82 41.49 9.01
C THR B 187 10.65 42.33 8.51
N ILE B 188 9.69 41.60 7.98
CA ILE B 188 8.46 42.09 7.37
C ILE B 188 7.37 41.23 7.96
N THR B 189 6.25 41.80 8.38
CA THR B 189 5.27 40.99 9.09
C THR B 189 3.85 41.11 8.56
N CYS B 190 3.12 39.99 8.64
CA CYS B 190 1.71 39.92 8.37
C CYS B 190 0.96 39.72 9.67
N GLY B 191 1.65 39.82 10.80
CA GLY B 191 1.17 39.34 12.09
C GLY B 191 1.42 37.85 12.18
N GLU B 192 0.75 37.12 11.29
CA GLU B 192 1.11 35.74 11.02
C GLU B 192 0.86 35.55 9.54
N GLY B 193 1.82 34.84 8.93
CA GLY B 193 1.87 34.69 7.50
C GLY B 193 3.21 34.10 7.06
N GLY B 194 3.25 33.63 5.82
CA GLY B 194 4.47 33.32 5.12
C GLY B 194 4.18 33.17 3.64
N ALA B 195 5.18 32.73 2.87
CA ALA B 195 4.93 32.45 1.46
C ALA B 195 5.84 31.38 0.88
N VAL B 196 5.35 30.74 -0.16
CA VAL B 196 6.12 29.85 -0.97
C VAL B 196 6.43 30.58 -2.28
N ILE B 197 7.72 30.76 -2.59
CA ILE B 197 8.08 31.34 -3.88
C ILE B 197 8.85 30.35 -4.75
N THR B 198 8.70 30.52 -6.06
CA THR B 198 9.27 29.59 -7.04
C THR B 198 9.12 30.08 -8.49
N ASN B 199 10.08 29.76 -9.35
CA ASN B 199 9.95 29.95 -10.79
C ASN B 199 9.29 28.80 -11.57
N ASN B 200 9.12 27.67 -10.88
CA ASN B 200 8.50 26.48 -11.41
C ASN B 200 6.97 26.52 -11.21
N THR B 201 6.25 26.60 -12.33
CA THR B 201 4.80 26.71 -12.32
C THR B 201 4.11 25.50 -11.72
N GLU B 202 4.62 24.32 -12.02
CA GLU B 202 4.11 23.11 -11.44
C GLU B 202 4.16 23.15 -9.87
N ILE B 203 5.26 23.62 -9.31
CA ILE B 203 5.43 23.77 -7.90
C ILE B 203 4.42 24.79 -7.37
N TYR B 204 4.30 25.94 -8.02
CA TYR B 204 3.35 26.94 -7.59
C TYR B 204 1.92 26.40 -7.57
N ASP B 205 1.48 25.86 -8.71
CA ASP B 205 0.16 25.28 -8.80
C ASP B 205 -0.07 24.28 -7.65
N ASN B 206 0.87 23.37 -7.38
CA ASN B 206 0.73 22.44 -6.26
C ASN B 206 0.60 23.14 -4.91
N ALA B 207 1.35 24.21 -4.72
CA ALA B 207 1.35 25.00 -3.48
C ALA B 207 0.02 25.67 -3.23
N HIS B 208 -0.47 26.43 -4.19
CA HIS B 208 -1.78 27.05 -3.99
C HIS B 208 -2.94 26.07 -3.85
N MET B 209 -2.88 24.91 -4.51
CA MET B 209 -3.88 23.88 -4.34
C MET B 209 -3.76 23.22 -2.99
N PHE B 210 -2.56 22.81 -2.65
CA PHE B 210 -2.39 22.05 -1.42
C PHE B 210 -2.76 22.84 -0.17
N SER B 211 -2.55 24.15 -0.24
CA SER B 211 -2.80 24.97 0.95
C SER B 211 -4.28 25.36 1.05
N ASP B 212 -5.13 24.85 0.15
CA ASP B 212 -6.57 25.13 0.12
C ASP B 212 -7.40 23.92 -0.30
N HIS B 213 -7.10 22.74 0.27
CA HIS B 213 -7.83 21.51 0.05
C HIS B 213 -7.91 21.04 -1.40
N GLY B 214 -6.89 21.39 -2.16
CA GLY B 214 -6.76 20.97 -3.54
C GLY B 214 -7.57 21.87 -4.44
N HIS B 215 -8.20 22.91 -3.93
CA HIS B 215 -8.93 23.81 -4.82
C HIS B 215 -8.01 24.27 -5.95
N ASP B 216 -8.46 24.12 -7.19
CA ASP B 216 -7.79 24.54 -8.41
C ASP B 216 -7.71 26.06 -8.57
N HIS B 217 -8.65 26.78 -7.95
CA HIS B 217 -8.80 28.24 -8.08
C HIS B 217 -9.07 28.78 -9.51
N ILE B 218 -9.76 27.99 -10.31
CA ILE B 218 -10.06 28.35 -11.70
C ILE B 218 -11.52 28.77 -11.76
N GLY B 219 -11.81 29.92 -12.34
CA GLY B 219 -13.20 30.37 -12.53
C GLY B 219 -13.64 31.25 -11.39
N LYS B 220 -14.93 31.58 -11.31
CA LYS B 220 -15.50 32.49 -10.29
C LYS B 220 -16.36 31.85 -9.21
N ASP B 221 -16.80 30.61 -9.44
CA ASP B 221 -17.63 29.79 -8.58
C ASP B 221 -16.78 28.79 -7.78
N ARG B 222 -16.65 28.99 -6.48
CA ARG B 222 -15.70 28.25 -5.64
C ARG B 222 -16.11 26.79 -5.49
N GLY B 223 -17.41 26.58 -5.32
CA GLY B 223 -18.00 25.25 -5.15
C GLY B 223 -17.93 24.38 -6.40
N ALA B 224 -17.78 25.00 -7.56
CA ALA B 224 -17.64 24.33 -8.87
C ALA B 224 -16.19 23.97 -9.25
N GLU B 225 -15.22 24.54 -8.54
CA GLU B 225 -13.82 24.24 -8.74
C GLU B 225 -13.56 22.75 -8.53
N SER B 226 -12.57 22.24 -9.24
CA SER B 226 -12.02 20.90 -9.03
C SER B 226 -11.04 20.77 -7.86
N HIS B 227 -10.81 19.53 -7.49
CA HIS B 227 -9.72 19.24 -6.57
C HIS B 227 -8.87 18.13 -7.16
N PRO B 228 -7.86 18.48 -7.97
CA PRO B 228 -6.97 17.47 -8.55
C PRO B 228 -6.18 16.73 -7.49
N ILE B 229 -5.90 17.38 -6.35
CA ILE B 229 -5.22 16.73 -5.22
C ILE B 229 -5.93 16.97 -3.90
N MET B 230 -5.59 16.16 -2.90
CA MET B 230 -5.95 16.42 -1.50
C MET B 230 -5.19 17.64 -1.03
N GLY B 231 -5.60 18.19 0.11
CA GLY B 231 -4.92 19.36 0.66
C GLY B 231 -5.16 19.56 2.15
N LEU B 232 -4.73 20.74 2.57
CA LEU B 232 -4.93 21.26 3.92
C LEU B 232 -5.43 22.70 3.85
N ASN B 233 -5.57 23.35 5.02
CA ASN B 233 -5.87 24.79 5.03
C ASN B 233 -4.73 25.60 5.64
N PHE B 234 -4.06 26.39 4.79
CA PHE B 234 -3.09 27.38 5.23
C PHE B 234 -3.45 28.73 4.62
N ARG B 235 -4.74 28.96 4.39
CA ARG B 235 -5.15 30.21 3.81
C ARG B 235 -4.82 31.36 4.75
N ILE B 236 -4.46 32.48 4.14
CA ILE B 236 -4.19 33.70 4.91
C ILE B 236 -5.36 34.65 4.82
N SER B 237 -5.71 35.26 5.95
CA SER B 237 -6.77 36.25 5.96
C SER B 237 -6.31 37.47 5.19
N GLU B 238 -7.27 38.17 4.58
CA GLU B 238 -7.02 39.46 3.94
C GLU B 238 -6.51 40.47 4.97
N MET B 239 -6.89 40.39 6.24
CA MET B 239 -6.26 41.34 7.15
C MET B 239 -4.75 41.15 7.39
N ASN B 240 -4.36 39.90 7.58
CA ASN B 240 -2.94 39.58 7.64
C ASN B 240 -2.24 40.03 6.35
N ALA B 241 -2.86 39.82 5.21
CA ALA B 241 -2.21 40.23 3.96
C ALA B 241 -2.01 41.74 3.80
N ALA B 242 -3.03 42.50 4.16
CA ALA B 242 -2.99 43.97 4.18
C ALA B 242 -1.83 44.52 5.02
N LEU B 243 -1.59 43.96 6.19
CA LEU B 243 -0.44 44.33 7.00
C LEU B 243 0.89 43.99 6.30
N GLY B 244 0.97 42.83 5.69
CA GLY B 244 2.22 42.41 5.05
C GLY B 244 2.49 43.22 3.82
N LEU B 245 1.43 43.65 3.16
CA LEU B 245 1.54 44.50 1.99
C LEU B 245 2.22 45.78 2.39
N ALA B 246 1.65 46.45 3.40
CA ALA B 246 2.20 47.70 3.89
C ALA B 246 3.63 47.51 4.37
N GLN B 247 3.86 46.40 5.07
CA GLN B 247 5.24 46.14 5.49
C GLN B 247 6.20 45.96 4.34
N LEU B 248 5.80 45.19 3.34
CA LEU B 248 6.68 44.79 2.25
C LEU B 248 7.14 46.01 1.41
N ARG B 249 6.27 47.01 1.23
CA ARG B 249 6.70 48.29 0.68
C ARG B 249 7.82 49.00 1.48
N LYS B 250 7.98 48.67 2.74
CA LYS B 250 9.05 49.28 3.50
C LYS B 250 10.33 48.43 3.46
N LEU B 251 10.33 47.30 2.78
CA LEU B 251 11.45 46.36 2.94
C LEU B 251 12.83 46.99 2.67
N ASP B 252 12.90 47.80 1.62
CA ASP B 252 14.16 48.43 1.19
C ASP B 252 14.77 49.31 2.29
N THR B 253 13.92 50.10 2.92
CA THR B 253 14.30 50.92 4.05
C THR B 253 14.73 50.05 5.23
N ILE B 254 13.95 49.02 5.56
CA ILE B 254 14.35 48.18 6.67
C ILE B 254 15.78 47.63 6.49
N ILE B 255 16.06 47.08 5.31
CA ILE B 255 17.36 46.49 4.98
C ILE B 255 18.50 47.52 4.97
N ASP B 256 18.31 48.70 4.39
CA ASP B 256 19.27 49.82 4.51
C ASP B 256 19.61 50.10 5.95
N ILE B 257 18.57 50.29 6.75
CA ILE B 257 18.73 50.58 8.17
C ILE B 257 19.46 49.40 8.83
N GLN B 258 19.10 48.15 8.50
CA GLN B 258 19.87 47.03 9.09
C GLN B 258 21.35 47.04 8.68
N ARG B 259 21.67 47.23 7.40
CA ARG B 259 23.06 47.18 6.96
C ARG B 259 23.84 48.30 7.67
N LYS B 260 23.36 49.53 7.56
CA LYS B 260 23.97 50.69 8.19
C LYS B 260 24.25 50.43 9.67
N ASN B 261 23.27 49.91 10.41
CA ASN B 261 23.48 49.69 11.85
C ASN B 261 24.43 48.52 12.12
N LYS B 262 24.31 47.49 11.30
CA LYS B 262 25.22 46.33 11.42
C LYS B 262 26.65 46.79 11.21
N LYS B 263 26.90 47.52 10.13
CA LYS B 263 28.22 48.05 9.79
C LYS B 263 28.85 48.87 10.92
N ALA B 264 28.05 49.67 11.63
CA ALA B 264 28.55 50.44 12.78
C ALA B 264 29.06 49.53 13.86
N ILE B 265 28.27 48.55 14.24
CA ILE B 265 28.72 47.73 15.34
C ILE B 265 29.91 46.87 14.91
N LYS B 266 29.89 46.40 13.67
CA LYS B 266 30.89 45.47 13.23
C LYS B 266 32.19 46.21 13.05
N ASP B 267 32.18 47.31 12.30
CA ASP B 267 33.34 48.21 12.19
C ASP B 267 33.98 48.34 13.58
N ALA B 268 33.20 48.82 14.54
CA ALA B 268 33.70 48.93 15.91
C ALA B 268 34.19 47.62 16.54
N MET B 269 33.57 46.48 16.29
CA MET B 269 34.01 45.25 16.98
C MET B 269 35.26 44.66 16.35
N ALA B 270 35.48 45.01 15.07
CA ALA B 270 36.62 44.56 14.31
C ALA B 270 37.91 45.08 14.91
N SER B 271 37.82 46.20 15.61
CA SER B 271 38.96 46.71 16.34
C SER B 271 39.20 45.94 17.64
N ILE B 272 38.38 44.97 18.00
CA ILE B 272 38.72 44.10 19.13
C ILE B 272 39.43 42.82 18.63
N PRO B 273 40.75 42.70 18.89
CA PRO B 273 41.58 41.77 18.12
C PRO B 273 41.14 40.29 18.22
N GLU B 274 40.61 39.95 19.38
CA GLU B 274 40.16 38.62 19.71
C GLU B 274 38.87 38.15 18.96
N VAL B 275 38.17 39.07 18.29
CA VAL B 275 36.91 38.73 17.65
C VAL B 275 37.14 38.26 16.22
N SER B 276 36.51 37.15 15.86
CA SER B 276 36.39 36.75 14.46
C SER B 276 34.95 36.81 14.01
N PHE B 277 34.69 37.08 12.74
CA PHE B 277 33.31 37.19 12.29
C PHE B 277 32.80 36.02 11.45
N ARG B 278 31.50 35.76 11.52
CA ARG B 278 30.82 34.94 10.53
C ARG B 278 31.26 35.25 9.09
N GLU B 279 31.54 34.18 8.37
CA GLU B 279 31.73 34.22 6.94
C GLU B 279 30.48 34.57 6.13
N ILE B 280 30.61 35.55 5.25
CA ILE B 280 29.53 36.02 4.40
C ILE B 280 29.93 35.86 2.92
N PRO B 281 29.38 34.86 2.21
CA PRO B 281 29.74 34.63 0.80
C PRO B 281 29.46 35.77 -0.17
N ASP B 282 28.42 36.54 0.08
CA ASP B 282 28.17 37.70 -0.76
C ASP B 282 27.89 38.86 0.15
N PRO B 283 28.93 39.66 0.46
CA PRO B 283 28.78 40.71 1.47
C PRO B 283 27.69 41.75 1.15
N GLU B 284 27.46 42.06 -0.12
CA GLU B 284 26.49 43.10 -0.42
C GLU B 284 25.12 42.49 -0.51
N GLY B 285 25.04 41.16 -0.57
CA GLY B 285 23.76 40.46 -0.41
C GLY B 285 23.25 40.14 0.98
N ASP B 286 24.02 40.52 1.99
CA ASP B 286 23.70 40.35 3.40
C ASP B 286 22.51 41.27 3.77
N SER B 287 21.52 40.66 4.45
CA SER B 287 20.33 41.38 4.87
C SER B 287 20.58 42.10 6.19
N ALA B 288 21.56 41.63 6.98
CA ALA B 288 22.09 42.34 8.14
C ALA B 288 21.22 42.29 9.39
N GLY B 289 20.36 41.28 9.47
CA GLY B 289 19.50 41.16 10.63
C GLY B 289 20.24 40.91 11.93
N PHE B 290 21.42 40.32 11.80
CA PHE B 290 22.23 39.98 12.97
C PHE B 290 23.71 40.25 12.68
N LEU B 291 24.45 40.61 13.72
CA LEU B 291 25.88 40.52 13.67
C LEU B 291 26.28 39.30 14.46
N SER B 292 26.92 38.36 13.78
CA SER B 292 27.31 37.09 14.40
C SER B 292 28.81 37.00 14.47
N PHE B 293 29.33 36.69 15.64
CA PHE B 293 30.78 36.68 15.85
C PHE B 293 31.21 35.49 16.71
N MET B 294 32.46 35.09 16.61
CA MET B 294 32.99 33.91 17.32
C MET B 294 34.15 34.23 18.27
N LEU B 295 34.24 33.48 19.37
CA LEU B 295 35.33 33.64 20.29
C LEU B 295 36.19 32.40 20.19
N PRO B 296 37.40 32.39 20.76
CA PRO B 296 38.29 31.26 20.47
C PRO B 296 37.94 29.99 21.20
N THR B 297 37.29 30.14 22.35
CA THR B 297 36.88 28.99 23.15
C THR B 297 35.43 29.13 23.59
N GLU B 298 34.86 27.98 23.96
CA GLU B 298 33.53 27.89 24.58
C GLU B 298 33.54 28.68 25.89
N ALA B 299 34.47 28.39 26.81
CA ALA B 299 34.50 29.13 28.08
C ALA B 299 34.43 30.64 27.83
N ARG B 300 35.16 31.14 26.86
CA ARG B 300 35.22 32.58 26.65
C ARG B 300 33.92 33.13 26.08
N THR B 301 33.27 32.29 25.29
CA THR B 301 31.96 32.61 24.77
C THR B 301 30.94 32.71 25.89
N GLN B 302 30.89 31.70 26.74
CA GLN B 302 30.02 31.78 27.90
C GLN B 302 30.25 33.12 28.62
N GLU B 303 31.50 33.37 29.04
CA GLU B 303 31.90 34.61 29.70
C GLU B 303 31.40 35.86 28.96
N ILE B 304 31.66 35.97 27.67
CA ILE B 304 31.24 37.16 26.91
C ILE B 304 29.73 37.32 26.89
N SER B 305 29.01 36.20 26.68
CA SER B 305 27.55 36.23 26.76
C SER B 305 27.10 36.93 28.05
N LYS B 306 27.56 36.45 29.22
CA LYS B 306 27.20 37.04 30.51
C LYS B 306 27.54 38.54 30.59
N LYS B 307 28.77 38.87 30.18
CA LYS B 307 29.28 40.23 30.28
C LYS B 307 28.57 41.19 29.37
N LEU B 308 28.19 40.70 28.20
CA LEU B 308 27.37 41.49 27.29
C LEU B 308 26.04 41.87 27.94
N ALA B 309 25.39 40.91 28.61
CA ALA B 309 24.07 41.14 29.18
C ALA B 309 24.26 42.07 30.37
N ALA B 310 25.19 41.76 31.26
CA ALA B 310 25.56 42.66 32.36
C ALA B 310 25.88 44.12 31.99
N ASN B 311 26.47 44.38 30.82
CA ASN B 311 26.77 45.73 30.35
C ASN B 311 25.67 46.38 29.49
N GLY B 312 24.50 45.73 29.44
CA GLY B 312 23.32 46.23 28.73
C GLY B 312 23.41 46.13 27.22
N VAL B 313 24.10 45.07 26.78
CA VAL B 313 24.14 44.75 25.37
C VAL B 313 23.07 43.66 25.22
N ASP B 314 21.86 44.16 25.00
CA ASP B 314 20.71 43.31 24.85
C ASP B 314 20.62 42.82 23.40
N GLY B 315 19.81 41.80 23.23
CA GLY B 315 19.54 41.27 21.90
C GLY B 315 20.63 40.33 21.47
N CYS B 316 21.27 39.65 22.42
CA CYS B 316 22.42 38.80 22.17
C CYS B 316 22.01 37.35 22.39
N PHE B 317 22.28 36.50 21.40
CA PHE B 317 21.77 35.12 21.41
C PHE B 317 22.92 34.14 21.33
N TYR B 318 23.13 33.36 22.38
CA TYR B 318 24.16 32.31 22.38
C TYR B 318 23.37 31.04 22.08
N TRP B 319 23.19 30.79 20.78
CA TRP B 319 22.22 29.82 20.30
C TRP B 319 22.49 28.47 20.90
N TYR B 320 23.77 28.15 21.04
CA TYR B 320 24.25 26.83 21.49
C TYR B 320 23.64 26.39 22.80
N VAL B 321 23.29 27.40 23.59
CA VAL B 321 22.90 27.22 24.99
C VAL B 321 21.38 27.46 25.16
N ASN B 322 20.69 27.81 24.07
CA ASN B 322 19.28 28.18 24.07
C ASN B 322 18.40 27.12 23.38
N ASN B 323 17.09 27.27 23.51
CA ASN B 323 16.15 26.17 23.31
C ASN B 323 15.56 26.03 21.91
N TRP B 324 15.65 27.05 21.07
CA TRP B 324 14.78 27.14 19.92
C TRP B 324 15.55 27.04 18.59
N HIS B 325 16.86 27.03 18.64
CA HIS B 325 17.60 27.10 17.41
C HIS B 325 18.81 26.20 17.29
N TYR B 326 19.02 25.24 18.19
CA TYR B 326 20.11 24.34 17.98
C TYR B 326 19.82 22.93 18.48
N LEU B 327 20.03 21.99 17.59
CA LEU B 327 19.74 20.57 17.82
C LEU B 327 20.07 20.05 19.20
N LYS B 328 21.16 20.52 19.79
CA LYS B 328 21.65 19.97 21.04
C LYS B 328 20.65 20.13 22.18
N ASN B 329 19.92 21.23 22.16
CA ASN B 329 18.91 21.46 23.21
C ASN B 329 17.51 21.05 22.78
N TRP B 330 17.39 20.18 21.77
CA TRP B 330 16.11 19.69 21.28
C TRP B 330 15.87 18.23 21.67
N LYS B 331 15.79 17.97 22.95
CA LYS B 331 15.55 16.63 23.43
C LYS B 331 14.21 16.13 22.93
N HIS B 332 13.21 17.01 22.94
CA HIS B 332 11.87 16.72 22.39
C HIS B 332 11.91 16.13 20.97
N ILE B 333 12.73 16.70 20.09
CA ILE B 333 12.90 16.22 18.72
C ILE B 333 13.71 14.92 18.67
N GLN B 334 14.83 14.95 19.36
CA GLN B 334 15.69 13.79 19.46
C GLN B 334 14.95 12.57 19.89
N GLU B 335 14.03 12.67 20.85
CA GLU B 335 13.28 11.51 21.36
C GLU B 335 11.87 11.39 20.80
N LEU B 336 11.60 12.17 19.75
CA LEU B 336 10.30 12.22 19.08
C LEU B 336 9.10 12.39 20.03
N LYS B 337 9.18 13.32 20.97
CA LYS B 337 8.16 13.49 21.99
C LYS B 337 6.95 14.20 21.39
N ALA B 338 5.80 13.55 21.52
CA ALA B 338 4.51 14.13 21.14
C ALA B 338 3.35 13.35 21.78
N PRO B 339 2.13 13.94 21.84
CA PRO B 339 1.04 13.26 22.55
C PRO B 339 0.37 12.15 21.75
N ALA B 340 0.63 12.14 20.45
CA ALA B 340 0.28 11.07 19.52
C ALA B 340 1.46 10.81 18.59
N ALA B 341 1.43 9.63 17.98
CA ALA B 341 2.55 9.13 17.18
C ALA B 341 2.66 9.98 15.94
N LEU B 342 3.86 10.49 15.64
CA LEU B 342 4.08 11.33 14.46
C LEU B 342 4.29 10.45 13.20
N PRO B 343 4.06 11.01 12.00
CA PRO B 343 4.19 10.19 10.80
C PRO B 343 5.56 9.56 10.58
N ILE B 344 6.64 10.20 11.04
CA ILE B 344 7.98 9.62 11.03
C ILE B 344 8.05 8.24 11.68
N THR B 345 7.18 7.99 12.67
CA THR B 345 7.17 6.69 13.36
C THR B 345 6.76 5.49 12.49
N LEU B 346 6.13 5.73 11.35
CA LEU B 346 5.83 4.66 10.39
C LEU B 346 7.04 4.27 9.48
N ILE B 347 8.21 4.89 9.63
CA ILE B 347 9.42 4.56 8.86
C ILE B 347 10.31 3.79 9.78
N ALA B 348 10.41 2.48 9.53
CA ALA B 348 10.95 1.60 10.57
C ALA B 348 12.49 1.67 10.65
N ASP B 349 13.20 2.08 9.60
CA ASP B 349 14.65 2.35 9.75
C ASP B 349 15.02 3.86 9.73
N ARG B 350 14.15 4.67 10.32
CA ARG B 350 14.50 5.91 10.99
C ARG B 350 15.94 5.94 11.51
N PRO B 351 16.66 7.06 11.35
CA PRO B 351 17.84 7.23 12.21
C PRO B 351 17.45 7.31 13.67
N ASP B 352 18.38 6.96 14.58
CA ASP B 352 18.27 7.27 16.01
C ASP B 352 18.68 8.73 16.26
N TYR B 353 17.73 9.57 16.59
CA TYR B 353 17.94 11.02 16.69
C TYR B 353 18.53 11.46 18.02
N THR B 354 18.78 10.56 18.96
CA THR B 354 19.64 10.81 20.11
C THR B 354 21.15 10.62 19.88
N GLN B 355 21.52 10.11 18.71
CA GLN B 355 22.90 9.79 18.34
C GLN B 355 23.45 10.63 17.19
N ILE B 356 22.93 11.83 16.96
CA ILE B 356 23.36 12.55 15.77
C ILE B 356 24.69 13.17 16.13
N SER B 357 25.63 13.11 15.20
CA SER B 357 26.94 13.63 15.53
C SER B 357 27.15 14.77 14.52
N VAL B 358 27.24 15.99 15.02
CA VAL B 358 27.57 17.12 14.16
C VAL B 358 28.74 17.89 14.81
N PRO B 359 29.90 17.23 14.97
CA PRO B 359 31.00 17.81 15.73
C PRO B 359 31.51 19.14 15.20
N LYS B 360 31.54 19.32 13.89
CA LYS B 360 32.03 20.58 13.34
C LYS B 360 31.05 21.71 13.65
N SER B 361 29.78 21.35 13.74
CA SER B 361 28.74 22.32 13.96
C SER B 361 28.82 22.78 15.41
N ASP B 362 29.09 21.82 16.27
CA ASP B 362 29.20 22.08 17.69
C ASP B 362 30.37 23.02 17.94
N ALA B 363 31.44 22.79 17.21
CA ALA B 363 32.68 23.50 17.44
C ALA B 363 32.52 24.95 17.01
N ILE B 364 31.77 25.20 15.92
CA ILE B 364 31.45 26.57 15.52
C ILE B 364 30.42 27.17 16.48
N MET B 365 29.30 26.49 16.69
CA MET B 365 28.18 27.07 17.46
C MET B 365 28.51 27.27 18.94
N SER B 366 29.33 26.39 19.53
CA SER B 366 29.72 26.58 20.93
C SER B 366 30.47 27.86 21.21
N ARG B 367 30.89 28.53 20.14
CA ARG B 367 31.67 29.76 20.23
C ARG B 367 31.03 30.92 19.49
N THR B 368 29.79 30.74 19.04
CA THR B 368 29.17 31.77 18.24
C THR B 368 28.16 32.53 19.08
N ILE B 369 28.09 33.83 18.88
CA ILE B 369 27.02 34.66 19.43
C ILE B 369 26.52 35.61 18.37
N SER B 370 25.20 35.76 18.24
CA SER B 370 24.62 36.70 17.29
C SER B 370 23.76 37.75 17.97
N MET B 371 23.84 38.97 17.45
CA MET B 371 23.23 40.14 18.04
C MET B 371 22.24 40.66 17.03
N LEU B 372 20.99 40.72 17.44
CA LEU B 372 19.92 41.21 16.58
C LEU B 372 20.09 42.72 16.32
N ILE B 373 20.15 43.10 15.06
CA ILE B 373 20.20 44.49 14.65
C ILE B 373 18.76 44.98 14.68
N LYS B 374 18.48 45.91 15.60
CA LYS B 374 17.18 46.60 15.63
C LYS B 374 17.07 47.79 14.65
N LEU B 375 15.86 48.23 14.29
CA LEU B 375 15.66 49.45 13.51
C LEU B 375 15.47 50.74 14.33
N SER B 376 15.09 50.65 15.59
CA SER B 376 14.77 51.86 16.35
C SER B 376 16.00 52.62 16.84
N TRP B 377 17.20 52.04 16.73
CA TRP B 377 18.36 52.53 17.44
C TRP B 377 18.77 53.91 16.99
N THR B 378 18.96 54.86 17.90
CA THR B 378 19.51 56.21 17.57
C THR B 378 21.03 56.17 17.42
N ASP B 379 21.59 57.23 16.84
CA ASP B 379 23.06 57.38 16.75
C ASP B 379 23.70 57.27 18.13
N ALA B 380 23.09 57.83 19.17
CA ALA B 380 23.65 57.74 20.51
C ALA B 380 23.49 56.39 21.19
N GLN B 381 22.35 55.73 20.96
CA GLN B 381 22.20 54.35 21.47
C GLN B 381 23.26 53.43 20.85
N ILE B 382 23.51 53.56 19.55
CA ILE B 382 24.59 52.83 18.89
C ILE B 382 25.95 53.13 19.55
N ALA B 383 26.27 54.41 19.71
CA ALA B 383 27.54 54.84 20.34
C ALA B 383 27.70 54.27 21.74
N GLU B 384 26.61 54.28 22.51
CA GLU B 384 26.59 53.69 23.84
C GLU B 384 26.74 52.15 23.77
N ARG B 385 26.10 51.55 22.75
CA ARG B 385 26.16 50.10 22.58
C ARG B 385 27.58 49.65 22.29
N ILE B 386 28.20 50.30 21.32
CA ILE B 386 29.60 50.09 20.95
C ILE B 386 30.55 50.14 22.14
N GLU B 387 30.41 51.21 22.91
CA GLU B 387 31.25 51.44 24.08
C GLU B 387 30.95 50.34 25.11
N ASN B 388 29.70 49.92 25.21
CA ASN B 388 29.31 48.87 26.16
C ASN B 388 29.86 47.47 25.81
N ILE B 389 29.97 47.24 24.50
CA ILE B 389 30.47 45.98 23.99
C ILE B 389 31.93 46.01 24.39
N LYS B 390 32.59 47.12 24.08
CA LYS B 390 33.99 47.37 24.48
C LYS B 390 34.30 47.11 25.94
N LYS B 391 33.43 47.55 26.85
CA LYS B 391 33.62 47.25 28.27
C LYS B 391 33.57 45.75 28.55
N ALA B 392 32.62 45.07 27.91
CA ALA B 392 32.42 43.63 28.14
C ALA B 392 33.65 42.79 27.72
N PHE B 393 34.28 43.18 26.61
CA PHE B 393 35.49 42.50 26.11
C PHE B 393 36.73 42.84 26.94
N ALA B 394 36.76 44.04 27.56
CA ALA B 394 37.84 44.48 28.44
C ALA B 394 38.21 43.50 29.56
N GLN B 395 39.45 43.01 29.51
CA GLN B 395 39.98 41.94 30.37
C GLN B 395 41.39 42.32 30.85
N PRO C 2 22.71 -19.81 -0.06
CA PRO C 2 21.30 -20.17 -0.05
C PRO C 2 20.89 -20.76 1.28
N GLY C 3 19.59 -20.64 1.55
CA GLY C 3 18.98 -21.05 2.80
C GLY C 3 19.39 -22.44 3.25
N PHE C 4 19.55 -23.38 2.33
CA PHE C 4 19.83 -24.75 2.76
C PHE C 4 21.09 -24.89 3.59
N GLU C 5 21.98 -23.93 3.39
CA GLU C 5 23.26 -23.94 4.10
C GLU C 5 23.16 -23.73 5.60
N LEU C 6 22.16 -23.00 6.06
CA LEU C 6 21.75 -22.95 7.47
C LEU C 6 20.66 -23.93 7.88
N PHE C 7 20.52 -25.06 7.20
CA PHE C 7 19.67 -26.14 7.73
C PHE C 7 20.21 -26.59 9.07
N GLY C 8 19.41 -26.39 10.11
CA GLY C 8 19.54 -27.16 11.34
C GLY C 8 18.24 -27.51 12.06
N PRO C 9 18.25 -27.32 13.38
CA PRO C 9 17.14 -27.87 14.17
C PRO C 9 15.82 -27.10 14.06
N GLU C 10 15.82 -25.81 13.73
CA GLU C 10 14.56 -25.10 13.51
C GLU C 10 13.67 -25.71 12.39
N GLU C 11 14.35 -26.16 11.33
CA GLU C 11 13.69 -26.71 10.15
C GLU C 11 13.19 -28.11 10.48
N LYS C 12 14.04 -28.93 11.09
CA LYS C 12 13.61 -30.25 11.56
C LYS C 12 12.38 -30.13 12.45
N GLN C 13 12.40 -29.19 13.40
CA GLN C 13 11.35 -29.05 14.43
C GLN C 13 10.07 -28.69 13.73
N GLU C 14 10.11 -27.71 12.84
CA GLU C 14 8.86 -27.16 12.39
C GLU C 14 8.10 -28.10 11.44
N VAL C 15 8.87 -28.89 10.70
CA VAL C 15 8.30 -29.89 9.81
C VAL C 15 7.80 -31.07 10.65
N ALA C 16 8.57 -31.53 11.62
CA ALA C 16 8.10 -32.57 12.55
C ALA C 16 6.84 -32.14 13.31
N ASP C 17 6.69 -30.86 13.62
CA ASP C 17 5.47 -30.45 14.28
C ASP C 17 4.23 -30.62 13.37
N VAL C 18 4.37 -30.45 12.06
CA VAL C 18 3.32 -30.77 11.11
C VAL C 18 3.02 -32.26 11.18
N MET C 19 4.06 -33.09 11.16
CA MET C 19 3.88 -34.54 11.18
C MET C 19 3.26 -35.04 12.47
N GLU C 20 3.67 -34.50 13.61
CA GLU C 20 3.25 -35.02 14.92
C GLU C 20 1.91 -34.50 15.43
N HIS C 21 1.53 -33.30 15.04
CA HIS C 21 0.41 -32.61 15.66
C HIS C 21 -0.46 -31.81 14.66
N GLY C 22 -0.04 -31.72 13.39
CA GLY C 22 -0.73 -30.89 12.40
C GLY C 22 -1.33 -31.84 11.38
N PHE C 23 -1.52 -31.28 10.20
CA PHE C 23 -2.09 -32.00 9.08
C PHE C 23 -1.41 -31.47 7.83
N THR C 24 -1.57 -32.20 6.72
CA THR C 24 -0.83 -31.97 5.49
C THR C 24 -1.43 -30.85 4.67
N PHE C 25 -2.68 -30.50 4.91
CA PHE C 25 -3.47 -29.64 4.02
C PHE C 25 -3.54 -28.19 4.51
N ARG C 26 -3.40 -27.17 3.66
CA ARG C 26 -3.21 -25.79 4.17
C ARG C 26 -4.46 -25.16 4.77
N TYR C 27 -5.59 -25.75 4.44
CA TYR C 27 -6.87 -25.26 4.85
C TYR C 27 -7.64 -26.30 5.66
N ASN C 28 -8.71 -25.83 6.32
CA ASN C 28 -9.78 -26.68 6.90
C ASN C 28 -9.19 -27.67 7.91
N PHE C 29 -9.83 -28.79 8.26
CA PHE C 29 -9.28 -29.74 9.25
C PHE C 29 -8.97 -29.20 10.67
N ASP C 30 -9.80 -28.23 11.08
CA ASP C 30 -9.66 -27.49 12.36
C ASP C 30 -9.64 -28.48 13.54
N HIS C 31 -10.48 -29.50 13.48
CA HIS C 31 -10.43 -30.62 14.44
C HIS C 31 -9.05 -31.29 14.56
N MET C 32 -8.55 -31.86 13.48
CA MET C 32 -7.34 -32.68 13.57
C MET C 32 -5.96 -32.02 13.42
N ARG C 33 -5.88 -30.76 12.99
CA ARG C 33 -4.57 -30.03 12.93
C ARG C 33 -4.07 -29.34 14.21
N ASN C 34 -4.89 -29.21 15.25
CA ASN C 34 -4.42 -28.70 16.56
C ASN C 34 -3.80 -27.32 16.47
N ASP C 35 -4.50 -26.43 15.77
CA ASP C 35 -4.06 -25.05 15.53
C ASP C 35 -2.70 -24.86 14.82
N ARG C 36 -2.14 -25.90 14.17
CA ARG C 36 -0.99 -25.76 13.27
C ARG C 36 -1.43 -25.28 11.91
N TRP C 37 -1.23 -23.99 11.67
CA TRP C 37 -1.52 -23.37 10.38
C TRP C 37 -0.24 -22.80 9.74
N LYS C 38 0.65 -23.71 9.30
CA LYS C 38 1.97 -23.31 8.80
C LYS C 38 1.93 -22.37 7.61
N THR C 39 1.13 -22.69 6.61
CA THR C 39 1.03 -21.83 5.45
C THR C 39 0.45 -20.48 5.78
N ARG C 40 -0.60 -20.52 6.59
CA ARG C 40 -1.12 -19.29 7.18
C ARG C 40 -0.09 -18.46 7.94
N ASP C 41 0.75 -19.12 8.72
CA ASP C 41 1.73 -18.41 9.56
C ASP C 41 2.79 -17.78 8.66
N MET C 42 3.30 -18.51 7.68
CA MET C 42 4.31 -17.94 6.79
C MET C 42 3.74 -16.79 5.99
N GLU C 43 2.51 -16.88 5.50
CA GLU C 43 1.87 -15.78 4.78
C GLU C 43 1.88 -14.53 5.63
N GLN C 44 1.46 -14.68 6.88
CA GLN C 44 1.37 -13.57 7.83
C GLN C 44 2.76 -12.98 8.17
N LEU C 45 3.73 -13.87 8.40
CA LEU C 45 5.11 -13.46 8.55
C LEU C 45 5.65 -12.72 7.34
N LEU C 46 5.29 -13.12 6.12
CA LEU C 46 5.72 -12.35 4.95
C LEU C 46 5.10 -10.94 4.91
N CYS C 47 3.86 -10.85 5.35
CA CYS C 47 3.12 -9.59 5.40
C CYS C 47 3.71 -8.59 6.41
N GLU C 48 4.22 -9.10 7.55
CA GLU C 48 4.89 -8.31 8.57
C GLU C 48 6.26 -7.89 8.04
N LYS C 49 7.14 -8.87 7.83
CA LYS C 49 8.53 -8.60 7.49
C LYS C 49 8.68 -7.74 6.26
N MET C 50 7.80 -7.87 5.28
CA MET C 50 7.91 -7.06 4.08
C MET C 50 7.01 -5.84 4.10
N ASN C 51 6.26 -5.62 5.18
CA ASN C 51 5.34 -4.50 5.23
C ASN C 51 4.43 -4.42 4.00
N VAL C 52 3.75 -5.54 3.78
CA VAL C 52 2.85 -5.71 2.63
C VAL C 52 1.55 -6.30 3.19
N LYS C 53 0.47 -5.88 2.54
CA LYS C 53 -0.88 -6.19 3.01
C LYS C 53 -1.25 -7.68 2.95
N HIS C 54 -1.05 -8.30 1.79
CA HIS C 54 -1.38 -9.71 1.51
C HIS C 54 -0.17 -10.48 0.91
N ALA C 55 0.00 -11.72 1.37
CA ALA C 55 0.93 -12.75 0.89
C ALA C 55 0.16 -14.05 0.62
N HIS C 56 0.37 -14.70 -0.54
CA HIS C 56 -0.27 -16.02 -0.80
C HIS C 56 0.76 -17.04 -1.23
N LEU C 57 0.98 -18.05 -0.39
CA LEU C 57 2.01 -19.06 -0.57
C LEU C 57 1.43 -20.08 -1.49
N LEU C 58 2.22 -20.59 -2.42
CA LEU C 58 1.78 -21.63 -3.37
C LEU C 58 2.93 -22.49 -3.84
N SER C 59 2.73 -23.30 -4.88
CA SER C 59 3.58 -24.51 -5.07
C SER C 59 5.00 -24.21 -5.57
N SER C 60 5.21 -23.07 -6.25
CA SER C 60 6.51 -22.61 -6.71
C SER C 60 6.53 -21.12 -7.10
N GLY C 61 7.76 -20.61 -7.27
CA GLY C 61 7.97 -19.33 -7.89
C GLY C 61 7.31 -19.24 -9.25
N THR C 62 7.47 -20.28 -10.08
CA THR C 62 6.86 -20.33 -11.39
C THR C 62 5.35 -20.13 -11.34
N ALA C 63 4.72 -20.92 -10.48
CA ALA C 63 3.27 -20.83 -10.29
C ALA C 63 2.81 -19.48 -9.70
N ALA C 64 3.67 -18.88 -8.89
CA ALA C 64 3.45 -17.53 -8.38
C ALA C 64 3.39 -16.58 -9.56
N LEU C 65 4.31 -16.75 -10.50
CA LEU C 65 4.30 -15.91 -11.69
C LEU C 65 2.99 -16.06 -12.47
N GLN C 66 2.62 -17.32 -12.69
CA GLN C 66 1.41 -17.64 -13.46
C GLN C 66 0.16 -17.09 -12.77
N THR C 67 0.15 -17.27 -11.46
CA THR C 67 -0.94 -16.82 -10.65
C THR C 67 -1.05 -15.33 -10.53
N ALA C 68 0.09 -14.69 -10.27
CA ALA C 68 0.23 -13.24 -10.24
C ALA C 68 -0.29 -12.56 -11.48
N MET C 69 0.07 -13.07 -12.66
CA MET C 69 -0.43 -12.49 -13.89
C MET C 69 -1.94 -12.58 -14.04
N MET C 70 -2.47 -13.79 -13.77
CA MET C 70 -3.90 -14.09 -13.88
C MET C 70 -4.65 -13.14 -12.95
N ALA C 71 -4.18 -13.12 -11.73
CA ALA C 71 -4.75 -12.33 -10.67
C ALA C 71 -4.78 -10.83 -10.95
N ALA C 72 -3.83 -10.35 -11.75
CA ALA C 72 -3.62 -8.93 -11.99
C ALA C 72 -4.27 -8.48 -13.29
N GLY C 73 -4.80 -9.47 -14.01
CA GLY C 73 -5.67 -9.28 -15.15
C GLY C 73 -4.88 -9.37 -16.42
N ILE C 74 -3.69 -9.93 -16.28
CA ILE C 74 -2.77 -10.10 -17.39
C ILE C 74 -2.97 -11.46 -18.01
N GLY C 75 -3.37 -11.47 -19.28
CA GLY C 75 -3.72 -12.74 -19.92
C GLY C 75 -3.59 -12.79 -21.43
N ALA C 76 -4.43 -13.60 -22.04
CA ALA C 76 -4.33 -13.91 -23.46
C ALA C 76 -4.23 -12.67 -24.35
N GLY C 77 -3.20 -12.63 -25.19
CA GLY C 77 -3.00 -11.50 -26.10
C GLY C 77 -2.27 -10.27 -25.56
N ASP C 78 -2.17 -10.14 -24.24
CA ASP C 78 -1.51 -9.00 -23.56
C ASP C 78 0.00 -9.03 -23.75
N GLU C 79 0.55 -7.89 -24.15
CA GLU C 79 2.01 -7.74 -24.29
C GLU C 79 2.59 -7.45 -22.92
N VAL C 80 3.54 -8.28 -22.52
CA VAL C 80 4.21 -8.19 -21.25
C VAL C 80 5.70 -8.01 -21.55
N ILE C 81 6.25 -6.86 -21.16
CA ILE C 81 7.67 -6.58 -21.34
C ILE C 81 8.55 -7.36 -20.38
N VAL C 82 9.58 -8.07 -20.86
CA VAL C 82 10.47 -8.95 -20.05
C VAL C 82 11.95 -8.77 -20.44
N PRO C 83 12.88 -9.02 -19.52
CA PRO C 83 14.28 -8.95 -19.89
C PRO C 83 14.74 -10.23 -20.59
N PRO C 84 15.77 -10.14 -21.44
CA PRO C 84 16.44 -11.30 -22.00
C PRO C 84 17.26 -12.10 -20.99
N PHE C 85 17.63 -11.42 -19.91
CA PHE C 85 18.40 -12.05 -18.84
C PHE C 85 17.44 -12.28 -17.71
N THR C 86 17.11 -13.56 -17.50
CA THR C 86 16.27 -13.99 -16.38
C THR C 86 16.20 -15.47 -16.46
N PHE C 87 15.70 -16.10 -15.41
CA PHE C 87 15.41 -17.53 -15.50
C PHE C 87 14.26 -17.86 -16.47
N VAL C 88 14.31 -19.02 -17.13
CA VAL C 88 13.35 -19.35 -18.18
C VAL C 88 11.90 -19.25 -17.77
N ALA C 89 11.62 -19.52 -16.49
CA ALA C 89 10.25 -19.45 -15.97
C ALA C 89 9.61 -18.11 -16.30
N SER C 90 10.37 -17.03 -16.25
CA SER C 90 9.78 -15.72 -16.53
C SER C 90 9.01 -15.75 -17.85
N VAL C 91 9.62 -16.32 -18.88
CA VAL C 91 9.09 -16.34 -20.23
C VAL C 91 8.00 -17.41 -20.38
N GLU C 92 8.24 -18.56 -19.76
CA GLU C 92 7.33 -19.67 -19.77
C GLU C 92 6.00 -19.18 -19.24
N ALA C 93 6.03 -18.58 -18.07
CA ALA C 93 4.80 -18.15 -17.43
C ALA C 93 4.03 -17.20 -18.35
N ILE C 94 4.72 -16.26 -19.00
CA ILE C 94 4.09 -15.34 -19.93
C ILE C 94 3.37 -16.11 -21.06
N PHE C 95 4.09 -17.04 -21.68
CA PHE C 95 3.55 -17.76 -22.82
C PHE C 95 2.40 -18.68 -22.40
N MET C 96 2.50 -19.23 -21.19
CA MET C 96 1.55 -20.19 -20.73
C MET C 96 0.24 -19.53 -20.38
N ALA C 97 0.24 -18.21 -20.17
CA ALA C 97 -1.01 -17.53 -19.95
C ALA C 97 -1.65 -17.12 -21.28
N GLY C 98 -1.00 -17.39 -22.42
CA GLY C 98 -1.37 -16.75 -23.67
C GLY C 98 -0.95 -15.30 -23.80
N ALA C 99 -0.14 -14.79 -22.88
CA ALA C 99 0.42 -13.43 -23.04
C ALA C 99 1.59 -13.48 -24.02
N VAL C 100 2.06 -12.30 -24.43
CA VAL C 100 3.00 -12.12 -25.55
C VAL C 100 4.24 -11.46 -24.98
N PRO C 101 5.33 -12.23 -24.81
CA PRO C 101 6.55 -11.63 -24.27
C PRO C 101 7.10 -10.58 -25.21
N ILE C 102 7.41 -9.40 -24.69
CA ILE C 102 8.11 -8.35 -25.43
C ILE C 102 9.46 -8.15 -24.78
N PHE C 103 10.52 -8.63 -25.43
CA PHE C 103 11.86 -8.47 -24.89
C PHE C 103 12.34 -7.03 -24.94
N ALA C 104 12.82 -6.50 -23.80
CA ALA C 104 13.49 -5.19 -23.73
C ALA C 104 14.88 -5.29 -23.09
N GLU C 105 15.67 -4.26 -23.35
CA GLU C 105 17.10 -4.27 -23.06
C GLU C 105 17.30 -4.13 -21.58
N ILE C 106 18.23 -4.88 -20.99
CA ILE C 106 18.74 -4.58 -19.67
C ILE C 106 19.80 -3.48 -19.79
N ASP C 107 20.20 -2.88 -18.68
CA ASP C 107 21.35 -1.98 -18.64
C ASP C 107 22.31 -2.59 -17.61
N GLU C 108 23.21 -1.78 -17.10
CA GLU C 108 24.30 -2.27 -16.30
C GLU C 108 23.84 -2.69 -14.94
N THR C 109 22.59 -2.40 -14.59
CA THR C 109 22.00 -3.03 -13.42
C THR C 109 21.66 -4.51 -13.54
N LEU C 110 21.80 -5.04 -14.74
CA LEU C 110 21.44 -6.39 -15.13
C LEU C 110 19.92 -6.55 -15.09
N CYS C 111 19.15 -5.50 -14.82
CA CYS C 111 17.68 -5.52 -14.91
C CYS C 111 17.21 -4.65 -16.07
N LEU C 112 15.94 -4.74 -16.39
CA LEU C 112 15.33 -3.90 -17.40
C LEU C 112 15.78 -2.44 -17.33
N SER C 113 16.29 -1.89 -18.42
CA SER C 113 16.52 -0.45 -18.50
C SER C 113 15.23 0.39 -18.69
N PRO C 114 15.13 1.56 -18.05
CA PRO C 114 13.98 2.44 -18.35
C PRO C 114 13.81 2.69 -19.83
N GLU C 115 14.92 2.95 -20.49
CA GLU C 115 14.90 3.39 -21.87
C GLU C 115 14.56 2.23 -22.77
N GLY C 116 15.17 1.08 -22.50
CA GLY C 116 14.85 -0.19 -23.18
C GLY C 116 13.35 -0.51 -23.08
N ILE C 117 12.75 -0.29 -21.91
CA ILE C 117 11.30 -0.46 -21.73
C ILE C 117 10.56 0.57 -22.60
N GLU C 118 10.92 1.84 -22.46
CA GLU C 118 10.30 2.92 -23.26
C GLU C 118 10.34 2.60 -24.74
N ALA C 119 11.44 1.99 -25.20
CA ALA C 119 11.64 1.64 -26.62
C ALA C 119 10.84 0.47 -27.21
N VAL C 120 9.95 -0.16 -26.46
CA VAL C 120 9.12 -1.24 -26.99
C VAL C 120 7.65 -1.12 -26.57
N ILE C 121 7.33 -0.17 -25.69
CA ILE C 121 5.96 0.12 -25.32
C ILE C 121 5.10 0.49 -26.52
N THR C 122 4.06 -0.30 -26.75
CA THR C 122 3.09 -0.13 -27.82
C THR C 122 1.76 0.19 -27.13
N PRO C 123 0.70 0.42 -27.93
CA PRO C 123 -0.62 0.56 -27.32
C PRO C 123 -1.18 -0.77 -26.80
N ARG C 124 -0.74 -1.90 -27.34
CA ARG C 124 -1.00 -3.24 -26.78
C ARG C 124 -0.27 -3.64 -25.47
N THR C 125 0.62 -2.78 -24.97
CA THR C 125 1.46 -3.13 -23.81
C THR C 125 0.57 -3.10 -22.60
N LYS C 126 0.61 -4.16 -21.78
CA LYS C 126 -0.22 -4.23 -20.58
C LYS C 126 0.57 -4.32 -19.29
N ALA C 127 1.76 -4.92 -19.31
CA ALA C 127 2.48 -5.09 -18.04
C ALA C 127 4.01 -5.07 -18.22
N ILE C 128 4.71 -4.63 -17.20
CA ILE C 128 6.16 -4.81 -17.15
C ILE C 128 6.46 -5.93 -16.17
N ASN C 129 7.13 -6.95 -16.68
CA ASN C 129 7.57 -8.10 -15.87
C ASN C 129 9.03 -7.77 -15.51
N LEU C 130 9.21 -7.08 -14.41
CA LEU C 130 10.52 -6.62 -13.94
C LEU C 130 11.16 -7.70 -13.07
N VAL C 131 12.40 -8.11 -13.33
CA VAL C 131 13.03 -9.12 -12.51
C VAL C 131 14.23 -8.53 -11.81
N HIS C 132 14.28 -8.74 -10.50
CA HIS C 132 15.43 -8.41 -9.70
C HIS C 132 16.47 -9.51 -9.74
N MET C 133 17.30 -9.47 -10.78
CA MET C 133 18.23 -10.59 -11.07
C MET C 133 19.44 -10.58 -10.16
N CYS C 134 19.83 -11.78 -9.76
CA CYS C 134 21.03 -11.96 -8.97
C CYS C 134 21.14 -11.08 -7.73
N GLY C 135 20.03 -10.93 -7.02
CA GLY C 135 20.08 -10.35 -5.69
C GLY C 135 19.88 -8.85 -5.56
N SER C 136 19.71 -8.14 -6.68
CA SER C 136 19.65 -6.69 -6.63
C SER C 136 18.71 -6.14 -7.70
N MET C 137 18.62 -4.81 -7.81
CA MET C 137 17.45 -4.20 -8.41
C MET C 137 17.71 -3.30 -9.60
N ALA C 138 16.60 -2.91 -10.22
CA ALA C 138 16.57 -1.94 -11.31
C ALA C 138 16.42 -0.54 -10.75
N LYS C 139 16.42 0.38 -11.71
CA LYS C 139 16.16 1.77 -11.45
C LYS C 139 14.66 1.91 -11.21
N MET C 140 14.27 1.64 -9.97
CA MET C 140 12.83 1.53 -9.68
C MET C 140 11.97 2.78 -9.83
N ASP C 141 12.37 3.97 -9.41
CA ASP C 141 11.47 5.14 -9.44
C ASP C 141 11.13 5.48 -10.88
N GLU C 142 12.13 5.38 -11.75
CA GLU C 142 11.96 5.60 -13.18
CA GLU C 142 11.95 5.61 -13.20
C GLU C 142 11.01 4.55 -13.79
N ILE C 143 11.20 3.29 -13.44
CA ILE C 143 10.29 2.26 -13.92
C ILE C 143 8.85 2.48 -13.44
N LYS C 144 8.68 2.83 -12.16
CA LYS C 144 7.39 3.22 -11.63
C LYS C 144 6.81 4.40 -12.40
N ALA C 145 7.60 5.43 -12.66
CA ALA C 145 7.07 6.56 -13.42
C ALA C 145 6.59 6.14 -14.82
N ILE C 146 7.32 5.22 -15.46
CA ILE C 146 6.88 4.71 -16.75
C ILE C 146 5.54 3.95 -16.64
N CYS C 147 5.36 3.22 -15.53
CA CYS C 147 4.11 2.50 -15.28
C CYS C 147 2.95 3.43 -15.02
N LYS C 148 3.18 4.50 -14.26
CA LYS C 148 2.13 5.47 -14.04
C LYS C 148 1.76 6.09 -15.38
N LYS C 149 2.76 6.49 -16.18
CA LYS C 149 2.51 7.26 -17.38
C LYS C 149 1.69 6.48 -18.41
N HIS C 150 2.07 5.23 -18.61
CA HIS C 150 1.43 4.35 -19.59
C HIS C 150 0.36 3.40 -19.01
N ASN C 151 -0.09 3.71 -17.80
CA ASN C 151 -1.06 2.91 -17.06
C ASN C 151 -0.75 1.41 -17.18
N LEU C 152 0.43 0.98 -16.75
CA LEU C 152 0.84 -0.42 -16.97
C LEU C 152 0.90 -1.20 -15.68
N VAL C 153 0.56 -2.48 -15.69
CA VAL C 153 0.69 -3.26 -14.45
C VAL C 153 2.19 -3.48 -14.22
N LEU C 154 2.65 -3.38 -12.99
CA LEU C 154 4.06 -3.67 -12.71
C LEU C 154 4.12 -4.92 -11.88
N LEU C 155 4.72 -5.96 -12.45
CA LEU C 155 4.96 -7.22 -11.73
C LEU C 155 6.44 -7.35 -11.37
N GLU C 156 6.76 -7.62 -10.11
CA GLU C 156 8.14 -7.73 -9.70
C GLU C 156 8.42 -9.18 -9.40
N ASP C 157 9.33 -9.75 -10.17
CA ASP C 157 9.84 -11.09 -9.91
C ASP C 157 11.03 -10.98 -8.95
N ALA C 158 10.76 -11.13 -7.67
CA ALA C 158 11.76 -11.04 -6.65
C ALA C 158 12.18 -12.46 -6.20
N CYS C 159 12.09 -13.44 -7.12
CA CYS C 159 12.36 -14.82 -6.80
C CYS C 159 13.82 -15.08 -6.51
N GLN C 160 14.73 -14.26 -7.02
CA GLN C 160 16.09 -14.32 -6.51
C GLN C 160 16.59 -13.01 -5.91
N ALA C 161 15.70 -12.34 -5.19
CA ALA C 161 16.08 -11.12 -4.45
C ALA C 161 15.30 -10.83 -3.17
N ILE C 162 14.76 -11.85 -2.52
CA ILE C 162 14.13 -11.67 -1.22
C ILE C 162 15.20 -11.18 -0.23
N GLY C 163 14.82 -10.20 0.59
CA GLY C 163 15.70 -9.57 1.60
C GLY C 163 16.28 -8.26 1.08
N GLY C 164 16.00 -7.95 -0.17
CA GLY C 164 16.42 -6.72 -0.77
C GLY C 164 15.31 -5.70 -0.74
N SER C 165 15.71 -4.45 -0.97
CA SER C 165 14.85 -3.32 -0.85
C SER C 165 15.35 -2.20 -1.74
N TYR C 166 14.45 -1.28 -2.05
CA TYR C 166 14.76 -0.12 -2.86
C TYR C 166 14.17 1.10 -2.11
N LYS C 167 15.09 1.84 -1.49
CA LYS C 167 14.78 3.01 -0.67
C LYS C 167 13.80 2.68 0.45
N GLY C 168 14.15 1.65 1.22
CA GLY C 168 13.31 1.11 2.28
C GLY C 168 12.12 0.21 1.97
N GLN C 169 11.71 0.10 0.71
CA GLN C 169 10.63 -0.77 0.30
C GLN C 169 11.20 -2.11 -0.16
N ALA C 170 10.86 -3.16 0.58
CA ALA C 170 11.22 -4.54 0.27
C ALA C 170 10.78 -4.87 -1.15
N LEU C 171 11.67 -5.52 -1.89
CA LEU C 171 11.42 -5.81 -3.32
C LEU C 171 10.27 -6.81 -3.41
N GLY C 172 9.39 -6.60 -4.38
CA GLY C 172 8.15 -7.34 -4.51
C GLY C 172 6.91 -6.58 -4.05
N THR C 173 7.11 -5.58 -3.19
CA THR C 173 6.05 -4.76 -2.64
C THR C 173 5.91 -3.39 -3.30
N ILE C 174 6.67 -3.12 -4.36
CA ILE C 174 6.74 -1.81 -4.96
C ILE C 174 5.77 -1.68 -6.10
N GLY C 175 5.68 -2.71 -6.93
CA GLY C 175 4.70 -2.72 -8.00
C GLY C 175 3.31 -3.10 -7.52
N ASP C 176 2.47 -3.47 -8.47
CA ASP C 176 1.10 -3.84 -8.17
C ASP C 176 1.10 -5.23 -7.53
N VAL C 177 2.02 -6.07 -7.99
CA VAL C 177 2.12 -7.44 -7.52
C VAL C 177 3.55 -7.95 -7.57
N GLY C 178 3.92 -8.78 -6.57
CA GLY C 178 5.21 -9.41 -6.52
C GLY C 178 5.26 -10.92 -6.35
N CYS C 179 6.36 -11.55 -6.80
CA CYS C 179 6.55 -12.97 -6.63
C CYS C 179 7.84 -13.33 -5.99
N TYR C 180 7.82 -14.34 -5.13
CA TYR C 180 9.00 -14.94 -4.56
C TYR C 180 9.03 -16.42 -4.88
N SER C 181 10.20 -17.04 -4.83
CA SER C 181 10.37 -18.47 -4.92
C SER C 181 11.03 -18.93 -3.66
N PHE C 182 10.59 -20.09 -3.22
CA PHE C 182 11.26 -20.74 -2.12
C PHE C 182 11.70 -22.14 -2.57
N ASP C 183 12.18 -22.24 -3.81
CA ASP C 183 12.69 -23.51 -4.31
C ASP C 183 13.98 -23.82 -3.57
N SER C 184 14.49 -25.03 -3.76
CA SER C 184 15.49 -25.62 -2.86
C SER C 184 16.82 -24.88 -2.80
N VAL C 185 17.14 -24.07 -3.82
CA VAL C 185 18.41 -23.34 -3.85
C VAL C 185 18.19 -21.85 -3.70
N LYS C 186 17.05 -21.38 -3.19
CA LYS C 186 16.84 -19.96 -3.08
C LYS C 186 17.37 -19.48 -1.73
N THR C 187 17.41 -18.16 -1.60
CA THR C 187 17.78 -17.49 -0.35
C THR C 187 17.10 -18.13 0.83
N ILE C 188 15.79 -18.33 0.76
CA ILE C 188 15.11 -19.18 1.76
C ILE C 188 14.22 -20.23 1.11
N THR C 189 14.24 -21.47 1.62
CA THR C 189 13.44 -22.56 1.03
C THR C 189 12.20 -23.05 1.79
N CYS C 190 11.23 -23.51 1.01
CA CYS C 190 10.17 -24.44 1.43
C CYS C 190 10.39 -25.81 0.76
N GLY C 191 11.58 -26.08 0.22
CA GLY C 191 11.81 -27.30 -0.59
C GLY C 191 11.28 -27.11 -2.00
N GLU C 192 9.96 -27.03 -2.12
CA GLU C 192 9.29 -26.30 -3.21
C GLU C 192 8.21 -25.35 -2.69
N GLY C 193 8.14 -24.15 -3.26
CA GLY C 193 7.25 -23.10 -2.81
C GLY C 193 7.45 -21.78 -3.52
N GLY C 194 6.45 -20.91 -3.45
CA GLY C 194 6.61 -19.50 -3.83
C GLY C 194 5.49 -18.72 -3.20
N ALA C 195 5.43 -17.43 -3.52
CA ALA C 195 4.37 -16.61 -3.01
C ALA C 195 4.03 -15.52 -4.02
N VAL C 196 2.78 -15.11 -3.97
CA VAL C 196 2.34 -13.88 -4.62
C VAL C 196 2.15 -12.85 -3.50
N ILE C 197 2.80 -11.69 -3.55
CA ILE C 197 2.56 -10.65 -2.55
C ILE C 197 1.94 -9.44 -3.25
N THR C 198 1.15 -8.66 -2.51
CA THR C 198 0.51 -7.48 -3.06
C THR C 198 -0.16 -6.64 -1.97
N ASN C 199 -0.34 -5.35 -2.25
CA ASN C 199 -1.18 -4.49 -1.40
C ASN C 199 -2.59 -4.27 -2.00
N ASN C 200 -2.95 -4.99 -3.05
CA ASN C 200 -4.23 -4.82 -3.74
C ASN C 200 -5.07 -6.06 -3.43
N THR C 201 -6.25 -5.83 -2.87
CA THR C 201 -7.02 -6.88 -2.20
C THR C 201 -7.66 -7.71 -3.28
N GLU C 202 -8.06 -7.04 -4.36
CA GLU C 202 -8.65 -7.67 -5.53
C GLU C 202 -7.68 -8.67 -6.21
N ILE C 203 -6.39 -8.32 -6.27
CA ILE C 203 -5.34 -9.20 -6.79
C ILE C 203 -5.12 -10.32 -5.80
N TYR C 204 -5.02 -10.05 -4.51
CA TYR C 204 -4.86 -11.13 -3.55
C TYR C 204 -6.01 -12.15 -3.66
N ASP C 205 -7.25 -11.63 -3.75
CA ASP C 205 -8.44 -12.49 -3.75
C ASP C 205 -8.40 -13.38 -5.00
N ASN C 206 -8.19 -12.75 -6.15
CA ASN C 206 -7.94 -13.49 -7.36
C ASN C 206 -6.84 -14.55 -7.23
N ALA C 207 -5.78 -14.28 -6.45
CA ALA C 207 -4.63 -15.16 -6.33
C ALA C 207 -4.93 -16.43 -5.54
N HIS C 208 -5.40 -16.26 -4.30
CA HIS C 208 -5.81 -17.42 -3.49
C HIS C 208 -6.90 -18.30 -4.13
N MET C 209 -7.85 -17.68 -4.82
CA MET C 209 -8.89 -18.40 -5.53
C MET C 209 -8.32 -19.12 -6.75
N PHE C 210 -7.72 -18.38 -7.68
CA PHE C 210 -7.15 -19.00 -8.87
C PHE C 210 -6.22 -20.20 -8.63
N SER C 211 -5.50 -20.23 -7.51
CA SER C 211 -4.54 -21.29 -7.21
C SER C 211 -5.10 -22.49 -6.48
N ASP C 212 -6.43 -22.50 -6.45
CA ASP C 212 -7.17 -23.57 -5.80
C ASP C 212 -8.57 -23.65 -6.42
N HIS C 213 -8.66 -23.79 -7.74
CA HIS C 213 -9.93 -24.07 -8.45
C HIS C 213 -11.09 -23.10 -8.26
N GLY C 214 -10.76 -21.83 -8.01
CA GLY C 214 -11.74 -20.78 -7.80
C GLY C 214 -12.30 -20.78 -6.39
N HIS C 215 -11.88 -21.71 -5.52
CA HIS C 215 -12.33 -21.73 -4.13
C HIS C 215 -12.27 -20.36 -3.45
N ASP C 216 -13.38 -19.90 -2.83
CA ASP C 216 -13.40 -18.60 -2.16
C ASP C 216 -12.76 -18.55 -0.80
N HIS C 217 -12.57 -19.73 -0.23
CA HIS C 217 -11.93 -19.87 1.06
C HIS C 217 -12.63 -19.19 2.22
N ILE C 218 -13.92 -18.88 2.06
CA ILE C 218 -14.76 -18.23 3.08
C ILE C 218 -15.55 -19.29 3.83
N GLY C 219 -15.62 -19.12 5.14
CA GLY C 219 -16.30 -20.09 5.99
C GLY C 219 -15.42 -21.27 6.33
N LYS C 220 -15.97 -22.31 6.93
CA LYS C 220 -15.23 -23.48 7.45
C LYS C 220 -15.61 -24.84 6.89
N ASP C 221 -16.45 -24.81 5.85
CA ASP C 221 -16.89 -25.99 5.12
C ASP C 221 -16.40 -25.94 3.65
N ARG C 222 -15.33 -26.68 3.34
CA ARG C 222 -14.69 -26.60 2.01
C ARG C 222 -15.67 -26.89 0.86
N GLY C 223 -16.39 -27.99 0.97
CA GLY C 223 -17.38 -28.44 -0.02
C GLY C 223 -18.49 -27.42 -0.28
N ALA C 224 -18.81 -26.61 0.74
CA ALA C 224 -19.81 -25.56 0.62
C ALA C 224 -19.30 -24.25 0.01
N GLU C 225 -17.98 -24.06 -0.10
CA GLU C 225 -17.42 -22.86 -0.71
C GLU C 225 -17.89 -22.62 -2.14
N SER C 226 -18.06 -21.34 -2.50
CA SER C 226 -18.30 -20.98 -3.89
C SER C 226 -17.02 -20.99 -4.71
N HIS C 227 -17.25 -20.89 -6.02
CA HIS C 227 -16.23 -20.70 -7.04
C HIS C 227 -16.63 -19.58 -8.02
N PRO C 228 -16.31 -18.33 -7.70
CA PRO C 228 -16.66 -17.25 -8.65
C PRO C 228 -15.84 -17.21 -9.94
N ILE C 229 -14.65 -17.80 -9.89
CA ILE C 229 -13.83 -18.01 -11.11
C ILE C 229 -13.42 -19.46 -11.29
N MET C 230 -12.97 -19.75 -12.50
CA MET C 230 -12.15 -20.94 -12.73
C MET C 230 -10.77 -20.90 -12.09
N GLY C 231 -10.17 -22.08 -11.89
CA GLY C 231 -8.80 -22.14 -11.37
C GLY C 231 -7.96 -23.35 -11.77
N LEU C 232 -6.87 -23.49 -11.03
CA LEU C 232 -5.95 -24.61 -11.15
C LEU C 232 -5.55 -25.08 -9.76
N ASN C 233 -4.61 -26.03 -9.64
CA ASN C 233 -4.03 -26.38 -8.35
C ASN C 233 -2.56 -25.98 -8.25
N PHE C 234 -2.28 -24.99 -7.41
CA PHE C 234 -0.91 -24.62 -6.99
C PHE C 234 -0.80 -24.69 -5.46
N ARG C 235 -1.62 -25.49 -4.81
CA ARG C 235 -1.58 -25.50 -3.36
C ARG C 235 -0.22 -25.95 -2.89
N ILE C 236 0.23 -25.48 -1.73
CA ILE C 236 1.51 -25.93 -1.13
C ILE C 236 1.21 -26.82 0.07
N SER C 237 2.00 -27.84 0.35
CA SER C 237 1.70 -28.67 1.51
C SER C 237 2.08 -27.93 2.80
N GLU C 238 1.47 -28.37 3.90
CA GLU C 238 1.92 -27.93 5.23
C GLU C 238 3.41 -28.21 5.55
N MET C 239 3.98 -29.29 5.06
CA MET C 239 5.40 -29.60 5.31
C MET C 239 6.31 -28.60 4.58
N ASN C 240 6.06 -28.38 3.29
CA ASN C 240 6.81 -27.37 2.57
C ASN C 240 6.69 -26.01 3.28
N ALA C 241 5.50 -25.63 3.73
CA ALA C 241 5.29 -24.34 4.44
C ALA C 241 6.01 -24.25 5.80
N ALA C 242 6.17 -25.41 6.46
CA ALA C 242 6.88 -25.44 7.73
C ALA C 242 8.34 -25.06 7.53
N LEU C 243 8.97 -25.72 6.56
CA LEU C 243 10.36 -25.50 6.28
C LEU C 243 10.52 -24.01 6.03
N GLY C 244 9.70 -23.48 5.14
CA GLY C 244 9.76 -22.07 4.73
C GLY C 244 9.56 -21.08 5.88
N LEU C 245 8.66 -21.43 6.78
CA LEU C 245 8.56 -20.74 8.06
C LEU C 245 9.85 -20.77 8.90
N ALA C 246 10.44 -21.93 9.20
CA ALA C 246 11.70 -21.95 9.95
C ALA C 246 12.75 -21.16 9.16
N GLN C 247 12.81 -21.34 7.84
CA GLN C 247 13.74 -20.57 7.01
C GLN C 247 13.62 -19.05 7.05
N LEU C 248 12.37 -18.57 6.99
CA LEU C 248 12.05 -17.16 6.81
C LEU C 248 12.39 -16.30 8.01
N ARG C 249 12.33 -16.92 9.18
CA ARG C 249 12.79 -16.35 10.45
C ARG C 249 14.30 -16.07 10.41
N LYS C 250 15.03 -16.82 9.58
CA LYS C 250 16.47 -16.61 9.41
C LYS C 250 16.89 -15.57 8.39
N LEU C 251 15.95 -14.88 7.75
CA LEU C 251 16.24 -14.03 6.60
C LEU C 251 17.28 -12.92 6.88
N ASP C 252 17.04 -12.13 7.91
CA ASP C 252 17.98 -11.15 8.44
C ASP C 252 19.40 -11.73 8.62
N THR C 253 19.53 -12.87 9.29
CA THR C 253 20.83 -13.49 9.45
C THR C 253 21.48 -13.88 8.12
N ILE C 254 20.65 -14.37 7.19
CA ILE C 254 21.12 -14.80 5.87
C ILE C 254 21.63 -13.59 5.07
N ILE C 255 20.86 -12.52 5.08
CA ILE C 255 21.20 -11.34 4.32
C ILE C 255 22.43 -10.66 4.86
N ASP C 256 22.54 -10.46 6.17
CA ASP C 256 23.74 -9.87 6.79
C ASP C 256 24.98 -10.70 6.47
N ILE C 257 24.88 -12.02 6.57
CA ILE C 257 25.95 -12.87 6.03
C ILE C 257 26.30 -12.68 4.55
N GLN C 258 25.30 -12.69 3.66
CA GLN C 258 25.54 -12.45 2.24
C GLN C 258 26.22 -11.11 1.98
N ARG C 259 25.73 -10.08 2.66
CA ARG C 259 26.26 -8.72 2.58
C ARG C 259 27.73 -8.63 2.95
N LYS C 260 28.10 -9.39 3.98
CA LYS C 260 29.43 -9.35 4.54
C LYS C 260 30.41 -10.12 3.66
N ASN C 261 30.03 -11.33 3.27
CA ASN C 261 30.91 -12.03 2.33
C ASN C 261 31.05 -11.31 1.00
N LYS C 262 29.99 -10.66 0.56
CA LYS C 262 30.08 -10.00 -0.73
C LYS C 262 31.03 -8.81 -0.62
N LYS C 263 30.91 -7.98 0.40
CA LYS C 263 31.84 -6.88 0.64
C LYS C 263 33.30 -7.35 0.74
N ALA C 264 33.60 -8.39 1.50
CA ALA C 264 34.99 -8.87 1.52
C ALA C 264 35.55 -9.16 0.12
N ILE C 265 34.80 -9.87 -0.72
CA ILE C 265 35.24 -10.20 -2.08
C ILE C 265 35.20 -9.00 -3.03
N LYS C 266 34.22 -8.11 -2.90
CA LYS C 266 34.06 -6.97 -3.80
C LYS C 266 35.24 -6.04 -3.59
N ASP C 267 35.57 -5.82 -2.31
CA ASP C 267 36.68 -4.95 -1.89
C ASP C 267 37.98 -5.45 -2.50
N ALA C 268 38.33 -6.69 -2.28
CA ALA C 268 39.50 -7.29 -2.96
C ALA C 268 39.46 -7.09 -4.48
N MET C 269 38.37 -7.51 -5.11
CA MET C 269 38.30 -7.37 -6.55
C MET C 269 38.41 -5.93 -7.08
N ALA C 270 38.12 -4.94 -6.25
CA ALA C 270 38.16 -3.54 -6.66
C ALA C 270 39.56 -3.00 -6.97
N SER C 271 40.58 -3.67 -6.42
CA SER C 271 41.99 -3.37 -6.64
C SER C 271 42.54 -4.05 -7.89
N ILE C 272 41.73 -4.81 -8.61
CA ILE C 272 42.11 -5.35 -9.91
C ILE C 272 41.56 -4.40 -10.97
N PRO C 273 42.42 -3.54 -11.56
CA PRO C 273 41.79 -2.37 -12.25
C PRO C 273 41.03 -2.71 -13.54
N GLU C 274 41.31 -3.88 -14.09
CA GLU C 274 40.56 -4.41 -15.22
C GLU C 274 39.04 -4.56 -14.99
N VAL C 275 38.66 -4.81 -13.75
CA VAL C 275 37.31 -5.27 -13.36
C VAL C 275 36.41 -4.08 -13.20
N SER C 276 35.25 -4.13 -13.85
CA SER C 276 34.13 -3.23 -13.57
C SER C 276 33.00 -4.06 -12.95
N PHE C 277 32.16 -3.36 -12.18
CA PHE C 277 31.10 -4.01 -11.40
C PHE C 277 29.70 -3.61 -11.86
N ARG C 278 28.78 -4.54 -11.58
CA ARG C 278 27.36 -4.29 -11.71
C ARG C 278 26.94 -2.97 -11.06
N GLU C 279 26.14 -2.18 -11.79
CA GLU C 279 25.50 -1.01 -11.23
C GLU C 279 24.38 -1.34 -10.24
N ILE C 280 24.44 -0.74 -9.06
CA ILE C 280 23.49 -1.00 -7.98
C ILE C 280 22.75 0.26 -7.48
N PRO C 281 21.45 0.44 -7.86
CA PRO C 281 20.78 1.71 -7.57
C PRO C 281 20.65 2.03 -6.11
N ASP C 282 20.59 1.03 -5.24
CA ASP C 282 20.51 1.24 -3.83
C ASP C 282 21.39 0.21 -3.15
N PRO C 283 22.67 0.56 -2.96
CA PRO C 283 23.64 -0.36 -2.35
C PRO C 283 23.18 -1.03 -1.05
N GLU C 284 22.59 -0.24 -0.18
CA GLU C 284 22.09 -0.70 1.10
C GLU C 284 20.90 -1.66 0.98
N GLY C 285 20.10 -1.52 -0.07
CA GLY C 285 19.08 -2.47 -0.45
C GLY C 285 19.46 -3.74 -1.22
N ASP C 286 20.74 -3.89 -1.54
CA ASP C 286 21.28 -5.09 -2.18
C ASP C 286 21.18 -6.30 -1.24
N SER C 287 20.59 -7.40 -1.74
CA SER C 287 20.50 -8.66 -0.97
C SER C 287 21.79 -9.39 -0.95
N ALA C 288 22.67 -9.06 -1.90
CA ALA C 288 24.05 -9.54 -1.93
C ALA C 288 24.16 -11.03 -2.25
N GLY C 289 23.15 -11.57 -2.93
CA GLY C 289 23.19 -12.97 -3.29
C GLY C 289 24.27 -13.34 -4.29
N PHE C 290 24.63 -12.39 -5.15
CA PHE C 290 25.74 -12.54 -6.12
C PHE C 290 26.65 -11.30 -6.19
N LEU C 291 27.93 -11.55 -6.48
CA LEU C 291 28.88 -10.53 -6.94
C LEU C 291 28.99 -10.63 -8.46
N SER C 292 28.61 -9.56 -9.17
CA SER C 292 28.65 -9.56 -10.63
C SER C 292 29.59 -8.48 -11.15
N PHE C 293 30.40 -8.87 -12.13
CA PHE C 293 31.46 -8.04 -12.65
C PHE C 293 31.63 -8.22 -14.14
N MET C 294 32.30 -7.27 -14.79
CA MET C 294 32.39 -7.25 -16.24
C MET C 294 33.82 -7.14 -16.75
N LEU C 295 34.18 -7.86 -17.82
CA LEU C 295 35.53 -7.78 -18.41
C LEU C 295 35.40 -6.93 -19.66
N PRO C 296 36.55 -6.44 -20.21
CA PRO C 296 36.44 -5.53 -21.33
C PRO C 296 36.00 -6.18 -22.63
N THR C 297 36.23 -7.49 -22.79
CA THR C 297 35.85 -8.19 -24.03
C THR C 297 35.21 -9.55 -23.77
N GLU C 298 34.48 -10.01 -24.76
CA GLU C 298 33.98 -11.38 -24.70
C GLU C 298 35.08 -12.40 -24.51
N ALA C 299 36.23 -12.24 -25.21
CA ALA C 299 37.23 -13.30 -25.19
C ALA C 299 37.86 -13.34 -23.80
N ARG C 300 38.16 -12.16 -23.25
CA ARG C 300 38.72 -12.05 -21.92
C ARG C 300 37.75 -12.60 -20.85
N THR C 301 36.44 -12.36 -21.03
CA THR C 301 35.43 -13.00 -20.23
C THR C 301 35.47 -14.53 -20.22
N GLN C 302 35.64 -15.16 -21.39
CA GLN C 302 35.67 -16.62 -21.51
C GLN C 302 36.90 -17.13 -20.81
N GLU C 303 37.95 -16.32 -20.92
CA GLU C 303 39.25 -16.74 -20.43
C GLU C 303 39.18 -16.72 -18.91
N ILE C 304 38.62 -15.61 -18.42
CA ILE C 304 38.40 -15.46 -16.98
C ILE C 304 37.46 -16.53 -16.40
N SER C 305 36.41 -16.90 -17.11
CA SER C 305 35.47 -17.91 -16.63
C SER C 305 36.20 -19.23 -16.44
N LYS C 306 36.89 -19.64 -17.49
CA LYS C 306 37.77 -20.81 -17.51
C LYS C 306 38.77 -20.75 -16.40
N LYS C 307 39.50 -19.65 -16.32
CA LYS C 307 40.51 -19.54 -15.27
C LYS C 307 39.98 -19.57 -13.82
N LEU C 308 38.87 -18.90 -13.57
CA LEU C 308 38.27 -18.94 -12.24
C LEU C 308 37.99 -20.36 -11.77
N ALA C 309 37.47 -21.19 -12.65
CA ALA C 309 37.20 -22.60 -12.41
C ALA C 309 38.45 -23.46 -12.20
N ALA C 310 39.45 -23.32 -13.08
CA ALA C 310 40.78 -23.89 -12.84
C ALA C 310 41.33 -23.59 -11.45
N ASN C 311 41.20 -22.34 -11.02
CA ASN C 311 41.69 -21.88 -9.73
C ASN C 311 40.73 -22.11 -8.58
N GLY C 312 39.64 -22.86 -8.78
CA GLY C 312 38.77 -23.25 -7.65
C GLY C 312 37.94 -22.11 -7.10
N VAL C 313 37.52 -21.18 -7.95
CA VAL C 313 36.56 -20.18 -7.55
C VAL C 313 35.22 -20.69 -8.11
N ASP C 314 34.67 -21.67 -7.39
CA ASP C 314 33.39 -22.28 -7.75
C ASP C 314 32.25 -21.26 -7.65
N GLY C 315 31.14 -21.61 -8.27
CA GLY C 315 29.90 -20.83 -8.18
C GLY C 315 29.92 -19.52 -8.95
N CYS C 316 30.67 -19.51 -10.07
CA CYS C 316 30.74 -18.41 -11.02
C CYS C 316 29.94 -18.82 -12.24
N PHE C 317 29.12 -17.93 -12.77
CA PHE C 317 28.18 -18.27 -13.82
C PHE C 317 28.34 -17.21 -14.94
N TYR C 318 28.68 -17.71 -16.11
CA TYR C 318 28.85 -16.90 -17.30
C TYR C 318 27.54 -17.16 -18.07
N TRP C 319 26.53 -16.40 -17.67
CA TRP C 319 25.15 -16.62 -18.10
C TRP C 319 24.99 -16.71 -19.63
N TYR C 320 25.64 -15.79 -20.34
CA TYR C 320 25.61 -15.72 -21.78
C TYR C 320 25.94 -17.06 -22.43
N VAL C 321 26.75 -17.90 -21.83
CA VAL C 321 27.18 -19.14 -22.48
C VAL C 321 26.45 -20.37 -21.91
N ASN C 322 25.44 -20.18 -21.06
CA ASN C 322 24.78 -21.29 -20.36
C ASN C 322 23.30 -21.30 -20.65
N ASN C 323 22.66 -22.42 -20.32
CA ASN C 323 21.35 -22.68 -20.88
C ASN C 323 20.13 -22.09 -20.17
N TRP C 324 20.24 -21.63 -18.93
CA TRP C 324 19.03 -21.44 -18.10
C TRP C 324 18.62 -19.96 -17.84
N HIS C 325 19.45 -19.01 -18.26
CA HIS C 325 19.22 -17.61 -17.90
C HIS C 325 19.39 -16.53 -18.96
N TYR C 326 19.66 -16.90 -20.19
CA TYR C 326 19.83 -15.89 -21.22
C TYR C 326 19.23 -16.37 -22.53
N LEU C 327 18.47 -15.48 -23.16
CA LEU C 327 17.60 -15.79 -24.28
C LEU C 327 18.33 -16.38 -25.46
N LYS C 328 19.60 -16.03 -25.60
CA LYS C 328 20.40 -16.46 -26.75
C LYS C 328 20.50 -17.98 -26.88
N ASN C 329 20.63 -18.65 -25.73
CA ASN C 329 20.63 -20.11 -25.69
C ASN C 329 19.26 -20.73 -25.35
N TRP C 330 18.19 -20.04 -25.73
CA TRP C 330 16.81 -20.52 -25.59
C TRP C 330 16.17 -20.84 -26.96
N LYS C 331 16.74 -21.82 -27.65
CA LYS C 331 16.20 -22.26 -28.95
C LYS C 331 14.76 -22.77 -28.79
N HIS C 332 14.57 -23.63 -27.80
CA HIS C 332 13.28 -24.14 -27.38
C HIS C 332 12.20 -23.06 -27.25
N ILE C 333 12.49 -21.94 -26.59
CA ILE C 333 11.56 -20.84 -26.45
C ILE C 333 11.40 -20.04 -27.74
N GLN C 334 12.49 -19.78 -28.44
CA GLN C 334 12.48 -19.00 -29.67
C GLN C 334 11.59 -19.66 -30.74
N GLU C 335 11.71 -20.98 -30.88
CA GLU C 335 10.91 -21.75 -31.84
C GLU C 335 9.63 -22.36 -31.21
N LEU C 336 9.33 -22.13 -29.93
CA LEU C 336 8.08 -22.58 -29.29
C LEU C 336 7.96 -24.10 -29.30
N LYS C 337 9.04 -24.74 -28.88
CA LYS C 337 9.06 -26.19 -28.83
C LYS C 337 8.28 -26.78 -27.64
N ALA C 338 7.18 -27.48 -27.96
CA ALA C 338 6.51 -28.40 -27.03
C ALA C 338 5.88 -29.62 -27.74
N PRO C 339 5.61 -30.73 -27.03
CA PRO C 339 5.03 -31.92 -27.67
C PRO C 339 3.55 -31.79 -27.95
N ALA C 340 2.97 -30.62 -27.69
CA ALA C 340 1.61 -30.31 -28.06
C ALA C 340 1.45 -28.83 -28.27
N ALA C 341 0.44 -28.43 -29.04
CA ALA C 341 0.29 -27.05 -29.44
C ALA C 341 0.12 -26.19 -28.20
N LEU C 342 0.94 -25.15 -28.03
CA LEU C 342 0.92 -24.33 -26.81
C LEU C 342 -0.23 -23.34 -26.91
N PRO C 343 -0.77 -22.88 -25.76
CA PRO C 343 -1.86 -21.87 -25.71
C PRO C 343 -1.60 -20.64 -26.58
N ILE C 344 -0.35 -20.20 -26.63
CA ILE C 344 0.09 -19.02 -27.40
C ILE C 344 -0.04 -19.16 -28.90
N THR C 345 -0.12 -20.39 -29.43
CA THR C 345 -0.40 -20.57 -30.86
C THR C 345 -1.82 -20.09 -31.23
N LEU C 346 -2.67 -19.84 -30.23
CA LEU C 346 -4.02 -19.27 -30.40
C LEU C 346 -4.03 -17.73 -30.56
N ILE C 347 -2.85 -17.10 -30.44
CA ILE C 347 -2.71 -15.64 -30.52
C ILE C 347 -2.32 -15.25 -31.94
N ALA C 348 -3.02 -14.24 -32.46
CA ALA C 348 -2.94 -13.77 -33.84
C ALA C 348 -1.57 -13.22 -34.27
N ASP C 349 -1.37 -11.90 -34.19
CA ASP C 349 -0.08 -11.30 -34.53
C ASP C 349 0.72 -11.30 -33.22
N ARG C 350 1.77 -12.10 -33.24
CA ARG C 350 2.77 -12.18 -32.19
C ARG C 350 4.11 -12.07 -32.93
N PRO C 351 5.15 -11.57 -32.25
CA PRO C 351 6.46 -11.48 -32.92
C PRO C 351 7.08 -12.82 -33.35
N ASP C 352 8.15 -12.74 -34.14
CA ASP C 352 8.93 -13.91 -34.52
C ASP C 352 10.08 -14.08 -33.53
N TYR C 353 9.98 -15.06 -32.63
CA TYR C 353 10.95 -15.21 -31.53
C TYR C 353 12.32 -15.77 -31.91
N THR C 354 12.49 -16.12 -33.18
CA THR C 354 13.83 -16.39 -33.75
C THR C 354 14.60 -15.13 -34.16
N GLN C 355 13.86 -14.01 -34.18
CA GLN C 355 14.27 -12.70 -34.67
C GLN C 355 14.30 -11.61 -33.59
N ILE C 356 14.64 -11.98 -32.35
CA ILE C 356 14.65 -11.00 -31.27
C ILE C 356 16.04 -10.38 -31.25
N SER C 357 16.08 -9.06 -31.26
CA SER C 357 17.31 -8.28 -31.22
C SER C 357 17.43 -7.53 -29.87
N VAL C 358 18.35 -8.00 -29.03
CA VAL C 358 18.71 -7.32 -27.77
C VAL C 358 20.23 -7.06 -27.75
N PRO C 359 20.71 -6.17 -28.65
CA PRO C 359 22.16 -6.02 -28.80
C PRO C 359 22.88 -5.39 -27.61
N LYS C 360 22.28 -4.35 -27.01
CA LYS C 360 22.89 -3.76 -25.82
C LYS C 360 22.96 -4.77 -24.68
N SER C 361 21.91 -5.60 -24.52
CA SER C 361 21.97 -6.70 -23.55
C SER C 361 23.04 -7.70 -23.87
N ASP C 362 23.15 -7.99 -25.17
CA ASP C 362 24.19 -8.94 -25.56
C ASP C 362 25.57 -8.45 -25.18
N ALA C 363 25.81 -7.18 -25.44
CA ALA C 363 27.09 -6.48 -25.14
C ALA C 363 27.40 -6.60 -23.66
N ILE C 364 26.39 -6.35 -22.83
CA ILE C 364 26.62 -6.48 -21.38
C ILE C 364 26.85 -7.96 -20.98
N MET C 365 25.95 -8.86 -21.35
CA MET C 365 25.95 -10.23 -20.78
C MET C 365 27.11 -11.04 -21.32
N SER C 366 27.53 -10.77 -22.56
CA SER C 366 28.73 -11.43 -23.13
C SER C 366 30.00 -11.19 -22.34
N ARG C 367 29.95 -10.22 -21.44
CA ARG C 367 31.09 -9.77 -20.68
C ARG C 367 30.85 -9.89 -19.19
N THR C 368 29.78 -10.55 -18.74
CA THR C 368 29.40 -10.53 -17.32
C THR C 368 29.51 -11.91 -16.66
N ILE C 369 30.14 -11.96 -15.51
CA ILE C 369 30.18 -13.17 -14.69
C ILE C 369 29.63 -12.80 -13.31
N SER C 370 28.85 -13.71 -12.72
CA SER C 370 28.29 -13.51 -11.41
C SER C 370 28.78 -14.67 -10.54
N MET C 371 29.22 -14.31 -9.33
CA MET C 371 29.61 -15.29 -8.34
C MET C 371 28.53 -15.36 -7.25
N LEU C 372 28.02 -16.58 -7.06
CA LEU C 372 27.07 -16.88 -5.99
C LEU C 372 27.75 -16.62 -4.67
N ILE C 373 27.11 -15.90 -3.76
CA ILE C 373 27.75 -15.63 -2.46
C ILE C 373 27.18 -16.72 -1.55
N LYS C 374 28.02 -17.62 -1.04
CA LYS C 374 27.55 -18.63 -0.08
C LYS C 374 27.56 -18.19 1.38
N LEU C 375 26.74 -18.85 2.20
CA LEU C 375 26.67 -18.60 3.64
C LEU C 375 27.67 -19.35 4.54
N SER C 376 28.27 -20.45 4.08
CA SER C 376 29.04 -21.32 4.98
C SER C 376 30.55 -21.08 4.90
N TRP C 377 30.96 -19.99 4.24
CA TRP C 377 32.38 -19.74 3.96
C TRP C 377 33.09 -19.30 5.24
N THR C 378 34.14 -20.01 5.65
CA THR C 378 35.07 -19.53 6.71
C THR C 378 35.85 -18.30 6.23
N ASP C 379 36.28 -17.49 7.20
CA ASP C 379 37.24 -16.40 6.96
C ASP C 379 38.48 -16.85 6.17
N ALA C 380 38.94 -18.05 6.46
CA ALA C 380 40.02 -18.74 5.75
C ALA C 380 39.76 -19.08 4.26
N GLN C 381 38.61 -19.69 3.98
CA GLN C 381 38.18 -19.93 2.60
C GLN C 381 37.91 -18.63 1.85
N ILE C 382 37.44 -17.58 2.51
CA ILE C 382 37.26 -16.29 1.84
C ILE C 382 38.62 -15.71 1.38
N ALA C 383 39.59 -15.68 2.29
CA ALA C 383 40.97 -15.26 1.99
C ALA C 383 41.56 -16.02 0.80
N GLU C 384 41.51 -17.34 0.84
CA GLU C 384 42.00 -18.17 -0.24
C GLU C 384 41.25 -17.97 -1.54
N ARG C 385 39.96 -17.69 -1.47
CA ARG C 385 39.15 -17.41 -2.66
C ARG C 385 39.63 -16.09 -3.23
N ILE C 386 39.81 -15.07 -2.39
CA ILE C 386 40.39 -13.81 -2.85
C ILE C 386 41.74 -14.07 -3.60
N GLU C 387 42.59 -14.94 -3.05
CA GLU C 387 43.89 -15.21 -3.66
C GLU C 387 43.72 -15.94 -4.98
N ASN C 388 42.76 -16.85 -5.02
CA ASN C 388 42.49 -17.58 -6.26
C ASN C 388 41.99 -16.73 -7.40
N ILE C 389 41.15 -15.76 -7.06
CA ILE C 389 40.67 -14.75 -8.00
C ILE C 389 41.83 -13.94 -8.62
N LYS C 390 42.71 -13.43 -7.76
CA LYS C 390 43.85 -12.60 -8.16
C LYS C 390 44.75 -13.39 -9.10
N LYS C 391 44.91 -14.67 -8.80
CA LYS C 391 45.67 -15.58 -9.65
C LYS C 391 45.02 -15.84 -10.99
N ALA C 392 43.72 -16.07 -10.99
CA ALA C 392 42.95 -16.18 -12.24
C ALA C 392 43.07 -14.94 -13.12
N PHE C 393 43.13 -13.79 -12.47
CA PHE C 393 43.21 -12.51 -13.15
C PHE C 393 44.62 -12.15 -13.61
N ALA C 394 45.67 -12.82 -13.14
CA ALA C 394 47.05 -12.40 -13.47
C ALA C 394 47.40 -12.62 -14.95
N GLN C 395 48.08 -11.63 -15.54
CA GLN C 395 48.20 -11.48 -16.99
C GLN C 395 49.66 -11.38 -17.43
N PRO D 2 -10.01 -42.37 3.53
CA PRO D 2 -8.80 -41.83 2.91
C PRO D 2 -7.53 -42.25 3.65
N GLY D 3 -6.41 -42.24 2.93
CA GLY D 3 -5.09 -42.61 3.42
C GLY D 3 -4.68 -41.92 4.70
N PHE D 4 -5.06 -40.66 4.87
CA PHE D 4 -4.86 -39.91 6.10
C PHE D 4 -5.29 -40.65 7.37
N GLU D 5 -6.35 -41.44 7.26
CA GLU D 5 -6.87 -42.20 8.41
C GLU D 5 -5.91 -43.25 8.95
N LEU D 6 -4.85 -43.60 8.25
CA LEU D 6 -3.90 -44.59 8.72
C LEU D 6 -2.53 -43.99 9.00
N PHE D 7 -2.44 -42.66 9.10
CA PHE D 7 -1.21 -42.01 9.51
C PHE D 7 -0.78 -42.63 10.83
N GLY D 8 0.51 -42.94 10.90
CA GLY D 8 1.13 -43.33 12.15
C GLY D 8 2.62 -43.13 12.03
N PRO D 9 3.42 -44.12 12.50
CA PRO D 9 4.86 -43.92 12.56
C PRO D 9 5.55 -43.92 11.19
N GLU D 10 5.02 -44.64 10.20
CA GLU D 10 5.71 -44.83 8.93
C GLU D 10 5.81 -43.48 8.21
N GLU D 11 4.74 -42.71 8.21
CA GLU D 11 4.65 -41.36 7.64
C GLU D 11 5.59 -40.31 8.30
N LYS D 12 5.51 -40.19 9.62
CA LYS D 12 6.48 -39.47 10.46
C LYS D 12 7.95 -39.78 10.14
N GLN D 13 8.35 -41.06 10.17
CA GLN D 13 9.73 -41.47 10.04
C GLN D 13 10.30 -41.30 8.63
N GLU D 14 9.47 -41.46 7.62
CA GLU D 14 9.92 -41.23 6.25
C GLU D 14 10.12 -39.74 6.05
N VAL D 15 9.18 -38.92 6.52
CA VAL D 15 9.32 -37.48 6.42
C VAL D 15 10.54 -37.02 7.20
N ALA D 16 10.62 -37.46 8.46
CA ALA D 16 11.72 -37.12 9.39
C ALA D 16 13.07 -37.52 8.79
N ASP D 17 13.12 -38.64 8.08
CA ASP D 17 14.34 -39.11 7.44
C ASP D 17 14.86 -38.21 6.30
N VAL D 18 13.96 -37.57 5.56
CA VAL D 18 14.34 -36.53 4.62
C VAL D 18 14.99 -35.35 5.37
N MET D 19 14.32 -34.86 6.40
CA MET D 19 14.77 -33.69 7.15
C MET D 19 16.13 -33.92 7.85
N GLU D 20 16.42 -35.15 8.27
CA GLU D 20 17.57 -35.48 9.11
C GLU D 20 18.77 -35.92 8.32
N HIS D 21 18.53 -36.70 7.28
CA HIS D 21 19.58 -37.34 6.50
C HIS D 21 19.43 -37.08 5.00
N GLY D 22 18.37 -36.43 4.53
CA GLY D 22 18.14 -36.35 3.08
C GLY D 22 18.35 -34.96 2.56
N PHE D 23 17.82 -34.72 1.37
CA PHE D 23 17.63 -33.35 0.93
C PHE D 23 16.18 -33.04 0.50
N THR D 24 15.87 -31.76 0.31
CA THR D 24 14.53 -31.34 -0.02
C THR D 24 14.23 -31.36 -1.52
N PHE D 25 15.23 -31.16 -2.35
CA PHE D 25 15.09 -31.18 -3.81
C PHE D 25 15.08 -32.60 -4.33
N ARG D 26 14.20 -32.90 -5.29
CA ARG D 26 14.08 -34.28 -5.79
C ARG D 26 15.21 -34.79 -6.70
N TYR D 27 16.05 -33.90 -7.21
CA TYR D 27 17.16 -34.25 -8.10
C TYR D 27 18.54 -33.83 -7.53
N ASN D 28 19.61 -34.44 -8.04
CA ASN D 28 20.99 -34.02 -7.82
C ASN D 28 21.34 -34.04 -6.34
N PHE D 29 22.29 -33.22 -5.93
CA PHE D 29 22.69 -33.17 -4.52
C PHE D 29 23.12 -34.54 -4.02
N ASP D 30 23.71 -35.36 -4.88
CA ASP D 30 24.20 -36.69 -4.47
C ASP D 30 25.07 -36.68 -3.20
N HIS D 31 26.09 -35.82 -3.17
CA HIS D 31 26.82 -35.43 -1.96
C HIS D 31 26.02 -35.37 -0.65
N MET D 32 25.24 -34.30 -0.45
CA MET D 32 24.55 -34.06 0.82
C MET D 32 23.23 -34.81 1.08
N ARG D 33 22.73 -35.62 0.12
CA ARG D 33 21.45 -36.29 0.29
C ARG D 33 21.58 -37.71 0.85
N ASN D 34 22.78 -38.28 0.82
CA ASN D 34 23.02 -39.53 1.53
C ASN D 34 22.19 -40.68 1.03
N ASP D 35 22.19 -40.87 -0.27
CA ASP D 35 21.32 -41.84 -0.94
C ASP D 35 19.77 -41.83 -0.56
N ARG D 36 19.24 -40.70 -0.14
CA ARG D 36 17.79 -40.50 0.06
C ARG D 36 17.16 -39.83 -1.18
N TRP D 37 16.59 -40.67 -2.04
CA TRP D 37 15.81 -40.28 -3.21
C TRP D 37 14.32 -40.66 -3.07
N LYS D 38 13.58 -39.95 -2.23
CA LYS D 38 12.25 -40.39 -1.86
C LYS D 38 11.29 -40.33 -3.07
N THR D 39 11.39 -39.23 -3.82
CA THR D 39 10.61 -39.04 -5.01
C THR D 39 10.91 -40.16 -5.99
N ARG D 40 12.18 -40.50 -6.15
CA ARG D 40 12.54 -41.54 -7.09
C ARG D 40 12.04 -42.88 -6.62
N ASP D 41 12.21 -43.19 -5.34
CA ASP D 41 11.68 -44.40 -4.71
C ASP D 41 10.16 -44.57 -4.94
N MET D 42 9.37 -43.51 -4.81
CA MET D 42 7.92 -43.64 -4.93
C MET D 42 7.59 -43.90 -6.38
N GLU D 43 8.35 -43.32 -7.31
CA GLU D 43 8.13 -43.56 -8.73
C GLU D 43 8.42 -45.03 -9.08
N GLN D 44 9.51 -45.59 -8.55
CA GLN D 44 9.83 -47.00 -8.82
C GLN D 44 8.78 -47.92 -8.20
N LEU D 45 8.32 -47.60 -6.98
CA LEU D 45 7.27 -48.37 -6.34
C LEU D 45 5.95 -48.34 -7.13
N LEU D 46 5.59 -47.17 -7.67
CA LEU D 46 4.46 -47.05 -8.62
C LEU D 46 4.69 -47.93 -9.86
N CYS D 47 5.91 -48.00 -10.41
CA CYS D 47 6.20 -48.82 -11.57
C CYS D 47 6.00 -50.31 -11.24
N GLU D 48 6.43 -50.74 -10.05
CA GLU D 48 6.34 -52.16 -9.60
C GLU D 48 4.89 -52.56 -9.31
N LYS D 49 4.24 -51.78 -8.45
CA LYS D 49 2.93 -52.11 -7.91
C LYS D 49 1.91 -52.09 -9.03
N MET D 50 2.05 -51.21 -10.02
CA MET D 50 1.05 -51.07 -11.05
C MET D 50 1.47 -51.68 -12.38
N ASN D 51 2.60 -52.39 -12.40
CA ASN D 51 3.19 -52.97 -13.62
C ASN D 51 3.12 -52.05 -14.85
N VAL D 52 3.52 -50.79 -14.66
CA VAL D 52 3.63 -49.78 -15.71
C VAL D 52 5.12 -49.50 -15.81
N LYS D 53 5.54 -49.20 -17.03
CA LYS D 53 6.95 -49.03 -17.32
C LYS D 53 7.50 -47.75 -16.71
N HIS D 54 6.67 -46.69 -16.64
CA HIS D 54 7.06 -45.36 -16.13
C HIS D 54 6.11 -44.62 -15.19
N ALA D 55 6.67 -43.89 -14.23
CA ALA D 55 5.91 -43.07 -13.30
C ALA D 55 6.61 -41.75 -12.95
N HIS D 56 5.95 -40.63 -13.19
CA HIS D 56 6.51 -39.33 -12.85
C HIS D 56 5.63 -38.63 -11.79
N LEU D 57 6.21 -38.48 -10.60
CA LEU D 57 5.59 -37.84 -9.45
C LEU D 57 5.75 -36.33 -9.58
N LEU D 58 4.66 -35.60 -9.41
CA LEU D 58 4.69 -34.17 -9.50
C LEU D 58 3.69 -33.51 -8.53
N SER D 59 3.52 -32.20 -8.69
CA SER D 59 3.01 -31.35 -7.60
C SER D 59 1.54 -31.53 -7.23
N SER D 60 0.71 -32.08 -8.11
CA SER D 60 -0.69 -32.39 -7.82
C SER D 60 -1.27 -33.25 -8.94
N GLY D 61 -2.50 -33.72 -8.69
CA GLY D 61 -3.28 -34.42 -9.69
C GLY D 61 -3.66 -33.46 -10.78
N THR D 62 -3.95 -32.19 -10.49
CA THR D 62 -4.32 -31.25 -11.55
C THR D 62 -3.13 -30.98 -12.46
N ALA D 63 -1.97 -30.85 -11.85
CA ALA D 63 -0.72 -30.77 -12.56
C ALA D 63 -0.43 -32.04 -13.37
N ALA D 64 -0.68 -33.22 -12.82
CA ALA D 64 -0.66 -34.43 -13.62
C ALA D 64 -1.47 -34.36 -14.90
N LEU D 65 -2.70 -33.90 -14.78
CA LEU D 65 -3.56 -33.77 -15.95
C LEU D 65 -3.00 -32.83 -16.98
N GLN D 66 -2.55 -31.68 -16.51
CA GLN D 66 -1.93 -30.70 -17.43
C GLN D 66 -0.73 -31.29 -18.15
N THR D 67 0.08 -31.98 -17.36
CA THR D 67 1.25 -32.67 -17.83
C THR D 67 0.97 -33.87 -18.73
N ALA D 68 0.03 -34.74 -18.38
CA ALA D 68 -0.36 -35.86 -19.25
C ALA D 68 -0.92 -35.40 -20.59
N MET D 69 -1.67 -34.30 -20.62
CA MET D 69 -2.16 -33.85 -21.91
C MET D 69 -1.00 -33.40 -22.78
N MET D 70 -0.19 -32.48 -22.26
CA MET D 70 0.93 -31.93 -23.01
C MET D 70 1.80 -33.08 -23.51
N ALA D 71 2.09 -34.03 -22.62
CA ALA D 71 3.05 -35.08 -22.93
C ALA D 71 2.54 -36.05 -24.01
N ALA D 72 1.22 -36.23 -24.08
CA ALA D 72 0.61 -37.09 -25.07
C ALA D 72 0.17 -36.32 -26.31
N GLY D 73 0.59 -35.09 -26.50
CA GLY D 73 0.33 -34.34 -27.72
C GLY D 73 -1.00 -33.63 -27.81
N ILE D 74 -1.73 -33.57 -26.69
CA ILE D 74 -3.07 -32.97 -26.62
C ILE D 74 -2.84 -31.55 -26.15
N GLY D 75 -3.15 -30.61 -27.04
CA GLY D 75 -3.07 -29.22 -26.68
C GLY D 75 -4.04 -28.34 -27.45
N ALA D 76 -3.63 -27.11 -27.75
CA ALA D 76 -4.60 -26.06 -28.14
C ALA D 76 -5.31 -26.38 -29.44
N GLY D 77 -6.60 -26.10 -29.39
CA GLY D 77 -7.51 -26.42 -30.49
C GLY D 77 -8.02 -27.84 -30.43
N ASP D 78 -7.42 -28.75 -29.65
CA ASP D 78 -7.83 -30.17 -29.71
C ASP D 78 -9.10 -30.35 -28.92
N GLU D 79 -10.05 -31.07 -29.50
CA GLU D 79 -11.24 -31.52 -28.82
C GLU D 79 -10.83 -32.71 -27.97
N VAL D 80 -11.16 -32.57 -26.69
CA VAL D 80 -11.02 -33.60 -25.67
C VAL D 80 -12.38 -33.97 -25.03
N ILE D 81 -12.80 -35.22 -25.21
CA ILE D 81 -14.07 -35.66 -24.64
C ILE D 81 -13.90 -35.95 -23.16
N VAL D 82 -14.90 -35.55 -22.38
CA VAL D 82 -14.87 -35.43 -20.93
C VAL D 82 -16.27 -35.59 -20.34
N PRO D 83 -16.43 -36.35 -19.23
CA PRO D 83 -17.77 -36.44 -18.63
C PRO D 83 -18.21 -35.16 -17.89
N PRO D 84 -19.50 -35.01 -17.64
CA PRO D 84 -20.03 -33.90 -16.86
C PRO D 84 -19.95 -34.13 -15.37
N PHE D 85 -19.70 -35.38 -15.00
CA PHE D 85 -19.56 -35.81 -13.63
C PHE D 85 -18.11 -36.17 -13.44
N THR D 86 -17.41 -35.32 -12.69
CA THR D 86 -15.98 -35.41 -12.34
C THR D 86 -15.64 -34.16 -11.53
N PHE D 87 -14.44 -34.15 -10.93
CA PHE D 87 -13.98 -32.96 -10.23
C PHE D 87 -13.73 -31.85 -11.25
N VAL D 88 -13.93 -30.62 -10.79
CA VAL D 88 -13.73 -29.46 -11.67
C VAL D 88 -12.39 -29.45 -12.39
N ALA D 89 -11.36 -30.02 -11.77
CA ALA D 89 -10.03 -30.06 -12.34
C ALA D 89 -9.98 -30.59 -13.78
N SER D 90 -10.84 -31.56 -14.06
CA SER D 90 -10.82 -32.28 -15.31
C SER D 90 -11.10 -31.24 -16.39
N VAL D 91 -12.07 -30.37 -16.16
CA VAL D 91 -12.42 -29.42 -17.21
C VAL D 91 -11.36 -28.33 -17.20
N GLU D 92 -10.86 -27.99 -16.02
CA GLU D 92 -9.97 -26.85 -15.91
C GLU D 92 -8.67 -27.11 -16.63
N ALA D 93 -8.10 -28.29 -16.43
CA ALA D 93 -6.88 -28.72 -17.14
C ALA D 93 -7.05 -28.67 -18.66
N ILE D 94 -8.21 -29.07 -19.18
CA ILE D 94 -8.44 -29.11 -20.61
C ILE D 94 -8.42 -27.66 -21.12
N PHE D 95 -9.15 -26.77 -20.45
CA PHE D 95 -9.30 -25.39 -20.91
C PHE D 95 -8.00 -24.56 -20.84
N MET D 96 -7.20 -24.82 -19.81
CA MET D 96 -5.96 -24.10 -19.58
C MET D 96 -4.89 -24.51 -20.58
N ALA D 97 -4.97 -25.72 -21.14
CA ALA D 97 -4.14 -26.13 -22.28
C ALA D 97 -4.48 -25.49 -23.64
N GLY D 98 -5.54 -24.69 -23.65
CA GLY D 98 -6.24 -24.27 -24.86
C GLY D 98 -7.05 -25.38 -25.50
N ALA D 99 -7.25 -26.51 -24.83
CA ALA D 99 -8.03 -27.55 -25.46
C ALA D 99 -9.53 -27.30 -25.34
N VAL D 100 -10.31 -27.98 -26.16
CA VAL D 100 -11.74 -27.77 -26.20
C VAL D 100 -12.47 -28.96 -25.57
N PRO D 101 -13.04 -28.77 -24.38
CA PRO D 101 -13.80 -29.87 -23.78
C PRO D 101 -15.11 -30.17 -24.54
N ILE D 102 -15.30 -31.47 -24.78
CA ILE D 102 -16.47 -31.97 -25.50
C ILE D 102 -17.15 -32.91 -24.54
N PHE D 103 -18.31 -32.53 -24.02
CA PHE D 103 -18.98 -33.32 -23.00
C PHE D 103 -19.75 -34.51 -23.55
N ALA D 104 -19.51 -35.68 -22.99
CA ALA D 104 -20.21 -36.86 -23.40
C ALA D 104 -20.86 -37.51 -22.18
N GLU D 105 -21.88 -38.31 -22.47
CA GLU D 105 -22.72 -38.84 -21.44
C GLU D 105 -21.97 -39.91 -20.62
N ILE D 106 -22.24 -39.94 -19.31
CA ILE D 106 -21.96 -41.13 -18.49
C ILE D 106 -23.09 -42.17 -18.64
N ASP D 107 -22.81 -43.37 -18.14
CA ASP D 107 -23.79 -44.44 -18.02
C ASP D 107 -23.87 -44.86 -16.55
N GLU D 108 -24.38 -46.04 -16.32
CA GLU D 108 -24.82 -46.46 -15.02
C GLU D 108 -23.55 -46.88 -14.28
N THR D 109 -22.42 -46.96 -14.99
CA THR D 109 -21.09 -46.98 -14.35
C THR D 109 -20.62 -45.69 -13.66
N LEU D 110 -21.28 -44.58 -13.97
CA LEU D 110 -20.90 -43.23 -13.54
C LEU D 110 -19.67 -42.67 -14.26
N CYS D 111 -19.14 -43.41 -15.22
CA CYS D 111 -18.08 -42.93 -16.10
C CYS D 111 -18.61 -42.80 -17.51
N LEU D 112 -17.82 -42.20 -18.41
CA LEU D 112 -18.24 -42.04 -19.82
C LEU D 112 -18.81 -43.31 -20.45
N SER D 113 -19.94 -43.16 -21.17
CA SER D 113 -20.55 -44.26 -21.87
C SER D 113 -19.92 -44.45 -23.25
N PRO D 114 -19.65 -45.71 -23.63
CA PRO D 114 -19.12 -45.93 -24.97
C PRO D 114 -20.01 -45.26 -26.02
N GLU D 115 -21.33 -45.41 -25.84
CA GLU D 115 -22.25 -44.81 -26.81
C GLU D 115 -22.21 -43.29 -26.72
N GLY D 116 -22.01 -42.73 -25.54
CA GLY D 116 -21.94 -41.28 -25.42
C GLY D 116 -20.73 -40.66 -26.07
N ILE D 117 -19.62 -41.36 -25.87
CA ILE D 117 -18.38 -41.04 -26.57
C ILE D 117 -18.61 -41.04 -28.10
N GLU D 118 -19.20 -42.11 -28.64
CA GLU D 118 -19.43 -42.24 -30.10
C GLU D 118 -20.29 -41.09 -30.63
N ALA D 119 -21.30 -40.69 -29.87
CA ALA D 119 -22.22 -39.64 -30.30
C ALA D 119 -21.57 -38.28 -30.53
N VAL D 120 -20.41 -38.01 -29.95
CA VAL D 120 -19.77 -36.67 -30.01
C VAL D 120 -18.36 -36.60 -30.62
N ILE D 121 -17.83 -37.74 -31.07
CA ILE D 121 -16.60 -37.80 -31.89
C ILE D 121 -16.86 -37.02 -33.18
N THR D 122 -15.98 -36.08 -33.49
CA THR D 122 -16.01 -35.19 -34.67
C THR D 122 -14.60 -35.27 -35.27
N PRO D 123 -14.36 -34.69 -36.46
CA PRO D 123 -12.97 -34.84 -36.91
C PRO D 123 -11.90 -34.11 -36.06
N ARG D 124 -12.26 -33.12 -35.24
CA ARG D 124 -11.32 -32.51 -34.27
C ARG D 124 -10.93 -33.35 -33.04
N THR D 125 -11.65 -34.42 -32.80
CA THR D 125 -11.45 -35.13 -31.56
C THR D 125 -10.06 -35.72 -31.50
N LYS D 126 -9.26 -35.36 -30.50
CA LYS D 126 -7.93 -35.95 -30.34
C LYS D 126 -7.82 -36.90 -29.16
N ALA D 127 -8.62 -36.66 -28.12
CA ALA D 127 -8.51 -37.52 -26.92
C ALA D 127 -9.81 -37.85 -26.25
N ILE D 128 -9.82 -38.94 -25.49
CA ILE D 128 -10.84 -39.25 -24.50
C ILE D 128 -10.17 -39.02 -23.14
N ASN D 129 -10.71 -38.08 -22.37
CA ASN D 129 -10.40 -37.85 -20.95
C ASN D 129 -11.36 -38.66 -20.04
N LEU D 130 -10.96 -39.89 -19.75
CA LEU D 130 -11.85 -40.80 -19.07
C LEU D 130 -11.57 -40.76 -17.57
N VAL D 131 -12.62 -40.65 -16.76
CA VAL D 131 -12.48 -40.49 -15.33
C VAL D 131 -13.15 -41.68 -14.69
N HIS D 132 -12.33 -42.44 -13.96
CA HIS D 132 -12.78 -43.53 -13.09
C HIS D 132 -13.29 -42.92 -11.78
N MET D 133 -14.52 -42.44 -11.80
CA MET D 133 -15.11 -41.73 -10.66
C MET D 133 -15.45 -42.64 -9.53
N CYS D 134 -15.35 -42.06 -8.35
CA CYS D 134 -15.73 -42.70 -7.10
C CYS D 134 -15.24 -44.13 -6.89
N GLY D 135 -14.00 -44.38 -7.30
CA GLY D 135 -13.24 -45.60 -6.97
C GLY D 135 -13.46 -46.80 -7.88
N SER D 136 -14.23 -46.59 -8.95
CA SER D 136 -14.52 -47.66 -9.89
C SER D 136 -14.49 -47.27 -11.35
N MET D 137 -14.70 -48.22 -12.25
CA MET D 137 -14.19 -48.07 -13.60
C MET D 137 -15.23 -48.12 -14.69
N ALA D 138 -14.82 -47.70 -15.89
CA ALA D 138 -15.74 -47.65 -17.02
C ALA D 138 -15.73 -48.97 -17.83
N LYS D 139 -16.58 -49.06 -18.85
CA LYS D 139 -16.50 -50.17 -19.83
C LYS D 139 -15.21 -50.16 -20.69
N MET D 140 -14.14 -50.71 -20.11
CA MET D 140 -12.82 -50.41 -20.64
C MET D 140 -12.58 -51.04 -22.03
N ASP D 141 -12.95 -52.31 -22.23
CA ASP D 141 -12.82 -52.96 -23.54
C ASP D 141 -13.47 -52.10 -24.64
N GLU D 142 -14.70 -51.71 -24.44
CA GLU D 142 -15.46 -50.92 -25.40
CA GLU D 142 -15.43 -50.92 -25.44
C GLU D 142 -14.82 -49.56 -25.66
N ILE D 143 -14.29 -48.95 -24.60
CA ILE D 143 -13.74 -47.62 -24.75
C ILE D 143 -12.45 -47.70 -25.55
N LYS D 144 -11.62 -48.66 -25.16
CA LYS D 144 -10.36 -48.91 -25.87
C LYS D 144 -10.64 -49.18 -27.35
N ALA D 145 -11.71 -49.94 -27.62
CA ALA D 145 -12.05 -50.25 -29.02
C ALA D 145 -12.39 -49.00 -29.83
N ILE D 146 -13.07 -48.03 -29.22
CA ILE D 146 -13.42 -46.75 -29.83
C ILE D 146 -12.14 -45.96 -30.09
N CYS D 147 -11.25 -45.95 -29.11
CA CYS D 147 -9.95 -45.31 -29.32
C CYS D 147 -9.15 -45.86 -30.53
N LYS D 148 -9.04 -47.18 -30.64
CA LYS D 148 -8.40 -47.83 -31.79
C LYS D 148 -9.10 -47.46 -33.12
N LYS D 149 -10.42 -47.62 -33.19
CA LYS D 149 -11.16 -47.25 -34.40
C LYS D 149 -11.10 -45.78 -34.83
N HIS D 150 -10.95 -44.82 -33.91
CA HIS D 150 -10.95 -43.41 -34.30
C HIS D 150 -9.61 -42.72 -34.15
N ASN D 151 -8.62 -43.55 -33.84
CA ASN D 151 -7.26 -43.09 -33.61
C ASN D 151 -7.18 -42.00 -32.52
N LEU D 152 -7.77 -42.25 -31.37
CA LEU D 152 -7.85 -41.32 -30.24
C LEU D 152 -6.85 -41.67 -29.17
N VAL D 153 -6.19 -40.67 -28.58
CA VAL D 153 -5.44 -40.84 -27.34
C VAL D 153 -6.42 -41.11 -26.21
N LEU D 154 -6.06 -42.06 -25.36
CA LEU D 154 -6.87 -42.36 -24.17
C LEU D 154 -6.14 -41.90 -22.92
N LEU D 155 -6.70 -40.88 -22.25
CA LEU D 155 -6.14 -40.43 -20.96
C LEU D 155 -7.08 -40.91 -19.87
N GLU D 156 -6.50 -41.51 -18.84
CA GLU D 156 -7.25 -42.10 -17.75
C GLU D 156 -6.97 -41.23 -16.52
N ASP D 157 -8.01 -40.63 -15.93
CA ASP D 157 -7.92 -39.92 -14.63
C ASP D 157 -8.34 -40.92 -13.58
N ALA D 158 -7.32 -41.45 -12.88
CA ALA D 158 -7.54 -42.39 -11.77
C ALA D 158 -7.28 -41.69 -10.45
N CYS D 159 -7.37 -40.37 -10.46
CA CYS D 159 -7.09 -39.57 -9.27
C CYS D 159 -7.98 -39.93 -8.09
N GLN D 160 -9.20 -40.46 -8.32
CA GLN D 160 -9.98 -41.05 -7.23
C GLN D 160 -10.30 -42.56 -7.36
N ALA D 161 -9.34 -43.34 -7.83
CA ALA D 161 -9.52 -44.78 -8.00
C ALA D 161 -8.20 -45.58 -8.07
N ILE D 162 -7.17 -45.08 -7.41
CA ILE D 162 -5.93 -45.82 -7.33
C ILE D 162 -6.21 -47.05 -6.51
N GLY D 163 -5.60 -48.15 -6.92
CA GLY D 163 -5.88 -49.42 -6.30
C GLY D 163 -6.92 -50.12 -7.15
N GLY D 164 -7.60 -49.43 -8.05
CA GLY D 164 -8.60 -50.09 -8.88
C GLY D 164 -7.92 -50.80 -10.04
N SER D 165 -8.58 -51.80 -10.61
CA SER D 165 -8.08 -52.47 -11.84
C SER D 165 -9.20 -52.85 -12.80
N TYR D 166 -8.85 -53.40 -13.96
CA TYR D 166 -9.85 -53.83 -14.92
C TYR D 166 -9.23 -55.01 -15.63
N LYS D 167 -9.84 -56.19 -15.53
CA LYS D 167 -9.22 -57.45 -15.95
C LYS D 167 -7.71 -57.51 -15.70
N GLY D 168 -7.27 -57.32 -14.45
CA GLY D 168 -5.86 -57.51 -14.10
C GLY D 168 -4.97 -56.27 -14.20
N GLN D 169 -5.30 -55.36 -15.13
CA GLN D 169 -4.52 -54.15 -15.40
C GLN D 169 -4.90 -52.96 -14.49
N ALA D 170 -3.96 -52.39 -13.75
CA ALA D 170 -4.28 -51.24 -12.86
C ALA D 170 -4.91 -50.07 -13.62
N LEU D 171 -5.93 -49.44 -13.06
CA LEU D 171 -6.46 -48.24 -13.72
C LEU D 171 -5.35 -47.16 -13.76
N GLY D 172 -5.34 -46.47 -14.90
CA GLY D 172 -4.25 -45.59 -15.28
C GLY D 172 -3.24 -46.15 -16.27
N THR D 173 -3.10 -47.48 -16.34
CA THR D 173 -2.19 -48.14 -17.27
C THR D 173 -2.81 -48.73 -18.53
N ILE D 174 -4.06 -48.42 -18.79
CA ILE D 174 -4.83 -49.04 -19.86
C ILE D 174 -4.81 -48.19 -21.11
N GLY D 175 -4.99 -46.90 -20.95
CA GLY D 175 -4.80 -45.96 -22.04
C GLY D 175 -3.34 -45.62 -22.30
N ASP D 176 -3.16 -44.55 -23.05
CA ASP D 176 -1.82 -44.07 -23.39
C ASP D 176 -1.16 -43.46 -22.15
N VAL D 177 -1.95 -42.78 -21.34
CA VAL D 177 -1.43 -42.08 -20.16
C VAL D 177 -2.43 -42.04 -19.01
N GLY D 178 -1.87 -42.23 -17.82
CA GLY D 178 -2.65 -42.29 -16.57
C GLY D 178 -2.29 -41.18 -15.60
N CYS D 179 -3.27 -40.73 -14.81
CA CYS D 179 -3.07 -39.71 -13.79
C CYS D 179 -3.60 -40.14 -12.42
N TYR D 180 -2.78 -39.88 -11.42
CA TYR D 180 -3.06 -40.03 -9.99
C TYR D 180 -3.02 -38.69 -9.29
N SER D 181 -3.78 -38.58 -8.20
CA SER D 181 -3.69 -37.52 -7.19
C SER D 181 -3.31 -38.14 -5.85
N PHE D 182 -2.41 -37.44 -5.17
CA PHE D 182 -2.11 -37.78 -3.80
C PHE D 182 -2.37 -36.57 -2.95
N ASP D 183 -3.45 -35.86 -3.25
CA ASP D 183 -3.86 -34.76 -2.44
C ASP D 183 -4.30 -35.24 -1.07
N SER D 184 -4.55 -34.33 -0.14
CA SER D 184 -4.70 -34.74 1.23
C SER D 184 -5.89 -35.66 1.52
N VAL D 185 -6.91 -35.70 0.67
CA VAL D 185 -8.09 -36.51 0.94
C VAL D 185 -8.15 -37.70 0.00
N LYS D 186 -7.08 -38.03 -0.71
CA LYS D 186 -7.14 -39.16 -1.60
C LYS D 186 -6.82 -40.42 -0.83
N THR D 187 -6.98 -41.54 -1.52
CA THR D 187 -6.79 -42.89 -1.01
C THR D 187 -5.41 -42.99 -0.42
N ILE D 188 -4.46 -42.34 -1.09
CA ILE D 188 -3.06 -42.34 -0.74
C ILE D 188 -2.54 -40.92 -0.92
N THR D 189 -1.90 -40.40 0.14
CA THR D 189 -1.56 -38.97 0.16
C THR D 189 -0.07 -38.63 0.27
N CYS D 190 0.28 -37.55 -0.43
CA CYS D 190 1.58 -36.88 -0.32
C CYS D 190 1.38 -35.52 0.29
N GLY D 191 0.15 -35.23 0.74
CA GLY D 191 -0.22 -33.92 1.26
C GLY D 191 -0.65 -33.04 0.10
N GLU D 192 0.30 -32.85 -0.80
CA GLU D 192 0.02 -32.46 -2.17
C GLU D 192 0.98 -33.25 -3.05
N GLY D 193 0.41 -33.79 -4.13
CA GLY D 193 1.10 -34.70 -5.03
C GLY D 193 0.27 -35.26 -6.16
N GLY D 194 0.93 -35.76 -7.17
CA GLY D 194 0.24 -36.43 -8.25
C GLY D 194 1.24 -37.28 -9.00
N ALA D 195 0.73 -37.97 -10.02
CA ALA D 195 1.66 -38.68 -10.91
C ALA D 195 1.05 -38.87 -12.26
N VAL D 196 1.94 -38.87 -13.23
CA VAL D 196 1.63 -39.23 -14.58
C VAL D 196 2.27 -40.59 -14.83
N ILE D 197 1.49 -41.54 -15.32
CA ILE D 197 2.01 -42.91 -15.48
C ILE D 197 1.75 -43.37 -16.90
N THR D 198 2.64 -44.21 -17.45
CA THR D 198 2.52 -44.59 -18.85
C THR D 198 3.48 -45.74 -19.19
N ASN D 199 3.09 -46.53 -20.20
CA ASN D 199 3.98 -47.50 -20.83
C ASN D 199 4.74 -46.93 -22.02
N ASN D 200 4.47 -45.68 -22.40
CA ASN D 200 5.06 -45.11 -23.58
C ASN D 200 6.19 -44.14 -23.19
N THR D 201 7.43 -44.52 -23.52
CA THR D 201 8.63 -43.73 -23.17
C THR D 201 8.62 -42.30 -23.68
N GLU D 202 8.09 -42.08 -24.88
CA GLU D 202 8.01 -40.70 -25.36
C GLU D 202 7.15 -39.84 -24.42
N ILE D 203 6.05 -40.42 -23.94
CA ILE D 203 5.16 -39.70 -23.07
C ILE D 203 5.91 -39.47 -21.79
N TYR D 204 6.55 -40.50 -21.27
CA TYR D 204 7.26 -40.33 -20.03
C TYR D 204 8.26 -39.21 -20.15
N ASP D 205 9.13 -39.29 -21.14
CA ASP D 205 10.21 -38.30 -21.34
C ASP D 205 9.66 -36.91 -21.48
N ASN D 206 8.58 -36.73 -22.22
CA ASN D 206 7.90 -35.44 -22.25
C ASN D 206 7.38 -34.96 -20.90
N ALA D 207 6.89 -35.90 -20.10
CA ALA D 207 6.32 -35.56 -18.81
C ALA D 207 7.34 -35.00 -17.83
N HIS D 208 8.38 -35.77 -17.56
CA HIS D 208 9.44 -35.30 -16.70
C HIS D 208 10.09 -34.02 -17.18
N MET D 209 10.15 -33.79 -18.49
CA MET D 209 10.76 -32.57 -19.03
C MET D 209 9.79 -31.42 -18.84
N PHE D 210 8.56 -31.58 -19.32
CA PHE D 210 7.56 -30.50 -19.22
C PHE D 210 7.26 -30.00 -17.80
N SER D 211 7.33 -30.92 -16.84
CA SER D 211 7.09 -30.60 -15.46
C SER D 211 8.25 -29.98 -14.70
N ASP D 212 9.31 -29.68 -15.44
CA ASP D 212 10.47 -29.01 -14.89
C ASP D 212 11.21 -28.19 -15.97
N HIS D 213 10.52 -27.35 -16.71
CA HIS D 213 11.18 -26.38 -17.60
C HIS D 213 11.93 -26.99 -18.78
N GLY D 214 11.60 -28.24 -19.13
CA GLY D 214 12.21 -28.90 -20.25
C GLY D 214 13.51 -29.56 -19.89
N HIS D 215 14.01 -29.39 -18.66
CA HIS D 215 15.16 -30.14 -18.18
C HIS D 215 15.17 -31.57 -18.66
N ASP D 216 16.11 -31.91 -19.55
CA ASP D 216 16.28 -33.31 -19.96
C ASP D 216 16.67 -34.25 -18.81
N HIS D 217 17.10 -33.75 -17.66
CA HIS D 217 17.46 -34.59 -16.50
C HIS D 217 18.54 -35.63 -16.79
N ILE D 218 19.45 -35.29 -17.69
CA ILE D 218 20.52 -36.21 -18.06
C ILE D 218 21.81 -35.72 -17.44
N GLY D 219 22.60 -36.63 -16.90
CA GLY D 219 23.87 -36.25 -16.29
C GLY D 219 23.71 -35.89 -14.82
N LYS D 220 24.80 -35.43 -14.20
CA LYS D 220 24.85 -35.11 -12.78
C LYS D 220 25.01 -33.62 -12.51
N ASP D 221 25.05 -32.82 -13.57
CA ASP D 221 25.10 -31.37 -13.53
C ASP D 221 23.82 -30.68 -14.03
N ARG D 222 23.12 -30.02 -13.11
CA ARG D 222 21.78 -29.58 -13.39
C ARG D 222 21.81 -28.42 -14.38
N GLY D 223 22.74 -27.49 -14.20
CA GLY D 223 22.96 -26.36 -15.11
C GLY D 223 23.33 -26.73 -16.54
N ALA D 224 24.01 -27.85 -16.69
CA ALA D 224 24.52 -28.31 -17.99
C ALA D 224 23.46 -29.00 -18.83
N GLU D 225 22.30 -29.24 -18.24
CA GLU D 225 21.25 -30.02 -18.87
C GLU D 225 20.60 -29.22 -19.98
N SER D 226 20.14 -29.91 -21.00
CA SER D 226 19.56 -29.24 -22.15
C SER D 226 18.07 -29.09 -21.93
N HIS D 227 17.42 -28.34 -22.81
CA HIS D 227 16.00 -28.19 -22.73
C HIS D 227 15.42 -28.33 -24.13
N PRO D 228 15.00 -29.55 -24.51
CA PRO D 228 14.42 -29.78 -25.83
C PRO D 228 13.06 -29.17 -26.04
N ILE D 229 12.31 -29.01 -24.95
CA ILE D 229 11.02 -28.33 -24.96
C ILE D 229 10.96 -27.28 -23.84
N MET D 230 10.00 -26.35 -23.99
CA MET D 230 9.61 -25.41 -22.95
C MET D 230 8.91 -26.21 -21.86
N GLY D 231 8.79 -25.67 -20.66
CA GLY D 231 8.00 -26.33 -19.62
C GLY D 231 7.38 -25.39 -18.60
N LEU D 232 7.04 -26.00 -17.46
CA LEU D 232 6.56 -25.29 -16.26
C LEU D 232 7.18 -25.97 -15.06
N ASN D 233 6.78 -25.55 -13.87
CA ASN D 233 7.27 -26.21 -12.64
C ASN D 233 6.16 -26.91 -11.86
N PHE D 234 6.12 -28.24 -11.92
CA PHE D 234 5.24 -29.05 -11.11
C PHE D 234 6.08 -30.00 -10.27
N ARG D 235 7.27 -29.58 -9.91
CA ARG D 235 8.11 -30.45 -9.14
C ARG D 235 7.50 -30.65 -7.77
N ILE D 236 7.74 -31.83 -7.21
CA ILE D 236 7.26 -32.22 -5.90
C ILE D 236 8.43 -32.20 -4.93
N SER D 237 8.22 -31.79 -3.67
CA SER D 237 9.30 -31.79 -2.71
C SER D 237 9.54 -33.21 -2.24
N GLU D 238 10.72 -33.46 -1.69
CA GLU D 238 11.06 -34.78 -1.12
C GLU D 238 10.28 -35.16 0.12
N MET D 239 9.90 -34.16 0.92
CA MET D 239 9.06 -34.54 2.03
C MET D 239 7.63 -34.87 1.59
N ASN D 240 7.08 -34.22 0.57
CA ASN D 240 5.78 -34.64 0.07
C ASN D 240 5.96 -36.03 -0.51
N ALA D 241 7.00 -36.23 -1.30
CA ALA D 241 7.33 -37.59 -1.73
C ALA D 241 7.46 -38.67 -0.65
N ALA D 242 8.02 -38.32 0.50
CA ALA D 242 8.35 -39.31 1.53
C ALA D 242 7.02 -39.74 2.17
N LEU D 243 6.13 -38.80 2.42
CA LEU D 243 4.82 -39.12 2.99
C LEU D 243 4.08 -40.08 2.10
N GLY D 244 4.06 -39.76 0.80
CA GLY D 244 3.45 -40.61 -0.21
C GLY D 244 4.06 -42.01 -0.36
N LEU D 245 5.35 -42.15 -0.13
CA LEU D 245 6.00 -43.45 -0.25
C LEU D 245 5.57 -44.38 0.88
N ALA D 246 5.58 -43.81 2.07
CA ALA D 246 5.00 -44.47 3.21
C ALA D 246 3.56 -44.90 2.93
N GLN D 247 2.73 -43.94 2.54
CA GLN D 247 1.33 -44.19 2.20
C GLN D 247 1.17 -45.24 1.13
N LEU D 248 1.98 -45.24 0.07
CA LEU D 248 1.79 -46.21 -1.01
C LEU D 248 2.05 -47.64 -0.57
N ARG D 249 2.88 -47.81 0.45
CA ARG D 249 3.18 -49.15 0.97
C ARG D 249 1.94 -49.70 1.67
N LYS D 250 1.02 -48.83 2.08
CA LYS D 250 -0.22 -49.26 2.74
C LYS D 250 -1.40 -49.45 1.78
N LEU D 251 -1.17 -49.34 0.48
CA LEU D 251 -2.29 -49.44 -0.48
C LEU D 251 -3.12 -50.72 -0.39
N ASP D 252 -2.48 -51.89 -0.35
CA ASP D 252 -3.23 -53.16 -0.31
C ASP D 252 -4.17 -53.19 0.88
N THR D 253 -3.59 -52.84 2.01
CA THR D 253 -4.29 -52.75 3.25
C THR D 253 -5.44 -51.78 3.11
N ILE D 254 -5.19 -50.57 2.60
CA ILE D 254 -6.27 -49.58 2.41
C ILE D 254 -7.44 -50.13 1.55
N ILE D 255 -7.08 -50.75 0.44
CA ILE D 255 -8.05 -51.24 -0.51
C ILE D 255 -8.87 -52.36 0.18
N ASP D 256 -8.20 -53.33 0.81
CA ASP D 256 -8.95 -54.37 1.53
C ASP D 256 -9.94 -53.84 2.55
N ILE D 257 -9.52 -52.87 3.34
CA ILE D 257 -10.44 -52.26 4.28
C ILE D 257 -11.65 -51.66 3.53
N GLN D 258 -11.38 -50.92 2.47
CA GLN D 258 -12.47 -50.29 1.70
C GLN D 258 -13.40 -51.33 1.12
N ARG D 259 -12.86 -52.32 0.44
CA ARG D 259 -13.67 -53.45 -0.02
C ARG D 259 -14.52 -54.12 1.05
N LYS D 260 -13.96 -54.33 2.23
CA LYS D 260 -14.64 -55.07 3.30
C LYS D 260 -15.77 -54.20 3.82
N ASN D 261 -15.49 -52.93 4.12
CA ASN D 261 -16.51 -52.01 4.64
C ASN D 261 -17.61 -51.73 3.62
N LYS D 262 -17.24 -51.59 2.35
CA LYS D 262 -18.22 -51.49 1.24
C LYS D 262 -19.09 -52.74 1.12
N LYS D 263 -18.47 -53.91 1.30
CA LYS D 263 -19.28 -55.12 1.16
C LYS D 263 -20.39 -55.14 2.23
N ALA D 264 -20.06 -54.77 3.46
CA ALA D 264 -21.02 -54.86 4.55
C ALA D 264 -22.19 -53.92 4.39
N ILE D 265 -21.93 -52.67 4.02
CA ILE D 265 -23.01 -51.72 3.78
C ILE D 265 -23.80 -52.17 2.56
N LYS D 266 -23.12 -52.54 1.48
CA LYS D 266 -23.86 -52.91 0.26
C LYS D 266 -24.71 -54.18 0.44
N ASP D 267 -24.18 -55.24 1.04
CA ASP D 267 -24.99 -56.44 1.24
C ASP D 267 -26.20 -56.15 2.13
N ALA D 268 -26.06 -55.34 3.17
CA ALA D 268 -27.23 -55.00 3.92
C ALA D 268 -28.20 -54.15 3.11
N MET D 269 -27.70 -53.19 2.33
CA MET D 269 -28.60 -52.36 1.56
C MET D 269 -29.35 -53.12 0.45
N ALA D 270 -28.83 -54.28 0.03
CA ALA D 270 -29.49 -55.08 -1.02
C ALA D 270 -30.84 -55.64 -0.57
N SER D 271 -31.13 -55.70 0.73
CA SER D 271 -32.48 -56.02 1.21
C SER D 271 -33.45 -54.84 1.24
N ILE D 272 -33.02 -53.68 0.77
CA ILE D 272 -33.92 -52.56 0.54
C ILE D 272 -34.30 -52.45 -0.95
N PRO D 273 -35.51 -52.87 -1.29
CA PRO D 273 -35.83 -53.04 -2.70
C PRO D 273 -35.66 -51.81 -3.60
N GLU D 274 -35.92 -50.60 -3.15
CA GLU D 274 -35.79 -49.44 -4.07
C GLU D 274 -34.36 -49.02 -4.46
N VAL D 275 -33.36 -49.60 -3.82
CA VAL D 275 -31.99 -49.25 -4.09
C VAL D 275 -31.50 -50.11 -5.25
N SER D 276 -31.02 -49.47 -6.33
CA SER D 276 -30.22 -50.15 -7.36
C SER D 276 -28.80 -49.58 -7.32
N PHE D 277 -27.87 -50.49 -7.54
CA PHE D 277 -26.47 -50.16 -7.39
C PHE D 277 -25.81 -49.74 -8.68
N ARG D 278 -24.87 -48.82 -8.54
CA ARG D 278 -23.95 -48.51 -9.59
C ARG D 278 -23.40 -49.75 -10.32
N GLU D 279 -23.32 -49.64 -11.64
CA GLU D 279 -22.74 -50.70 -12.45
C GLU D 279 -21.22 -50.73 -12.36
N ILE D 280 -20.67 -51.91 -12.08
CA ILE D 280 -19.22 -52.12 -11.99
C ILE D 280 -18.76 -53.18 -13.01
N PRO D 281 -18.18 -52.74 -14.15
CA PRO D 281 -17.78 -53.65 -15.25
C PRO D 281 -16.87 -54.78 -14.73
N ASP D 282 -15.97 -54.50 -13.80
CA ASP D 282 -15.20 -55.56 -13.17
C ASP D 282 -15.25 -55.47 -11.66
N PRO D 283 -16.10 -56.28 -11.03
CA PRO D 283 -16.29 -56.24 -9.58
C PRO D 283 -15.02 -56.52 -8.76
N GLU D 284 -14.16 -57.42 -9.24
CA GLU D 284 -12.92 -57.70 -8.49
C GLU D 284 -11.92 -56.57 -8.63
N GLY D 285 -12.19 -55.69 -9.57
CA GLY D 285 -11.35 -54.54 -9.84
C GLY D 285 -11.72 -53.24 -9.17
N ASP D 286 -12.76 -53.26 -8.35
CA ASP D 286 -13.32 -52.08 -7.71
C ASP D 286 -12.41 -51.67 -6.58
N SER D 287 -12.10 -50.37 -6.43
CA SER D 287 -11.27 -49.89 -5.33
C SER D 287 -12.06 -49.75 -4.04
N ALA D 288 -13.36 -49.57 -4.19
CA ALA D 288 -14.32 -49.52 -3.08
C ALA D 288 -14.31 -48.21 -2.27
N GLY D 289 -13.82 -47.14 -2.88
CA GLY D 289 -13.82 -45.82 -2.22
C GLY D 289 -15.21 -45.28 -1.88
N PHE D 290 -16.23 -45.66 -2.66
CA PHE D 290 -17.59 -45.18 -2.47
C PHE D 290 -18.59 -46.30 -2.75
N LEU D 291 -19.75 -46.23 -2.09
CA LEU D 291 -20.90 -47.10 -2.37
C LEU D 291 -21.88 -46.16 -3.02
N SER D 292 -22.18 -46.39 -4.30
CA SER D 292 -23.03 -45.49 -5.08
C SER D 292 -24.31 -46.20 -5.45
N PHE D 293 -25.44 -45.59 -5.12
CA PHE D 293 -26.72 -46.15 -5.44
C PHE D 293 -27.74 -45.15 -5.97
N MET D 294 -28.82 -45.71 -6.52
CA MET D 294 -29.83 -44.98 -7.30
C MET D 294 -31.23 -45.28 -6.73
N LEU D 295 -32.05 -44.25 -6.65
CA LEU D 295 -33.42 -44.32 -6.18
C LEU D 295 -34.34 -44.18 -7.37
N PRO D 296 -35.62 -44.56 -7.21
CA PRO D 296 -36.43 -44.60 -8.41
C PRO D 296 -36.74 -43.23 -9.03
N THR D 297 -36.75 -42.20 -8.20
CA THR D 297 -37.11 -40.88 -8.72
C THR D 297 -36.27 -39.81 -8.05
N GLU D 298 -36.32 -38.61 -8.62
CA GLU D 298 -35.52 -37.47 -8.20
C GLU D 298 -36.05 -37.00 -6.83
N ALA D 299 -37.37 -36.83 -6.71
CA ALA D 299 -38.03 -36.61 -5.42
C ALA D 299 -37.61 -37.58 -4.30
N ARG D 300 -37.68 -38.88 -4.59
CA ARG D 300 -37.24 -39.88 -3.61
C ARG D 300 -35.75 -39.69 -3.30
N THR D 301 -34.97 -39.29 -4.31
CA THR D 301 -33.56 -39.04 -4.08
C THR D 301 -33.34 -37.88 -3.09
N GLN D 302 -33.92 -36.72 -3.39
CA GLN D 302 -33.86 -35.59 -2.46
C GLN D 302 -34.32 -35.93 -1.07
N GLU D 303 -35.44 -36.65 -0.98
CA GLU D 303 -35.91 -37.18 0.28
C GLU D 303 -34.85 -38.04 1.00
N ILE D 304 -34.20 -38.99 0.35
CA ILE D 304 -33.27 -39.88 1.04
C ILE D 304 -31.97 -39.14 1.41
N SER D 305 -31.61 -38.11 0.63
CA SER D 305 -30.48 -37.27 0.98
C SER D 305 -30.68 -36.59 2.37
N LYS D 306 -31.88 -36.04 2.56
CA LYS D 306 -32.31 -35.39 3.79
C LYS D 306 -32.39 -36.45 4.88
N LYS D 307 -33.03 -37.58 4.58
CA LYS D 307 -33.15 -38.59 5.63
C LYS D 307 -31.85 -39.24 6.11
N LEU D 308 -30.88 -39.43 5.24
CA LEU D 308 -29.60 -40.03 5.63
C LEU D 308 -28.88 -39.04 6.54
N ALA D 309 -28.85 -37.76 6.17
CA ALA D 309 -28.24 -36.71 7.01
C ALA D 309 -28.97 -36.66 8.34
N ALA D 310 -30.29 -36.48 8.37
CA ALA D 310 -31.00 -36.41 9.64
C ALA D 310 -30.75 -37.65 10.51
N ASN D 311 -30.48 -38.82 9.92
CA ASN D 311 -30.26 -40.06 10.70
C ASN D 311 -28.78 -40.30 11.02
N GLY D 312 -27.93 -39.32 10.71
CA GLY D 312 -26.48 -39.39 10.95
C GLY D 312 -25.69 -40.37 10.09
N VAL D 313 -26.17 -40.56 8.86
CA VAL D 313 -25.39 -41.24 7.84
C VAL D 313 -24.63 -40.14 7.09
N ASP D 314 -23.45 -39.81 7.61
CA ASP D 314 -22.61 -38.76 7.02
C ASP D 314 -21.75 -39.35 5.87
N GLY D 315 -21.11 -38.45 5.12
CA GLY D 315 -20.30 -38.82 3.95
C GLY D 315 -21.11 -39.29 2.76
N CYS D 316 -22.33 -38.80 2.61
CA CYS D 316 -23.18 -39.07 1.47
C CYS D 316 -23.20 -37.81 0.64
N PHE D 317 -23.07 -38.00 -0.67
CA PHE D 317 -22.88 -36.89 -1.58
C PHE D 317 -23.94 -37.03 -2.67
N TYR D 318 -24.86 -36.08 -2.73
CA TYR D 318 -25.78 -36.05 -3.83
C TYR D 318 -25.12 -35.19 -4.94
N TRP D 319 -24.35 -35.86 -5.80
CA TRP D 319 -23.46 -35.16 -6.72
C TRP D 319 -24.19 -34.18 -7.65
N TYR D 320 -25.41 -34.53 -8.05
CA TYR D 320 -26.29 -33.68 -8.86
C TYR D 320 -26.48 -32.28 -8.29
N VAL D 321 -26.35 -32.12 -6.99
CA VAL D 321 -26.66 -30.86 -6.31
C VAL D 321 -25.39 -30.28 -5.63
N ASN D 322 -24.22 -30.87 -5.89
CA ASN D 322 -22.86 -30.57 -5.35
C ASN D 322 -22.19 -29.61 -6.37
N ASN D 323 -21.54 -28.57 -5.87
CA ASN D 323 -20.94 -27.52 -6.71
C ASN D 323 -19.60 -27.87 -7.27
N TRP D 324 -19.00 -28.96 -6.76
CA TRP D 324 -17.66 -29.32 -7.19
C TRP D 324 -17.57 -30.53 -8.14
N HIS D 325 -18.67 -31.21 -8.43
CA HIS D 325 -18.57 -32.43 -9.23
C HIS D 325 -19.61 -32.63 -10.31
N TYR D 326 -20.43 -31.63 -10.61
CA TYR D 326 -21.40 -31.81 -11.67
C TYR D 326 -21.57 -30.52 -12.46
N LEU D 327 -21.38 -30.66 -13.77
CA LEU D 327 -21.48 -29.57 -14.73
C LEU D 327 -22.63 -28.60 -14.52
N LYS D 328 -23.77 -29.11 -14.07
CA LYS D 328 -24.97 -28.31 -13.81
C LYS D 328 -24.70 -27.16 -12.84
N ASN D 329 -23.81 -27.41 -11.90
CA ASN D 329 -23.55 -26.40 -10.88
C ASN D 329 -22.24 -25.63 -11.08
N TRP D 330 -21.76 -25.58 -12.31
CA TRP D 330 -20.50 -24.92 -12.65
C TRP D 330 -20.75 -23.73 -13.58
N LYS D 331 -21.51 -22.72 -13.15
CA LYS D 331 -21.71 -21.58 -14.03
C LYS D 331 -20.39 -20.87 -14.38
N HIS D 332 -19.45 -20.95 -13.45
CA HIS D 332 -18.11 -20.42 -13.61
C HIS D 332 -17.39 -21.03 -14.80
N ILE D 333 -17.53 -22.33 -15.01
CA ILE D 333 -16.85 -23.00 -16.09
C ILE D 333 -17.71 -22.83 -17.35
N GLN D 334 -19.03 -22.94 -17.21
CA GLN D 334 -19.95 -22.60 -18.32
C GLN D 334 -19.64 -21.24 -18.97
N GLU D 335 -19.43 -20.20 -18.17
CA GLU D 335 -19.23 -18.84 -18.69
C GLU D 335 -17.74 -18.45 -18.80
N LEU D 336 -16.85 -19.43 -18.71
CA LEU D 336 -15.40 -19.25 -18.80
C LEU D 336 -14.87 -18.09 -17.96
N LYS D 337 -15.33 -17.99 -16.73
CA LYS D 337 -14.98 -16.90 -15.82
C LYS D 337 -13.55 -16.99 -15.27
N ALA D 338 -12.78 -15.93 -15.52
CA ALA D 338 -11.48 -15.76 -14.87
C ALA D 338 -11.05 -14.30 -14.83
N PRO D 339 -10.11 -13.96 -13.94
CA PRO D 339 -9.80 -12.53 -13.89
C PRO D 339 -8.97 -11.93 -15.07
N ALA D 340 -8.51 -12.79 -15.98
CA ALA D 340 -7.80 -12.42 -17.19
C ALA D 340 -8.35 -13.30 -18.31
N ALA D 341 -8.14 -12.89 -19.57
CA ALA D 341 -8.60 -13.59 -20.77
C ALA D 341 -7.87 -14.90 -20.91
N LEU D 342 -8.65 -15.89 -21.33
CA LEU D 342 -8.14 -17.24 -21.52
C LEU D 342 -7.84 -17.50 -22.99
N PRO D 343 -6.72 -18.20 -23.27
CA PRO D 343 -6.38 -18.57 -24.65
C PRO D 343 -7.59 -19.13 -25.41
N ILE D 344 -8.25 -20.08 -24.75
CA ILE D 344 -9.41 -20.81 -25.27
C ILE D 344 -10.49 -19.91 -25.87
N THR D 345 -10.73 -18.72 -25.34
CA THR D 345 -11.76 -17.83 -25.92
C THR D 345 -11.42 -17.28 -27.31
N LEU D 346 -10.16 -17.40 -27.74
CA LEU D 346 -9.82 -17.05 -29.11
C LEU D 346 -10.27 -18.08 -30.14
N ILE D 347 -10.72 -19.27 -29.73
CA ILE D 347 -11.20 -20.27 -30.67
C ILE D 347 -12.63 -19.91 -31.13
N ALA D 348 -12.83 -19.94 -32.45
CA ALA D 348 -14.06 -19.44 -33.08
C ALA D 348 -15.20 -20.46 -33.00
N ASP D 349 -15.02 -21.65 -33.57
CA ASP D 349 -16.00 -22.74 -33.43
C ASP D 349 -15.65 -23.52 -32.13
N ARG D 350 -16.26 -23.00 -31.08
CA ARG D 350 -16.14 -23.54 -29.75
C ARG D 350 -17.59 -23.80 -29.40
N PRO D 351 -17.83 -24.79 -28.52
CA PRO D 351 -19.18 -24.89 -27.99
C PRO D 351 -19.52 -23.67 -27.15
N ASP D 352 -20.82 -23.38 -27.09
CA ASP D 352 -21.40 -22.47 -26.14
C ASP D 352 -21.62 -23.30 -24.87
N TYR D 353 -20.75 -23.10 -23.90
CA TYR D 353 -20.75 -23.97 -22.72
C TYR D 353 -21.99 -23.74 -21.84
N THR D 354 -22.67 -22.60 -22.00
CA THR D 354 -23.98 -22.36 -21.35
C THR D 354 -25.16 -23.22 -21.87
N GLN D 355 -25.02 -23.92 -23.01
CA GLN D 355 -26.09 -24.75 -23.59
C GLN D 355 -25.59 -26.18 -23.80
N ILE D 356 -24.97 -26.75 -22.78
CA ILE D 356 -24.63 -28.16 -22.87
C ILE D 356 -25.83 -28.99 -22.41
N SER D 357 -26.17 -30.06 -23.11
CA SER D 357 -27.19 -30.93 -22.57
C SER D 357 -26.67 -32.37 -22.37
N VAL D 358 -26.81 -32.87 -21.15
CA VAL D 358 -26.34 -34.23 -20.84
C VAL D 358 -27.50 -34.96 -20.18
N PRO D 359 -28.67 -35.01 -20.87
CA PRO D 359 -29.91 -35.50 -20.27
C PRO D 359 -29.78 -36.96 -19.80
N LYS D 360 -29.05 -37.84 -20.49
CA LYS D 360 -28.89 -39.21 -19.95
C LYS D 360 -28.08 -39.13 -18.66
N SER D 361 -27.11 -38.23 -18.61
CA SER D 361 -26.29 -38.08 -17.42
C SER D 361 -27.13 -37.57 -16.25
N ASP D 362 -27.95 -36.55 -16.48
CA ASP D 362 -28.95 -36.03 -15.56
C ASP D 362 -29.91 -37.14 -15.16
N ALA D 363 -30.29 -37.98 -16.10
CA ALA D 363 -31.21 -39.05 -15.73
C ALA D 363 -30.67 -39.89 -14.58
N ILE D 364 -29.38 -40.27 -14.68
CA ILE D 364 -28.69 -41.12 -13.69
C ILE D 364 -28.32 -40.32 -12.42
N MET D 365 -27.71 -39.14 -12.61
CA MET D 365 -27.22 -38.33 -11.48
C MET D 365 -28.35 -37.71 -10.66
N SER D 366 -29.48 -37.39 -11.29
CA SER D 366 -30.61 -36.83 -10.55
C SER D 366 -31.06 -37.81 -9.50
N ARG D 367 -30.78 -39.09 -9.67
CA ARG D 367 -31.18 -40.10 -8.69
C ARG D 367 -30.04 -40.84 -7.99
N THR D 368 -28.81 -40.33 -8.08
CA THR D 368 -27.62 -41.04 -7.52
C THR D 368 -27.05 -40.36 -6.25
N ILE D 369 -26.81 -41.17 -5.24
CA ILE D 369 -26.11 -40.79 -4.01
C ILE D 369 -24.93 -41.72 -3.78
N SER D 370 -23.76 -41.20 -3.40
CA SER D 370 -22.53 -41.97 -3.20
C SER D 370 -22.12 -41.74 -1.75
N MET D 371 -21.79 -42.82 -1.08
CA MET D 371 -21.36 -42.72 0.30
C MET D 371 -19.87 -43.07 0.34
N LEU D 372 -19.08 -42.19 0.96
CA LEU D 372 -17.65 -42.40 1.11
C LEU D 372 -17.40 -43.54 2.08
N ILE D 373 -16.49 -44.42 1.73
CA ILE D 373 -16.17 -45.55 2.61
C ILE D 373 -14.92 -45.12 3.39
N LYS D 374 -15.03 -45.00 4.72
CA LYS D 374 -13.92 -44.59 5.59
C LYS D 374 -13.18 -45.85 6.04
N LEU D 375 -11.87 -45.70 6.30
CA LEU D 375 -11.00 -46.72 6.85
C LEU D 375 -11.11 -46.94 8.38
N SER D 376 -11.45 -45.91 9.14
CA SER D 376 -11.41 -46.03 10.61
C SER D 376 -12.65 -46.65 11.25
N TRP D 377 -13.69 -46.97 10.47
CA TRP D 377 -14.92 -47.58 10.97
C TRP D 377 -14.75 -48.92 11.66
N THR D 378 -15.23 -48.96 12.89
CA THR D 378 -15.36 -50.19 13.66
C THR D 378 -16.55 -50.99 13.17
N ASP D 379 -16.56 -52.30 13.45
CA ASP D 379 -17.72 -53.15 13.17
C ASP D 379 -19.00 -52.60 13.78
N ALA D 380 -18.94 -52.13 15.03
CA ALA D 380 -20.12 -51.57 15.65
C ALA D 380 -20.59 -50.29 14.92
N GLN D 381 -19.66 -49.43 14.53
CA GLN D 381 -20.03 -48.21 13.80
C GLN D 381 -20.74 -48.53 12.51
N ILE D 382 -20.30 -49.57 11.82
CA ILE D 382 -20.91 -50.02 10.57
C ILE D 382 -22.35 -50.58 10.76
N ALA D 383 -22.54 -51.47 11.73
CA ALA D 383 -23.87 -51.90 12.20
C ALA D 383 -24.85 -50.75 12.45
N GLU D 384 -24.32 -49.71 13.08
CA GLU D 384 -25.15 -48.56 13.40
C GLU D 384 -25.47 -47.79 12.10
N ARG D 385 -24.44 -47.57 11.30
CA ARG D 385 -24.61 -46.97 9.97
C ARG D 385 -25.67 -47.71 9.13
N ILE D 386 -25.55 -49.03 9.02
CA ILE D 386 -26.58 -49.84 8.37
C ILE D 386 -27.98 -49.52 8.93
N GLU D 387 -28.12 -49.60 10.25
CA GLU D 387 -29.39 -49.41 10.95
C GLU D 387 -29.98 -48.03 10.63
N ASN D 388 -29.14 -47.01 10.70
CA ASN D 388 -29.53 -45.66 10.34
C ASN D 388 -29.94 -45.56 8.88
N ILE D 389 -29.26 -46.32 8.03
CA ILE D 389 -29.66 -46.34 6.63
C ILE D 389 -31.08 -46.90 6.50
N LYS D 390 -31.32 -48.04 7.13
CA LYS D 390 -32.65 -48.64 7.12
C LYS D 390 -33.72 -47.70 7.63
N LYS D 391 -33.43 -47.01 8.73
CA LYS D 391 -34.41 -46.06 9.23
C LYS D 391 -34.65 -44.93 8.26
N ALA D 392 -33.61 -44.50 7.55
CA ALA D 392 -33.78 -43.39 6.62
C ALA D 392 -34.67 -43.82 5.47
N PHE D 393 -34.56 -45.09 5.09
CA PHE D 393 -35.42 -45.66 4.05
C PHE D 393 -36.84 -46.09 4.47
N ALA D 394 -37.15 -46.13 5.77
CA ALA D 394 -38.45 -46.61 6.30
C ALA D 394 -39.58 -45.59 6.13
N GLN D 395 -40.80 -46.11 6.20
CA GLN D 395 -42.03 -45.30 6.08
C GLN D 395 -43.23 -45.88 6.84
#